data_8OFQ
#
_entry.id   8OFQ
#
_cell.length_a   126.552
_cell.length_b   126.552
_cell.length_c   251.444
_cell.angle_alpha   90.00
_cell.angle_beta   90.00
_cell.angle_gamma   120.00
#
_symmetry.space_group_name_H-M   'H 3'
#
loop_
_entity.id
_entity.type
_entity.pdbx_description
1 polymer Fiber
2 non-polymer 'SULFATE ION'
3 non-polymer 1,2-ETHANEDIOL
4 non-polymer DI(HYDROXYETHYL)ETHER
5 water water
#
_entity_poly.entity_id   1
_entity_poly.type   'polypeptide(L)'
_entity_poly.pdbx_seq_one_letter_code
;DKLTLWTTLDPSPNCRIDVDKDSKLTLVLTKCGSQILANVSLLVVKGRFQNLNYKTNPNLPKTFTIKLLFDENGILKDSS
NLDKNYWNYRNGNSILAEQYKNAVGFMPNLAAYPKSTTTQSKLYARNTIFGNIYLDSQAYNPVVIKITFNQEADSAYSIT
LNYSWGKDYENIPFDSTSFTFSYIAQE
;
_entity_poly.pdbx_strand_id   A,B,C,D,E,F,G,H
#
# COMPACT_ATOMS: atom_id res chain seq x y z
N LYS A 2 0.08 -40.57 25.54
CA LYS A 2 -0.71 -39.36 25.91
C LYS A 2 -0.20 -38.13 25.14
N LEU A 3 1.11 -38.03 24.87
CA LEU A 3 1.75 -36.76 24.45
C LEU A 3 2.03 -36.75 22.95
N THR A 4 1.79 -37.85 22.24
CA THR A 4 1.92 -37.91 20.76
C THR A 4 0.67 -38.52 20.12
N LEU A 5 0.10 -37.78 19.16
CA LEU A 5 -1.02 -38.21 18.30
C LEU A 5 -0.40 -38.41 16.92
N TRP A 6 -0.56 -39.56 16.30
CA TRP A 6 0.13 -39.80 15.01
C TRP A 6 -0.64 -40.76 14.13
N THR A 7 -0.26 -40.74 12.86
CA THR A 7 -0.53 -41.81 11.91
C THR A 7 0.46 -42.89 12.34
N THR A 8 0.10 -44.12 12.33
CA THR A 8 1.12 -45.15 12.71
C THR A 8 2.28 -45.04 11.72
N LEU A 9 3.31 -45.86 11.86
CA LEU A 9 4.40 -46.00 10.85
C LEU A 9 4.14 -47.28 10.02
N ASP A 10 3.02 -47.97 10.30
CA ASP A 10 2.41 -49.01 9.44
C ASP A 10 2.67 -48.65 7.98
N PRO A 11 3.17 -49.60 7.15
CA PRO A 11 3.46 -49.31 5.74
C PRO A 11 2.20 -49.18 4.86
N SER A 12 1.02 -49.45 5.41
CA SER A 12 -0.27 -49.49 4.66
C SER A 12 -0.67 -48.07 4.28
N PRO A 13 -1.19 -47.86 3.06
CA PRO A 13 -1.80 -46.57 2.71
C PRO A 13 -2.94 -46.23 3.67
N ASN A 14 -3.14 -44.94 3.94
CA ASN A 14 -4.05 -44.48 5.01
C ASN A 14 -4.80 -43.21 4.62
N CYS A 15 -4.77 -42.82 3.36
CA CYS A 15 -5.21 -41.46 2.98
C CYS A 15 -5.78 -41.43 1.56
N ARG A 16 -6.79 -40.59 1.37
CA ARG A 16 -7.50 -40.41 0.08
C ARG A 16 -7.20 -39.01 -0.42
N ILE A 17 -6.49 -38.90 -1.54
CA ILE A 17 -6.46 -37.63 -2.32
C ILE A 17 -7.66 -37.62 -3.26
N ASP A 18 -7.74 -38.60 -4.16
CA ASP A 18 -8.86 -38.73 -5.12
C ASP A 18 -9.65 -40.01 -4.82
N VAL A 19 -8.92 -41.06 -4.50
CA VAL A 19 -9.45 -42.43 -4.33
C VAL A 19 -8.99 -42.98 -2.97
N ASP A 20 -9.80 -43.85 -2.38
CA ASP A 20 -9.43 -44.45 -1.07
C ASP A 20 -8.04 -45.08 -1.16
N LYS A 21 -7.21 -44.82 -0.17
CA LYS A 21 -5.87 -45.45 0.01
C LYS A 21 -5.00 -45.22 -1.21
N ASP A 22 -5.07 -44.06 -1.83
CA ASP A 22 -4.14 -43.68 -2.91
C ASP A 22 -2.88 -43.09 -2.31
N SER A 23 -2.82 -42.85 -1.00
CA SER A 23 -1.67 -42.13 -0.42
C SER A 23 -1.41 -42.57 1.01
N LYS A 24 -0.20 -42.27 1.48
CA LYS A 24 0.22 -42.58 2.85
C LYS A 24 0.78 -41.31 3.47
N LEU A 25 -0.01 -40.74 4.36
CA LEU A 25 0.38 -39.54 5.13
C LEU A 25 1.09 -40.00 6.39
N THR A 26 2.26 -39.46 6.68
CA THR A 26 2.90 -39.64 7.99
C THR A 26 2.85 -38.29 8.71
N LEU A 27 2.04 -38.21 9.76
CA LEU A 27 1.85 -36.98 10.52
C LEU A 27 2.00 -37.32 12.00
N VAL A 28 2.92 -36.64 12.66
CA VAL A 28 3.24 -36.83 14.09
C VAL A 28 3.03 -35.49 14.77
N LEU A 29 2.12 -35.46 15.75
CA LEU A 29 1.85 -34.25 16.56
C LEU A 29 2.31 -34.55 17.97
N THR A 30 3.33 -33.82 18.47
CA THR A 30 3.91 -34.04 19.80
C THR A 30 3.61 -32.82 20.66
N LYS A 31 2.99 -33.02 21.81
CA LYS A 31 2.60 -31.89 22.67
C LYS A 31 3.82 -31.50 23.49
N CYS A 32 4.30 -30.26 23.31
N CYS A 32 4.30 -30.26 23.30
CA CYS A 32 5.26 -29.58 24.20
CA CYS A 32 5.25 -29.59 24.21
C CYS A 32 4.52 -28.41 24.85
C CYS A 32 4.51 -28.41 24.84
N GLY A 33 3.65 -28.71 25.82
CA GLY A 33 2.78 -27.75 26.52
C GLY A 33 1.92 -26.97 25.56
N SER A 34 2.17 -25.65 25.51
CA SER A 34 1.33 -24.69 24.79
C SER A 34 1.54 -24.84 23.28
N GLN A 35 2.57 -25.57 22.82
CA GLN A 35 2.79 -25.75 21.36
C GLN A 35 2.77 -27.22 20.99
N ILE A 36 2.24 -27.49 19.83
CA ILE A 36 2.34 -28.80 19.16
C ILE A 36 3.52 -28.72 18.19
N LEU A 37 4.45 -29.65 18.33
CA LEU A 37 5.55 -29.84 17.39
C LEU A 37 5.10 -30.88 16.37
N ALA A 38 5.04 -30.51 15.11
CA ALA A 38 4.42 -31.34 14.05
C ALA A 38 5.50 -31.75 13.04
N ASN A 39 5.39 -32.98 12.56
CA ASN A 39 6.30 -33.53 11.54
C ASN A 39 5.46 -34.23 10.48
N VAL A 40 5.69 -33.93 9.19
CA VAL A 40 4.80 -34.45 8.13
C VAL A 40 5.63 -34.89 6.92
N SER A 41 5.19 -35.97 6.30
CA SER A 41 5.66 -36.37 4.95
C SER A 41 4.49 -37.05 4.25
N LEU A 42 4.61 -37.23 2.94
CA LEU A 42 3.48 -37.77 2.13
C LEU A 42 4.04 -38.57 0.97
N LEU A 43 3.57 -39.78 0.82
CA LEU A 43 3.88 -40.64 -0.34
C LEU A 43 2.57 -40.94 -1.06
N VAL A 44 2.53 -40.74 -2.36
CA VAL A 44 1.37 -41.18 -3.18
C VAL A 44 1.69 -42.57 -3.71
N VAL A 45 0.80 -43.55 -3.45
CA VAL A 45 1.11 -44.96 -3.74
C VAL A 45 0.45 -45.41 -5.04
N LYS A 46 -0.63 -44.77 -5.48
CA LYS A 46 -1.28 -45.13 -6.76
C LYS A 46 -2.09 -43.95 -7.29
N GLY A 47 -2.63 -44.10 -8.49
CA GLY A 47 -3.46 -43.07 -9.13
C GLY A 47 -2.66 -42.01 -9.82
N ARG A 48 -3.32 -40.92 -10.21
CA ARG A 48 -2.77 -39.95 -11.20
C ARG A 48 -1.59 -39.15 -10.64
N PHE A 49 -1.41 -39.04 -9.33
CA PHE A 49 -0.30 -38.28 -8.72
C PHE A 49 0.86 -39.20 -8.32
N GLN A 50 0.77 -40.51 -8.52
CA GLN A 50 1.86 -41.43 -8.10
C GLN A 50 3.15 -41.08 -8.86
N ASN A 51 3.04 -40.93 -10.17
CA ASN A 51 4.15 -40.57 -11.08
C ASN A 51 3.71 -39.34 -11.86
N LEU A 52 4.33 -38.20 -11.62
CA LEU A 52 3.94 -36.93 -12.28
C LEU A 52 4.62 -36.85 -13.63
N ASN A 53 3.85 -36.70 -14.71
CA ASN A 53 4.43 -36.45 -16.04
C ASN A 53 3.52 -35.50 -16.81
N TYR A 54 3.88 -34.22 -16.78
CA TYR A 54 3.11 -33.15 -17.47
C TYR A 54 3.45 -33.10 -18.95
N LYS A 55 4.51 -33.80 -19.40
CA LYS A 55 4.77 -33.92 -20.83
C LYS A 55 3.72 -34.85 -21.47
N THR A 56 3.30 -35.90 -20.76
CA THR A 56 2.43 -36.94 -21.35
C THR A 56 0.99 -36.81 -20.88
N ASN A 57 0.73 -36.10 -19.78
N ASN A 57 0.73 -36.10 -19.78
CA ASN A 57 -0.65 -35.97 -19.25
CA ASN A 57 -0.65 -35.97 -19.26
C ASN A 57 -1.04 -34.50 -19.18
C ASN A 57 -1.03 -34.50 -19.19
N PRO A 58 -1.78 -34.01 -20.19
CA PRO A 58 -2.08 -32.58 -20.30
C PRO A 58 -3.09 -32.12 -19.24
N ASN A 59 -3.88 -33.05 -18.71
CA ASN A 59 -5.04 -32.75 -17.85
C ASN A 59 -4.63 -32.79 -16.37
N LEU A 60 -3.37 -33.03 -16.03
CA LEU A 60 -3.00 -33.36 -14.64
C LEU A 60 -2.92 -32.06 -13.84
N PRO A 61 -3.61 -31.92 -12.69
CA PRO A 61 -3.44 -30.75 -11.84
C PRO A 61 -2.04 -30.65 -11.26
N LYS A 62 -1.69 -29.48 -10.75
CA LYS A 62 -0.47 -29.25 -9.99
C LYS A 62 -0.82 -28.88 -8.55
N THR A 63 -1.88 -29.45 -8.02
CA THR A 63 -2.24 -29.26 -6.61
C THR A 63 -3.15 -30.41 -6.18
N PHE A 64 -3.17 -30.65 -4.88
CA PHE A 64 -4.25 -31.41 -4.22
C PHE A 64 -4.23 -30.99 -2.75
N THR A 65 -5.30 -31.31 -2.07
CA THR A 65 -5.49 -30.90 -0.66
C THR A 65 -5.92 -32.13 0.16
N ILE A 66 -5.33 -32.27 1.33
CA ILE A 66 -5.68 -33.30 2.34
C ILE A 66 -6.21 -32.55 3.56
N LYS A 67 -7.41 -32.86 4.03
CA LYS A 67 -7.99 -32.18 5.20
C LYS A 67 -8.14 -33.15 6.36
N LEU A 68 -7.76 -32.70 7.55
CA LEU A 68 -8.13 -33.35 8.83
C LEU A 68 -9.14 -32.46 9.51
N LEU A 69 -10.36 -32.96 9.66
CA LEU A 69 -11.47 -32.21 10.27
C LEU A 69 -11.71 -32.81 11.63
N PHE A 70 -11.88 -31.99 12.65
CA PHE A 70 -12.08 -32.46 14.03
C PHE A 70 -13.35 -31.87 14.62
N ASP A 71 -13.98 -32.67 15.47
CA ASP A 71 -15.18 -32.22 16.24
C ASP A 71 -14.70 -31.51 17.52
N GLU A 72 -15.65 -31.09 18.35
CA GLU A 72 -15.39 -30.25 19.55
C GLU A 72 -14.58 -31.05 20.61
N ASN A 73 -14.48 -32.37 20.46
CA ASN A 73 -13.62 -33.22 21.33
C ASN A 73 -12.28 -33.55 20.68
N GLY A 74 -11.99 -32.95 19.52
CA GLY A 74 -10.69 -33.17 18.85
C GLY A 74 -10.66 -34.54 18.17
N ILE A 75 -11.82 -35.15 17.90
CA ILE A 75 -11.96 -36.46 17.21
C ILE A 75 -12.00 -36.22 15.70
N LEU A 76 -11.19 -36.97 14.96
CA LEU A 76 -11.14 -36.91 13.49
C LEU A 76 -12.49 -37.35 12.91
N LYS A 77 -13.05 -36.51 12.06
CA LYS A 77 -14.37 -36.70 11.40
C LYS A 77 -14.24 -37.57 10.15
N ASP A 78 -15.30 -38.30 9.84
CA ASP A 78 -15.36 -39.33 8.76
C ASP A 78 -14.96 -38.71 7.40
N SER A 79 -15.33 -37.45 7.16
CA SER A 79 -15.13 -36.84 5.82
C SER A 79 -13.67 -36.42 5.63
N SER A 80 -12.82 -36.52 6.66
CA SER A 80 -11.37 -36.25 6.54
C SER A 80 -10.75 -37.16 5.48
N ASN A 81 -9.70 -36.63 4.80
CA ASN A 81 -8.96 -37.40 3.79
C ASN A 81 -8.18 -38.53 4.49
N LEU A 82 -7.69 -38.27 5.70
CA LEU A 82 -7.00 -39.31 6.51
C LEU A 82 -8.00 -40.30 7.10
N ASP A 83 -7.72 -41.60 6.95
CA ASP A 83 -8.53 -42.70 7.51
C ASP A 83 -8.35 -42.73 9.03
N LYS A 84 -9.46 -42.66 9.79
CA LYS A 84 -9.48 -42.66 11.27
C LYS A 84 -8.82 -43.90 11.85
N ASN A 85 -8.78 -45.01 11.11
CA ASN A 85 -8.21 -46.27 11.62
C ASN A 85 -6.69 -46.15 11.81
N TYR A 86 -6.08 -45.09 11.30
CA TYR A 86 -4.60 -44.94 11.29
C TYR A 86 -4.18 -43.81 12.23
N TRP A 87 -5.09 -43.29 13.06
CA TRP A 87 -4.91 -42.01 13.78
C TRP A 87 -5.18 -42.21 15.26
N ASN A 88 -4.14 -42.15 16.09
CA ASN A 88 -4.26 -42.54 17.52
C ASN A 88 -3.02 -42.10 18.29
N TYR A 89 -3.08 -42.21 19.60
CA TYR A 89 -1.90 -41.94 20.48
C TYR A 89 -0.83 -42.99 20.21
N ARG A 90 0.45 -42.59 20.21
CA ARG A 90 1.61 -43.51 20.18
C ARG A 90 1.70 -44.19 21.56
N ASN A 91 1.88 -45.51 21.58
CA ASN A 91 2.19 -46.29 22.80
C ASN A 91 3.07 -47.48 22.42
N GLN A 99 -9.29 -44.61 18.39
CA GLN A 99 -10.18 -45.09 19.48
C GLN A 99 -10.16 -44.11 20.65
N TYR A 100 -9.56 -42.91 20.48
CA TYR A 100 -9.42 -41.93 21.59
C TYR A 100 -10.73 -41.14 21.79
N LYS A 101 -10.88 -40.58 22.99
CA LYS A 101 -12.11 -39.92 23.48
C LYS A 101 -11.95 -38.38 23.45
N ASN A 102 -10.74 -37.86 23.68
CA ASN A 102 -10.49 -36.39 23.73
C ASN A 102 -9.06 -36.05 23.30
N ALA A 103 -8.93 -35.16 22.32
CA ALA A 103 -7.61 -34.69 21.86
C ALA A 103 -7.61 -33.19 21.69
N VAL A 104 -8.38 -32.48 22.51
CA VAL A 104 -8.49 -30.99 22.38
C VAL A 104 -7.12 -30.36 22.63
N GLY A 105 -6.27 -31.00 23.43
CA GLY A 105 -4.88 -30.53 23.69
C GLY A 105 -4.01 -30.51 22.45
N PHE A 106 -4.43 -31.19 21.37
CA PHE A 106 -3.65 -31.24 20.11
C PHE A 106 -4.27 -30.32 19.05
N MET A 107 -5.39 -29.68 19.36
CA MET A 107 -6.14 -28.91 18.35
C MET A 107 -5.51 -27.53 18.21
N PRO A 108 -5.56 -26.96 17.00
CA PRO A 108 -5.09 -25.60 16.78
C PRO A 108 -5.96 -24.58 17.48
N ASN A 109 -5.32 -23.79 18.33
CA ASN A 109 -5.95 -22.82 19.24
C ASN A 109 -6.90 -21.89 18.47
N LEU A 110 -8.16 -21.82 18.86
CA LEU A 110 -9.18 -21.01 18.15
C LEU A 110 -8.97 -19.52 18.37
N ALA A 111 -8.44 -19.10 19.52
CA ALA A 111 -8.13 -17.67 19.77
C ALA A 111 -6.97 -17.27 18.84
N ALA A 112 -5.96 -18.12 18.71
CA ALA A 112 -4.78 -17.86 17.86
C ALA A 112 -5.16 -17.93 16.38
N TYR A 113 -6.01 -18.88 16.02
CA TYR A 113 -6.33 -19.23 14.60
C TYR A 113 -7.85 -19.25 14.46
N PRO A 114 -8.48 -18.07 14.44
CA PRO A 114 -9.93 -18.00 14.43
C PRO A 114 -10.53 -18.52 13.13
N LYS A 115 -11.71 -19.11 13.21
CA LYS A 115 -12.52 -19.48 12.01
C LYS A 115 -13.01 -18.19 11.34
N SER A 116 -13.25 -18.25 10.03
CA SER A 116 -13.76 -17.11 9.21
C SER A 116 -15.19 -16.77 9.68
N THR A 117 -15.47 -15.48 9.89
CA THR A 117 -16.82 -14.93 10.22
C THR A 117 -17.73 -14.98 8.97
N THR A 118 -19.05 -15.01 9.15
CA THR A 118 -20.04 -15.14 8.04
C THR A 118 -19.81 -14.04 7.00
N THR A 119 -19.42 -12.84 7.45
CA THR A 119 -19.18 -11.63 6.61
C THR A 119 -17.78 -11.67 5.98
N GLN A 120 -16.93 -12.65 6.33
CA GLN A 120 -15.66 -12.93 5.60
C GLN A 120 -15.28 -14.41 5.71
N SER A 121 -15.05 -15.04 4.55
CA SER A 121 -14.50 -16.43 4.40
C SER A 121 -12.97 -16.43 4.52
N LYS A 122 -12.34 -15.25 4.53
CA LYS A 122 -10.87 -15.04 4.39
C LYS A 122 -10.19 -14.91 5.76
N LEU A 123 -9.33 -15.87 6.09
CA LEU A 123 -8.64 -16.00 7.39
C LEU A 123 -7.49 -14.99 7.50
N TYR A 124 -7.12 -14.65 8.73
CA TYR A 124 -5.83 -14.02 9.08
C TYR A 124 -4.70 -14.90 8.56
N ALA A 125 -3.61 -14.28 8.13
CA ALA A 125 -2.46 -15.03 7.60
C ALA A 125 -1.83 -15.88 8.70
N ARG A 126 -2.02 -15.54 9.97
N ARG A 126 -2.02 -15.55 9.97
CA ARG A 126 -1.33 -16.28 11.07
CA ARG A 126 -1.31 -16.29 11.06
C ARG A 126 -1.82 -17.74 11.11
C ARG A 126 -1.82 -17.74 11.11
N ASN A 127 -3.02 -18.02 10.57
CA ASN A 127 -3.57 -19.39 10.49
C ASN A 127 -2.81 -20.25 9.48
N THR A 128 -1.86 -19.72 8.70
CA THR A 128 -1.18 -20.45 7.64
C THR A 128 0.32 -20.52 7.91
N ILE A 129 0.89 -21.69 7.61
CA ILE A 129 2.35 -21.94 7.52
C ILE A 129 2.67 -22.40 6.12
N PHE A 130 3.69 -21.84 5.52
CA PHE A 130 4.23 -22.36 4.26
C PHE A 130 5.54 -23.08 4.53
N GLY A 131 5.71 -24.19 3.84
CA GLY A 131 6.99 -24.89 3.79
C GLY A 131 7.39 -25.21 2.37
N ASN A 132 8.67 -25.23 2.10
CA ASN A 132 9.22 -25.71 0.83
C ASN A 132 9.70 -27.14 1.08
N ILE A 133 9.13 -28.11 0.43
CA ILE A 133 9.48 -29.55 0.54
C ILE A 133 9.86 -30.05 -0.85
N TYR A 134 10.32 -31.29 -0.96
CA TYR A 134 10.94 -31.75 -2.22
C TYR A 134 10.50 -33.17 -2.53
N LEU A 135 10.45 -33.50 -3.81
CA LEU A 135 10.10 -34.88 -4.23
C LEU A 135 11.38 -35.68 -4.50
N ASP A 136 11.33 -36.96 -4.15
CA ASP A 136 12.35 -37.96 -4.52
C ASP A 136 13.72 -37.50 -3.99
N SER A 137 13.77 -36.81 -2.86
CA SER A 137 15.01 -36.45 -2.15
C SER A 137 15.94 -35.60 -3.05
N GLN A 138 15.37 -34.78 -3.95
CA GLN A 138 16.19 -33.86 -4.80
C GLN A 138 15.74 -32.43 -4.58
N ALA A 139 16.71 -31.54 -4.37
CA ALA A 139 16.43 -30.11 -4.13
C ALA A 139 15.84 -29.48 -5.40
N TYR A 140 16.01 -30.07 -6.56
CA TYR A 140 15.47 -29.42 -7.78
C TYR A 140 14.07 -29.94 -8.07
N ASN A 141 13.42 -30.63 -7.12
CA ASN A 141 11.98 -31.01 -7.24
C ASN A 141 11.16 -30.34 -6.17
N PRO A 142 11.05 -29.01 -6.15
CA PRO A 142 10.31 -28.33 -5.11
C PRO A 142 8.79 -28.48 -5.21
N VAL A 143 8.18 -28.53 -4.03
CA VAL A 143 6.73 -28.51 -3.80
C VAL A 143 6.46 -27.54 -2.66
N VAL A 144 5.37 -26.79 -2.73
CA VAL A 144 4.97 -25.90 -1.63
C VAL A 144 3.91 -26.62 -0.81
N ILE A 145 4.14 -26.77 0.47
CA ILE A 145 3.10 -27.24 1.41
C ILE A 145 2.54 -26.02 2.13
N LYS A 146 1.23 -25.87 2.06
CA LYS A 146 0.50 -24.79 2.72
C LYS A 146 -0.39 -25.41 3.79
N ILE A 147 -0.07 -25.16 5.04
CA ILE A 147 -0.78 -25.72 6.21
C ILE A 147 -1.66 -24.60 6.74
N THR A 148 -2.96 -24.82 6.81
CA THR A 148 -3.90 -23.81 7.31
C THR A 148 -4.74 -24.41 8.42
N PHE A 149 -4.90 -23.67 9.49
CA PHE A 149 -5.71 -24.07 10.66
C PHE A 149 -7.10 -23.44 10.58
N ASN A 150 -8.12 -24.26 10.88
CA ASN A 150 -9.49 -23.80 11.22
C ASN A 150 -10.13 -23.06 10.04
N GLN A 151 -9.80 -23.48 8.81
CA GLN A 151 -10.39 -22.95 7.55
C GLN A 151 -11.74 -23.59 7.27
N GLU A 152 -12.03 -24.76 7.83
CA GLU A 152 -13.29 -25.51 7.53
C GLU A 152 -14.43 -24.97 8.39
N ALA A 153 -15.41 -24.29 7.80
CA ALA A 153 -16.52 -23.64 8.55
C ALA A 153 -17.34 -24.71 9.30
N ASP A 154 -17.40 -25.94 8.79
CA ASP A 154 -18.38 -26.96 9.28
C ASP A 154 -17.72 -27.90 10.28
N SER A 155 -16.52 -27.57 10.79
CA SER A 155 -15.79 -28.40 11.80
C SER A 155 -15.35 -27.53 12.95
N ALA A 156 -15.27 -28.06 14.16
CA ALA A 156 -14.81 -27.32 15.34
C ALA A 156 -13.37 -26.85 15.14
N TYR A 157 -12.52 -27.72 14.59
CA TYR A 157 -11.11 -27.45 14.27
C TYR A 157 -10.75 -28.15 12.97
N SER A 158 -9.73 -27.68 12.29
CA SER A 158 -9.24 -28.35 11.07
C SER A 158 -7.78 -28.06 10.83
N ILE A 159 -7.12 -29.03 10.21
CA ILE A 159 -5.75 -28.86 9.66
C ILE A 159 -5.86 -29.18 8.19
N THR A 160 -5.58 -28.21 7.33
CA THR A 160 -5.64 -28.37 5.86
C THR A 160 -4.21 -28.39 5.33
N LEU A 161 -3.88 -29.41 4.55
CA LEU A 161 -2.54 -29.55 3.92
C LEU A 161 -2.74 -29.40 2.41
N ASN A 162 -2.40 -28.24 1.87
CA ASN A 162 -2.49 -27.97 0.42
C ASN A 162 -1.10 -28.14 -0.17
N TYR A 163 -0.96 -29.01 -1.14
CA TYR A 163 0.31 -29.21 -1.86
C TYR A 163 0.17 -28.62 -3.25
N SER A 164 1.16 -27.84 -3.68
CA SER A 164 1.13 -27.25 -5.03
C SER A 164 2.55 -27.15 -5.56
N TRP A 165 2.68 -27.11 -6.86
CA TRP A 165 4.00 -27.00 -7.52
C TRP A 165 3.84 -26.35 -8.86
N GLY A 166 4.95 -25.86 -9.42
CA GLY A 166 4.96 -25.17 -10.71
C GLY A 166 5.63 -25.96 -11.80
N LYS A 167 6.54 -26.87 -11.46
N LYS A 167 6.55 -26.86 -11.46
CA LYS A 167 7.43 -27.50 -12.46
CA LYS A 167 7.44 -27.48 -12.48
C LYS A 167 6.62 -28.47 -13.32
C LYS A 167 6.62 -28.46 -13.32
N ASP A 168 6.91 -28.50 -14.61
CA ASP A 168 6.36 -29.53 -15.54
C ASP A 168 7.18 -30.80 -15.33
N TYR A 169 7.00 -31.43 -14.19
CA TYR A 169 7.68 -32.68 -13.79
C TYR A 169 7.51 -33.73 -14.88
N GLU A 170 8.56 -34.50 -15.11
CA GLU A 170 8.57 -35.59 -16.11
C GLU A 170 9.01 -36.88 -15.42
N ASN A 171 8.06 -37.75 -15.09
CA ASN A 171 8.29 -39.08 -14.44
C ASN A 171 8.93 -38.91 -13.06
N ILE A 172 8.39 -38.01 -12.26
CA ILE A 172 8.83 -37.76 -10.86
C ILE A 172 7.79 -38.33 -9.92
N PRO A 173 8.15 -39.20 -8.97
CA PRO A 173 7.18 -39.73 -8.02
C PRO A 173 6.80 -38.70 -6.97
N PHE A 174 5.52 -38.64 -6.59
CA PHE A 174 5.13 -37.82 -5.42
C PHE A 174 5.49 -38.60 -4.16
N ASP A 175 6.76 -38.47 -3.79
CA ASP A 175 7.37 -39.08 -2.59
C ASP A 175 8.11 -37.93 -1.91
N SER A 176 7.50 -37.35 -0.88
CA SER A 176 7.96 -36.05 -0.33
C SER A 176 8.99 -36.25 0.78
N THR A 177 9.90 -35.30 0.88
CA THR A 177 10.77 -35.15 2.06
C THR A 177 9.92 -34.70 3.26
N SER A 178 10.54 -34.70 4.42
CA SER A 178 9.88 -34.42 5.72
C SER A 178 9.97 -32.92 6.04
N PHE A 179 9.00 -32.44 6.78
CA PHE A 179 8.91 -31.01 7.20
C PHE A 179 8.40 -30.95 8.63
N THR A 180 9.00 -30.04 9.39
CA THR A 180 8.62 -29.77 10.77
C THR A 180 8.00 -28.37 10.85
N PHE A 181 7.01 -28.24 11.71
CA PHE A 181 6.39 -26.95 12.03
C PHE A 181 5.86 -27.03 13.44
N SER A 182 5.31 -25.94 13.94
CA SER A 182 4.63 -25.96 15.24
C SER A 182 3.40 -25.07 15.17
N TYR A 183 2.51 -25.24 16.13
CA TYR A 183 1.35 -24.36 16.25
C TYR A 183 0.94 -24.28 17.70
N ILE A 184 0.20 -23.23 18.01
CA ILE A 184 -0.32 -22.97 19.37
C ILE A 184 -1.49 -23.93 19.66
N ALA A 185 -1.42 -24.65 20.78
CA ALA A 185 -2.43 -25.64 21.19
C ALA A 185 -3.63 -24.95 21.83
N GLN A 186 -4.81 -25.51 21.61
CA GLN A 186 -6.09 -25.03 22.18
C GLN A 186 -6.04 -25.03 23.70
N GLU A 187 -5.48 -26.07 24.31
CA GLU A 187 -5.31 -26.11 25.78
C GLU A 187 -4.07 -26.92 26.13
N LYS B 2 20.05 -35.51 30.79
CA LYS B 2 19.23 -36.65 30.30
C LYS B 2 18.64 -36.31 28.92
N LEU B 3 18.11 -35.09 28.73
CA LEU B 3 17.14 -34.82 27.65
C LEU B 3 17.80 -34.05 26.49
N THR B 4 19.07 -33.67 26.60
CA THR B 4 19.83 -33.02 25.51
C THR B 4 21.18 -33.71 25.26
N LEU B 5 21.42 -34.06 24.02
CA LEU B 5 22.70 -34.59 23.49
C LEU B 5 23.27 -33.49 22.60
N TRP B 6 24.51 -33.04 22.82
CA TRP B 6 25.02 -31.91 22.02
C TRP B 6 26.53 -31.95 21.85
N THR B 7 26.99 -31.18 20.88
CA THR B 7 28.37 -30.74 20.77
C THR B 7 28.49 -29.69 21.87
N THR B 8 29.55 -29.61 22.57
CA THR B 8 29.65 -28.52 23.58
C THR B 8 29.53 -27.18 22.83
N LEU B 9 29.59 -26.06 23.53
CA LEU B 9 29.69 -24.70 22.92
C LEU B 9 31.14 -24.23 22.97
N ASP B 10 32.02 -25.08 23.47
CA ASP B 10 33.51 -24.94 23.41
C ASP B 10 33.87 -24.33 22.05
N PRO B 11 34.72 -23.29 22.01
CA PRO B 11 35.10 -22.67 20.74
C PRO B 11 36.08 -23.51 19.89
N SER B 12 36.55 -24.64 20.41
CA SER B 12 37.54 -25.53 19.77
C SER B 12 36.92 -26.20 18.54
N PRO B 13 37.65 -26.33 17.43
CA PRO B 13 37.19 -27.14 16.31
C PRO B 13 36.95 -28.59 16.76
N ASN B 14 35.96 -29.27 16.15
CA ASN B 14 35.50 -30.58 16.66
C ASN B 14 35.15 -31.54 15.52
N CYS B 15 35.49 -31.21 14.28
CA CYS B 15 34.92 -31.91 13.11
C CYS B 15 35.91 -31.93 11.94
N ARG B 16 35.88 -33.03 11.20
CA ARG B 16 36.71 -33.27 10.00
C ARG B 16 35.80 -33.29 8.78
N ILE B 17 35.96 -32.32 7.89
CA ILE B 17 35.41 -32.44 6.50
C ILE B 17 36.45 -33.18 5.64
N ASP B 18 37.66 -32.63 5.52
CA ASP B 18 38.76 -33.26 4.75
C ASP B 18 39.88 -33.67 5.72
N VAL B 19 40.17 -32.80 6.68
CA VAL B 19 41.32 -32.91 7.60
C VAL B 19 40.83 -32.73 9.03
N ASP B 20 41.52 -33.37 9.98
CA ASP B 20 41.18 -33.26 11.42
C ASP B 20 41.00 -31.77 11.79
N LYS B 21 39.93 -31.45 12.50
CA LYS B 21 39.70 -30.11 13.13
C LYS B 21 39.71 -29.02 12.08
N ASP B 22 39.19 -29.29 10.88
CA ASP B 22 39.03 -28.22 9.87
C ASP B 22 37.71 -27.51 10.10
N SER B 23 36.85 -27.98 11.00
CA SER B 23 35.49 -27.40 11.13
C SER B 23 34.95 -27.53 12.54
N LYS B 24 33.93 -26.75 12.84
CA LYS B 24 33.27 -26.73 14.15
C LYS B 24 31.76 -26.87 13.92
N LEU B 25 31.23 -28.04 14.21
CA LEU B 25 29.80 -28.33 14.13
C LEU B 25 29.16 -27.98 15.46
N THR B 26 28.07 -27.23 15.45
CA THR B 26 27.23 -27.05 16.65
C THR B 26 25.92 -27.79 16.39
N LEU B 27 25.70 -28.89 17.09
CA LEU B 27 24.48 -29.70 16.94
C LEU B 27 23.90 -29.98 18.32
N VAL B 28 22.63 -29.64 18.49
CA VAL B 28 21.89 -29.82 19.75
C VAL B 28 20.67 -30.69 19.43
N LEU B 29 20.57 -31.84 20.08
CA LEU B 29 19.42 -32.76 19.96
C LEU B 29 18.67 -32.76 21.29
N THR B 30 17.43 -32.30 21.31
CA THR B 30 16.61 -32.20 22.53
C THR B 30 15.43 -33.16 22.41
N LYS B 31 15.28 -34.06 23.38
CA LYS B 31 14.20 -35.05 23.31
C LYS B 31 12.91 -34.39 23.82
N CYS B 32 11.91 -34.29 22.95
N CYS B 32 11.91 -34.28 22.95
CA CYS B 32 10.50 -33.96 23.31
CA CYS B 32 10.50 -33.97 23.33
C CYS B 32 9.64 -35.19 23.01
C CYS B 32 9.64 -35.20 23.01
N GLY B 33 9.74 -36.21 23.88
CA GLY B 33 9.11 -37.53 23.73
C GLY B 33 9.43 -38.17 22.40
N SER B 34 8.41 -38.34 21.57
CA SER B 34 8.46 -39.13 20.33
C SER B 34 9.25 -38.35 19.27
N GLN B 35 9.56 -37.06 19.48
CA GLN B 35 10.35 -36.29 18.48
C GLN B 35 11.60 -35.73 19.11
N ILE B 36 12.66 -35.71 18.31
CA ILE B 36 13.90 -34.97 18.62
C ILE B 36 13.84 -33.62 17.94
N LEU B 37 13.98 -32.55 18.72
CA LEU B 37 14.11 -31.18 18.23
C LEU B 37 15.58 -30.90 18.03
N ALA B 38 16.00 -30.61 16.80
CA ALA B 38 17.40 -30.49 16.42
C ALA B 38 17.70 -29.05 16.01
N ASN B 39 18.90 -28.62 16.34
CA ASN B 39 19.39 -27.28 15.99
C ASN B 39 20.83 -27.43 15.51
N VAL B 40 21.17 -26.88 14.35
CA VAL B 40 22.51 -27.10 13.75
C VAL B 40 23.06 -25.83 13.15
N SER B 41 24.36 -25.65 13.27
CA SER B 41 25.15 -24.61 12.57
C SER B 41 26.55 -25.17 12.32
N LEU B 42 27.28 -24.59 11.39
CA LEU B 42 28.60 -25.12 10.99
C LEU B 42 29.51 -23.95 10.62
N LEU B 43 30.69 -23.94 11.21
CA LEU B 43 31.79 -23.01 10.83
C LEU B 43 32.95 -23.82 10.30
N VAL B 44 33.48 -23.46 9.14
CA VAL B 44 34.75 -24.07 8.65
C VAL B 44 35.90 -23.17 9.11
N VAL B 45 36.88 -23.73 9.82
CA VAL B 45 37.90 -22.90 10.49
C VAL B 45 39.20 -22.87 9.68
N LYS B 46 39.47 -23.87 8.84
CA LYS B 46 40.68 -23.87 7.99
C LYS B 46 40.47 -24.79 6.80
N GLY B 47 41.44 -24.81 5.90
CA GLY B 47 41.40 -25.66 4.70
C GLY B 47 40.60 -25.04 3.57
N ARG B 48 40.31 -25.83 2.55
CA ARG B 48 39.89 -25.32 1.22
C ARG B 48 38.47 -24.71 1.26
N PHE B 49 37.65 -25.04 2.25
CA PHE B 49 36.26 -24.50 2.36
C PHE B 49 36.19 -23.33 3.35
N GLN B 50 37.28 -22.93 3.99
CA GLN B 50 37.21 -21.83 4.98
C GLN B 50 36.76 -20.53 4.29
N ASN B 51 37.36 -20.21 3.16
CA ASN B 51 37.06 -19.01 2.34
C ASN B 51 36.74 -19.50 0.93
N LEU B 52 35.50 -19.39 0.49
CA LEU B 52 35.11 -19.89 -0.85
C LEU B 52 35.46 -18.83 -1.89
N ASN B 53 36.22 -19.19 -2.91
CA ASN B 53 36.45 -18.26 -4.05
C ASN B 53 36.55 -19.06 -5.35
N TYR B 54 35.43 -19.14 -6.07
CA TYR B 54 35.32 -19.90 -7.33
C TYR B 54 35.83 -19.08 -8.49
N LYS B 55 36.06 -17.78 -8.31
CA LYS B 55 36.69 -16.97 -9.35
C LYS B 55 38.18 -17.33 -9.44
N THR B 56 38.82 -17.62 -8.30
CA THR B 56 40.28 -17.84 -8.27
C THR B 56 40.64 -19.31 -8.17
N ASN B 57 39.73 -20.16 -7.72
N ASN B 57 39.73 -20.16 -7.72
CA ASN B 57 40.04 -21.61 -7.55
CA ASN B 57 40.03 -21.62 -7.54
C ASN B 57 39.07 -22.43 -8.38
C ASN B 57 39.07 -22.43 -8.38
N PRO B 58 39.51 -22.87 -9.58
CA PRO B 58 38.62 -23.55 -10.53
C PRO B 58 38.24 -24.97 -10.07
N ASN B 59 39.06 -25.56 -9.21
CA ASN B 59 38.98 -27.00 -8.87
C ASN B 59 38.15 -27.21 -7.61
N LEU B 60 37.58 -26.17 -7.02
CA LEU B 60 36.96 -26.30 -5.67
C LEU B 60 35.58 -26.94 -5.81
N PRO B 61 35.25 -28.02 -5.07
CA PRO B 61 33.88 -28.53 -5.06
C PRO B 61 32.89 -27.53 -4.49
N LYS B 62 31.62 -27.77 -4.74
CA LYS B 62 30.49 -27.04 -4.15
C LYS B 62 29.65 -27.96 -3.29
N THR B 63 30.30 -28.92 -2.63
CA THR B 63 29.60 -29.77 -1.65
C THR B 63 30.63 -30.36 -0.68
N PHE B 64 30.14 -30.73 0.50
CA PHE B 64 30.84 -31.69 1.38
C PHE B 64 29.80 -32.32 2.28
N THR B 65 30.18 -33.41 2.93
CA THR B 65 29.27 -34.19 3.78
C THR B 65 29.92 -34.46 5.14
N ILE B 66 29.15 -34.31 6.21
CA ILE B 66 29.55 -34.65 7.61
C ILE B 66 28.59 -35.75 8.06
N LYS B 67 29.12 -36.86 8.55
CA LYS B 67 28.28 -38.00 9.02
C LYS B 67 28.45 -38.17 10.52
N LEU B 68 27.33 -38.39 11.20
CA LEU B 68 27.28 -38.95 12.57
C LEU B 68 26.77 -40.38 12.45
N LEU B 69 27.63 -41.32 12.82
CA LEU B 69 27.33 -42.76 12.76
C LEU B 69 27.14 -43.26 14.18
N PHE B 70 26.10 -44.05 14.41
CA PHE B 70 25.80 -44.56 15.77
C PHE B 70 25.70 -46.07 15.76
N ASP B 71 26.09 -46.69 16.87
CA ASP B 71 25.93 -48.15 17.07
C ASP B 71 24.53 -48.44 17.63
N GLU B 72 24.25 -49.71 17.91
CA GLU B 72 22.90 -50.19 18.31
C GLU B 72 22.49 -49.63 19.70
N ASN B 73 23.46 -49.06 20.45
CA ASN B 73 23.18 -48.38 21.74
C ASN B 73 23.10 -46.86 21.56
N GLY B 74 23.15 -46.36 20.33
CA GLY B 74 23.03 -44.92 20.06
C GLY B 74 24.32 -44.17 20.42
N ILE B 75 25.44 -44.89 20.50
CA ILE B 75 26.78 -44.32 20.80
C ILE B 75 27.44 -43.88 19.49
N LEU B 76 27.96 -42.64 19.48
CA LEU B 76 28.68 -42.09 18.32
C LEU B 76 29.93 -42.93 18.06
N LYS B 77 30.09 -43.38 16.82
CA LYS B 77 31.22 -44.18 16.35
C LYS B 77 32.40 -43.27 16.00
N ASP B 78 33.62 -43.78 16.24
CA ASP B 78 34.90 -43.10 15.95
C ASP B 78 35.02 -42.72 14.48
N SER B 79 34.36 -43.46 13.59
CA SER B 79 34.41 -43.25 12.12
C SER B 79 33.60 -42.01 11.72
N SER B 80 32.82 -41.43 12.63
CA SER B 80 32.04 -40.18 12.38
C SER B 80 32.99 -39.03 12.03
N ASN B 81 32.51 -38.05 11.27
CA ASN B 81 33.27 -36.80 10.99
C ASN B 81 33.40 -35.98 12.28
N LEU B 82 32.38 -36.01 13.12
CA LEU B 82 32.38 -35.33 14.44
C LEU B 82 33.25 -36.12 15.43
N ASP B 83 34.15 -35.42 16.13
CA ASP B 83 35.02 -36.00 17.17
C ASP B 83 34.17 -36.37 18.39
N LYS B 84 34.22 -37.65 18.82
CA LYS B 84 33.49 -38.20 19.99
C LYS B 84 33.75 -37.39 21.26
N ASN B 85 34.92 -36.75 21.38
CA ASN B 85 35.30 -36.02 22.61
C ASN B 85 34.41 -34.77 22.80
N TYR B 86 33.63 -34.40 21.80
CA TYR B 86 32.86 -33.15 21.80
C TYR B 86 31.35 -33.45 21.86
N TRP B 87 30.97 -34.70 22.12
CA TRP B 87 29.58 -35.20 21.98
C TRP B 87 29.13 -35.85 23.29
N ASN B 88 28.19 -35.24 24.00
CA ASN B 88 27.73 -35.78 25.30
C ASN B 88 26.43 -35.13 25.72
N TYR B 89 25.85 -35.58 26.83
CA TYR B 89 24.66 -34.95 27.43
C TYR B 89 25.06 -33.54 27.92
N ARG B 90 24.17 -32.55 27.76
CA ARG B 90 24.27 -31.24 28.44
C ARG B 90 23.89 -31.47 29.92
N ASN B 91 24.66 -30.94 30.86
CA ASN B 91 24.29 -30.94 32.31
C ASN B 91 24.74 -29.63 32.96
N GLN B 99 31.92 -40.49 28.71
CA GLN B 99 31.10 -40.86 27.53
C GLN B 99 29.90 -41.72 27.98
N TYR B 100 28.77 -41.56 27.30
CA TYR B 100 27.44 -42.10 27.70
C TYR B 100 27.30 -43.57 27.30
N LYS B 101 26.29 -44.25 27.87
CA LYS B 101 26.08 -45.71 27.78
C LYS B 101 24.93 -46.07 26.82
N ASN B 102 23.89 -45.20 26.72
CA ASN B 102 22.69 -45.49 25.89
C ASN B 102 22.01 -44.18 25.48
N ALA B 103 21.83 -43.98 24.18
CA ALA B 103 21.11 -42.81 23.65
C ALA B 103 20.16 -43.25 22.54
N VAL B 104 19.59 -44.46 22.64
CA VAL B 104 18.67 -44.97 21.58
C VAL B 104 17.44 -44.06 21.49
N GLY B 105 17.08 -43.39 22.59
CA GLY B 105 15.97 -42.41 22.60
C GLY B 105 16.22 -41.19 21.73
N PHE B 106 17.46 -40.98 21.29
CA PHE B 106 17.83 -39.84 20.40
C PHE B 106 17.95 -40.28 18.95
N MET B 107 17.83 -41.58 18.68
CA MET B 107 18.20 -42.12 17.36
C MET B 107 17.02 -41.95 16.41
N PRO B 108 17.29 -41.75 15.12
CA PRO B 108 16.23 -41.67 14.12
C PRO B 108 15.53 -43.02 13.95
N ASN B 109 14.22 -43.00 14.15
CA ASN B 109 13.34 -44.18 14.20
C ASN B 109 13.53 -45.03 12.93
N LEU B 110 13.86 -46.32 13.08
CA LEU B 110 14.14 -47.21 11.93
C LEU B 110 12.86 -47.56 11.16
N ALA B 111 11.70 -47.62 11.81
CA ALA B 111 10.43 -47.88 11.11
C ALA B 111 10.09 -46.65 10.26
N ALA B 112 10.33 -45.45 10.78
CA ALA B 112 10.07 -44.19 10.06
C ALA B 112 11.07 -44.00 8.95
N TYR B 113 12.33 -44.33 9.19
CA TYR B 113 13.48 -44.02 8.31
C TYR B 113 14.26 -45.30 8.08
N PRO B 114 13.73 -46.24 7.26
CA PRO B 114 14.37 -47.54 7.10
C PRO B 114 15.70 -47.43 6.35
N LYS B 115 16.63 -48.30 6.68
CA LYS B 115 17.91 -48.47 5.93
C LYS B 115 17.59 -49.05 4.55
N SER B 116 18.41 -48.77 3.54
CA SER B 116 18.23 -49.31 2.16
C SER B 116 18.45 -50.82 2.18
N THR B 117 17.54 -51.59 1.57
CA THR B 117 17.69 -53.06 1.28
C THR B 117 18.68 -53.23 0.13
N THR B 118 19.34 -54.39 0.03
CA THR B 118 20.33 -54.72 -1.05
C THR B 118 19.69 -54.47 -2.43
N THR B 119 18.39 -54.80 -2.57
CA THR B 119 17.61 -54.70 -3.83
C THR B 119 17.08 -53.27 -4.02
N GLN B 120 17.24 -52.39 -3.03
CA GLN B 120 16.65 -51.02 -3.03
C GLN B 120 17.62 -50.02 -3.69
N SER B 121 17.13 -49.30 -4.71
CA SER B 121 17.88 -48.34 -5.56
C SER B 121 17.98 -46.96 -4.88
N LYS B 122 17.23 -46.71 -3.77
CA LYS B 122 17.45 -45.56 -2.87
C LYS B 122 16.51 -45.62 -1.67
N LEU B 123 16.69 -44.67 -0.75
CA LEU B 123 15.83 -44.47 0.45
C LEU B 123 14.50 -43.83 0.05
N TYR B 124 13.47 -44.03 0.87
CA TYR B 124 12.21 -43.25 0.85
C TYR B 124 12.57 -41.80 1.08
N ALA B 125 11.84 -40.87 0.47
CA ALA B 125 12.13 -39.45 0.62
C ALA B 125 11.90 -39.00 2.08
N ARG B 126 11.08 -39.72 2.84
N ARG B 126 11.08 -39.72 2.84
CA ARG B 126 10.76 -39.25 4.22
CA ARG B 126 10.76 -39.24 4.22
C ARG B 126 12.02 -39.27 5.10
C ARG B 126 12.02 -39.27 5.10
N ASN B 127 13.04 -40.05 4.72
CA ASN B 127 14.35 -40.08 5.45
C ASN B 127 15.13 -38.77 5.31
N THR B 128 14.70 -37.82 4.45
CA THR B 128 15.45 -36.61 4.15
C THR B 128 14.65 -35.37 4.56
N ILE B 129 15.39 -34.41 5.09
CA ILE B 129 14.95 -33.00 5.31
C ILE B 129 15.88 -32.09 4.52
N PHE B 130 15.30 -31.14 3.80
CA PHE B 130 16.06 -30.05 3.19
C PHE B 130 15.83 -28.78 3.97
N GLY B 131 16.90 -28.03 4.14
CA GLY B 131 16.84 -26.65 4.67
C GLY B 131 17.61 -25.70 3.81
N ASN B 132 17.14 -24.47 3.72
CA ASN B 132 17.91 -23.39 3.10
C ASN B 132 18.57 -22.59 4.22
N ILE B 133 19.88 -22.58 4.26
CA ILE B 133 20.70 -21.85 5.26
C ILE B 133 21.60 -20.89 4.51
N TYR B 134 22.34 -20.06 5.23
CA TYR B 134 23.01 -18.92 4.63
C TYR B 134 24.40 -18.76 5.22
N LEU B 135 25.32 -18.24 4.43
CA LEU B 135 26.69 -17.96 4.91
C LEU B 135 26.82 -16.52 5.31
N ASP B 136 27.58 -16.27 6.37
CA ASP B 136 28.03 -14.93 6.80
C ASP B 136 26.79 -14.05 7.08
N SER B 137 25.70 -14.64 7.55
CA SER B 137 24.49 -13.92 8.01
C SER B 137 23.87 -13.10 6.90
N GLN B 138 24.00 -13.49 5.64
CA GLN B 138 23.42 -12.75 4.50
C GLN B 138 22.51 -13.66 3.69
N ALA B 139 21.32 -13.18 3.40
CA ALA B 139 20.29 -13.94 2.65
C ALA B 139 20.76 -14.16 1.20
N TYR B 140 21.71 -13.38 0.69
CA TYR B 140 22.14 -13.65 -0.72
C TYR B 140 23.32 -14.62 -0.75
N ASN B 141 23.59 -15.33 0.35
CA ASN B 141 24.60 -16.43 0.36
C ASN B 141 23.94 -17.77 0.69
N PRO B 142 23.01 -18.26 -0.15
CA PRO B 142 22.32 -19.50 0.17
C PRO B 142 23.18 -20.75 0.04
N VAL B 143 22.89 -21.71 0.92
CA VAL B 143 23.45 -23.07 0.96
C VAL B 143 22.28 -24.01 1.23
N VAL B 144 22.29 -25.17 0.62
CA VAL B 144 21.27 -26.21 0.89
C VAL B 144 21.87 -27.21 1.85
N ILE B 145 21.21 -27.42 2.96
CA ILE B 145 21.56 -28.52 3.89
C ILE B 145 20.57 -29.64 3.63
N LYS B 146 21.11 -30.82 3.38
CA LYS B 146 20.32 -32.03 3.14
C LYS B 146 20.64 -32.99 4.29
N ILE B 147 19.67 -33.23 5.13
CA ILE B 147 19.78 -34.10 6.32
C ILE B 147 19.13 -35.41 5.98
N THR B 148 19.87 -36.51 6.04
CA THR B 148 19.33 -37.84 5.73
C THR B 148 19.56 -38.77 6.91
N PHE B 149 18.55 -39.52 7.28
CA PHE B 149 18.61 -40.50 8.38
C PHE B 149 18.85 -41.90 7.82
N ASN B 150 19.75 -42.63 8.47
CA ASN B 150 19.91 -44.09 8.35
C ASN B 150 20.29 -44.50 6.92
N GLN B 151 21.06 -43.66 6.24
CA GLN B 151 21.57 -43.91 4.87
C GLN B 151 22.84 -44.78 4.94
N GLU B 152 23.55 -44.80 6.08
CA GLU B 152 24.91 -45.40 6.14
C GLU B 152 24.77 -46.89 6.48
N ALA B 153 25.08 -47.79 5.53
CA ALA B 153 24.72 -49.22 5.59
C ALA B 153 25.39 -49.89 6.81
N ASP B 154 26.57 -49.41 7.22
CA ASP B 154 27.46 -50.14 8.18
C ASP B 154 27.27 -49.60 9.61
N SER B 155 26.22 -48.81 9.86
CA SER B 155 25.93 -48.29 11.21
C SER B 155 24.46 -48.59 11.54
N ALA B 156 24.15 -48.78 12.82
CA ALA B 156 22.77 -49.07 13.28
C ALA B 156 21.87 -47.89 12.95
N TYR B 157 22.37 -46.68 13.19
CA TYR B 157 21.68 -45.41 12.89
C TYR B 157 22.68 -44.42 12.33
N SER B 158 22.20 -43.43 11.60
CA SER B 158 23.11 -42.36 11.09
C SER B 158 22.33 -41.08 10.84
N ILE B 159 23.03 -39.98 11.02
CA ILE B 159 22.58 -38.64 10.59
C ILE B 159 23.63 -38.12 9.62
N THR B 160 23.25 -37.90 8.37
CA THR B 160 24.16 -37.41 7.32
C THR B 160 23.79 -35.96 7.02
N LEU B 161 24.75 -35.05 7.07
CA LEU B 161 24.56 -33.61 6.78
C LEU B 161 25.33 -33.31 5.48
N ASN B 162 24.62 -33.21 4.36
CA ASN B 162 25.21 -32.86 3.07
C ASN B 162 24.98 -31.37 2.84
N TYR B 163 26.04 -30.63 2.62
CA TYR B 163 25.98 -29.20 2.29
C TYR B 163 26.29 -29.03 0.82
N SER B 164 25.48 -28.26 0.10
CA SER B 164 25.76 -27.99 -1.33
C SER B 164 25.28 -26.59 -1.67
N TRP B 165 25.86 -26.03 -2.72
CA TRP B 165 25.50 -24.65 -3.15
C TRP B 165 25.79 -24.52 -4.63
N GLY B 166 25.22 -23.53 -5.27
CA GLY B 166 25.37 -23.30 -6.70
C GLY B 166 26.17 -22.04 -7.03
N LYS B 167 26.18 -21.08 -6.12
N LYS B 167 26.17 -21.08 -6.13
CA LYS B 167 26.75 -19.73 -6.40
CA LYS B 167 26.74 -19.73 -6.41
C LYS B 167 28.25 -19.84 -6.55
C LYS B 167 28.26 -19.84 -6.56
N ASP B 168 28.80 -19.10 -7.53
CA ASP B 168 30.26 -18.92 -7.67
C ASP B 168 30.68 -17.87 -6.63
N TYR B 169 30.69 -18.27 -5.38
CA TYR B 169 31.08 -17.41 -4.23
C TYR B 169 32.45 -16.83 -4.46
N GLU B 170 32.62 -15.55 -4.07
CA GLU B 170 33.91 -14.85 -4.17
C GLU B 170 34.31 -14.31 -2.79
N ASN B 171 35.22 -15.00 -2.12
N ASN B 171 35.23 -15.00 -2.11
CA ASN B 171 35.77 -14.63 -0.78
CA ASN B 171 35.79 -14.62 -0.78
C ASN B 171 34.66 -14.59 0.28
C ASN B 171 34.66 -14.59 0.28
N ILE B 172 33.86 -15.63 0.32
CA ILE B 172 32.75 -15.79 1.31
C ILE B 172 33.18 -16.88 2.28
N PRO B 173 33.17 -16.62 3.60
CA PRO B 173 33.52 -17.64 4.58
C PRO B 173 32.40 -18.68 4.73
N PHE B 174 32.75 -19.96 4.86
CA PHE B 174 31.73 -20.98 5.23
C PHE B 174 31.48 -20.87 6.73
N ASP B 175 30.63 -19.92 7.07
CA ASP B 175 30.18 -19.63 8.45
C ASP B 175 28.66 -19.57 8.39
N SER B 176 27.98 -20.64 8.78
CA SER B 176 26.55 -20.83 8.46
C SER B 176 25.65 -20.27 9.54
N THR B 177 24.47 -19.78 9.14
CA THR B 177 23.36 -19.51 10.04
C THR B 177 22.83 -20.81 10.64
N SER B 178 21.94 -20.68 11.61
CA SER B 178 21.35 -21.79 12.38
C SER B 178 20.07 -22.30 11.70
N PHE B 179 19.80 -23.59 11.84
CA PHE B 179 18.60 -24.24 11.29
C PHE B 179 18.03 -25.21 12.31
N THR B 180 16.71 -25.24 12.42
CA THR B 180 15.98 -26.13 13.31
C THR B 180 15.23 -27.15 12.45
N PHE B 181 15.18 -28.37 12.95
CA PHE B 181 14.36 -29.45 12.33
C PHE B 181 13.95 -30.39 13.42
N SER B 182 13.15 -31.40 13.09
CA SER B 182 12.83 -32.46 14.05
C SER B 182 12.80 -33.78 13.31
N TYR B 183 12.86 -34.85 14.06
CA TYR B 183 12.67 -36.20 13.49
C TYR B 183 12.05 -37.10 14.54
N ILE B 184 11.48 -38.19 14.05
CA ILE B 184 10.81 -39.19 14.89
C ILE B 184 11.88 -40.03 15.61
N ALA B 185 11.76 -40.15 16.94
CA ALA B 185 12.70 -40.88 17.80
C ALA B 185 12.42 -42.38 17.74
N GLN B 186 13.48 -43.17 17.81
CA GLN B 186 13.42 -44.66 17.83
C GLN B 186 12.60 -45.15 19.04
N GLU B 187 12.76 -44.54 20.20
CA GLU B 187 11.91 -44.91 21.38
C GLU B 187 11.77 -43.68 22.27
N LYS C 2 4.42 -21.28 33.24
CA LYS C 2 5.85 -21.45 33.69
C LYS C 2 6.74 -21.85 32.53
N LEU C 3 6.24 -22.66 31.59
CA LEU C 3 7.05 -23.22 30.49
C LEU C 3 6.78 -22.46 29.18
N THR C 4 5.84 -21.50 29.15
CA THR C 4 5.59 -20.66 27.96
C THR C 4 5.55 -19.17 28.33
N LEU C 5 6.35 -18.39 27.62
CA LEU C 5 6.40 -16.92 27.65
C LEU C 5 5.81 -16.44 26.33
N TRP C 6 4.80 -15.58 26.35
CA TRP C 6 4.13 -15.21 25.07
C TRP C 6 3.54 -13.81 25.14
N THR C 7 3.26 -13.29 23.96
CA THR C 7 2.35 -12.18 23.75
C THR C 7 0.98 -12.79 23.99
N THR C 8 0.08 -12.13 24.62
CA THR C 8 -1.24 -12.73 24.82
C THR C 8 -1.84 -12.96 23.43
N LEU C 9 -3.03 -13.55 23.34
CA LEU C 9 -3.78 -13.66 22.07
C LEU C 9 -4.87 -12.57 22.05
N ASP C 10 -4.89 -11.72 23.07
CA ASP C 10 -5.61 -10.41 23.07
C ASP C 10 -5.56 -9.83 21.66
N PRO C 11 -6.70 -9.37 21.08
CA PRO C 11 -6.72 -8.82 19.72
C PRO C 11 -6.08 -7.42 19.60
N SER C 12 -5.72 -6.81 20.72
CA SER C 12 -5.21 -5.41 20.80
C SER C 12 -3.81 -5.33 20.17
N PRO C 13 -3.51 -4.27 19.41
CA PRO C 13 -2.14 -4.02 18.98
C PRO C 13 -1.20 -3.91 20.19
N ASN C 14 0.06 -4.33 20.04
CA ASN C 14 0.98 -4.50 21.17
C ASN C 14 2.42 -4.11 20.82
N CYS C 15 2.64 -3.49 19.68
CA CYS C 15 4.00 -3.34 19.12
C CYS C 15 4.13 -2.03 18.32
N ARG C 16 5.31 -1.44 18.41
CA ARG C 16 5.71 -0.21 17.69
C ARG C 16 6.76 -0.58 16.63
N ILE C 17 6.43 -0.42 15.37
CA ILE C 17 7.45 -0.35 14.28
C ILE C 17 7.95 1.10 14.18
N ASP C 18 7.05 2.03 13.89
CA ASP C 18 7.38 3.48 13.80
C ASP C 18 6.67 4.22 14.92
N VAL C 19 5.42 3.85 15.18
CA VAL C 19 4.51 4.57 16.09
C VAL C 19 3.88 3.56 17.06
N ASP C 20 3.54 4.02 18.26
CA ASP C 20 2.87 3.18 19.30
C ASP C 20 1.70 2.42 18.65
N LYS C 21 1.62 1.12 18.91
N LYS C 21 1.62 1.12 18.90
CA LYS C 21 0.46 0.27 18.56
CA LYS C 21 0.46 0.26 18.56
C LYS C 21 0.17 0.31 17.05
C LYS C 21 0.17 0.31 17.05
N ASP C 22 1.20 0.37 16.22
CA ASP C 22 1.01 0.27 14.76
C ASP C 22 1.01 -1.21 14.36
N SER C 23 1.31 -2.13 15.27
CA SER C 23 1.45 -3.55 14.88
C SER C 23 1.07 -4.49 16.02
N LYS C 24 0.84 -5.75 15.65
CA LYS C 24 0.48 -6.82 16.60
C LYS C 24 1.42 -7.99 16.36
N LEU C 25 2.38 -8.15 17.25
CA LEU C 25 3.31 -9.29 17.21
C LEU C 25 2.69 -10.44 17.97
N THR C 26 2.68 -11.65 17.38
CA THR C 26 2.36 -12.87 18.15
C THR C 26 3.64 -13.68 18.25
N LEU C 27 4.20 -13.76 19.44
CA LEU C 27 5.43 -14.53 19.71
C LEU C 27 5.19 -15.43 20.89
N VAL C 28 5.45 -16.72 20.70
CA VAL C 28 5.28 -17.78 21.71
C VAL C 28 6.64 -18.45 21.87
N LEU C 29 7.18 -18.42 23.09
CA LEU C 29 8.44 -19.11 23.43
C LEU C 29 8.10 -20.24 24.40
N THR C 30 8.34 -21.48 24.00
CA THR C 30 8.02 -22.68 24.82
C THR C 30 9.34 -23.36 25.20
N LYS C 31 9.57 -23.55 26.49
CA LYS C 31 10.84 -24.15 26.93
C LYS C 31 10.73 -25.66 26.81
N CYS C 32 11.57 -26.26 25.96
N CYS C 32 11.56 -26.26 25.96
CA CYS C 32 11.82 -27.72 25.90
CA CYS C 32 11.83 -27.72 25.93
C CYS C 32 13.27 -27.96 26.34
C CYS C 32 13.27 -27.96 26.35
N GLY C 33 13.52 -27.86 27.66
CA GLY C 33 14.85 -27.97 28.29
C GLY C 33 15.85 -27.01 27.68
N SER C 34 16.86 -27.55 27.02
CA SER C 34 18.02 -26.78 26.53
C SER C 34 17.62 -25.93 25.32
N GLN C 35 16.44 -26.15 24.73
CA GLN C 35 16.02 -25.36 23.56
C GLN C 35 14.70 -24.65 23.85
N ILE C 36 14.58 -23.47 23.30
CA ILE C 36 13.30 -22.72 23.19
C ILE C 36 12.71 -23.00 21.83
N LEU C 37 11.47 -23.51 21.81
CA LEU C 37 10.68 -23.66 20.58
C LEU C 37 9.87 -22.38 20.39
N ALA C 38 10.11 -21.67 19.30
CA ALA C 38 9.57 -20.32 19.10
C ALA C 38 8.61 -20.32 17.90
N ASN C 39 7.55 -19.53 18.01
CA ASN C 39 6.54 -19.40 16.96
C ASN C 39 6.21 -17.92 16.82
N VAL C 40 6.26 -17.39 15.61
CA VAL C 40 6.09 -15.93 15.42
C VAL C 40 5.20 -15.64 14.21
N SER C 41 4.37 -14.61 14.34
CA SER C 41 3.66 -13.98 13.21
C SER C 41 3.51 -12.50 13.50
N LEU C 42 3.22 -11.70 12.47
CA LEU C 42 3.14 -10.23 12.64
C LEU C 42 2.06 -9.67 11.74
N LEU C 43 1.19 -8.86 12.30
CA LEU C 43 0.18 -8.10 11.55
C LEU C 43 0.47 -6.61 11.78
N VAL C 44 0.55 -5.83 10.72
CA VAL C 44 0.62 -4.35 10.83
C VAL C 44 -0.81 -3.82 10.77
N VAL C 45 -1.22 -3.04 11.77
CA VAL C 45 -2.64 -2.63 11.91
C VAL C 45 -2.87 -1.22 11.39
N LYS C 46 -1.83 -0.37 11.34
CA LYS C 46 -1.99 1.00 10.81
C LYS C 46 -0.62 1.55 10.40
N GLY C 47 -0.62 2.73 9.80
CA GLY C 47 0.61 3.42 9.38
C GLY C 47 1.10 2.94 8.03
N ARG C 48 2.33 3.31 7.69
CA ARG C 48 2.83 3.22 6.29
C ARG C 48 3.03 1.78 5.82
N PHE C 49 3.17 0.80 6.72
CA PHE C 49 3.39 -0.62 6.33
C PHE C 49 2.08 -1.42 6.39
N GLN C 50 0.95 -0.82 6.76
CA GLN C 50 -0.32 -1.59 6.85
C GLN C 50 -0.69 -2.16 5.48
N ASN C 51 -0.64 -1.33 4.45
CA ASN C 51 -0.97 -1.68 3.05
C ASN C 51 0.23 -1.28 2.20
N LEU C 52 0.95 -2.24 1.65
CA LEU C 52 2.18 -1.94 0.88
C LEU C 52 1.78 -1.61 -0.55
N ASN C 53 2.19 -0.45 -1.05
CA ASN C 53 1.98 -0.13 -2.47
C ASN C 53 3.15 0.69 -2.97
N TYR C 54 4.10 0.02 -3.62
CA TYR C 54 5.32 0.64 -4.16
C TYR C 54 5.06 1.30 -5.49
N LYS C 55 3.91 1.02 -6.12
N LYS C 55 3.91 1.03 -6.12
CA LYS C 55 3.51 1.73 -7.35
CA LYS C 55 3.53 1.74 -7.35
C LYS C 55 3.11 3.16 -7.01
C LYS C 55 3.12 3.17 -7.01
N THR C 56 2.45 3.37 -5.86
CA THR C 56 1.90 4.68 -5.50
C THR C 56 2.75 5.43 -4.47
N ASN C 57 3.60 4.72 -3.72
N ASN C 57 3.61 4.71 -3.72
CA ASN C 57 4.45 5.36 -2.68
CA ASN C 57 4.45 5.35 -2.68
C ASN C 57 5.91 5.08 -2.98
C ASN C 57 5.91 5.08 -2.98
N PRO C 58 6.62 6.04 -3.62
CA PRO C 58 7.99 5.83 -4.06
C PRO C 58 8.99 5.77 -2.88
N ASN C 59 8.62 6.37 -1.75
CA ASN C 59 9.56 6.62 -0.63
C ASN C 59 9.48 5.48 0.41
N LEU C 60 8.68 4.46 0.17
CA LEU C 60 8.40 3.45 1.23
C LEU C 60 9.58 2.50 1.33
N PRO C 61 10.15 2.26 2.55
CA PRO C 61 11.18 1.24 2.70
C PRO C 61 10.63 -0.16 2.43
N LYS C 62 11.56 -1.10 2.22
CA LYS C 62 11.25 -2.53 2.12
C LYS C 62 11.88 -3.28 3.28
N THR C 63 11.94 -2.66 4.45
CA THR C 63 12.39 -3.33 5.67
C THR C 63 11.88 -2.58 6.89
N PHE C 64 11.78 -3.30 7.99
CA PHE C 64 11.69 -2.71 9.33
C PHE C 64 12.20 -3.76 10.32
N THR C 65 12.47 -3.33 11.53
CA THR C 65 13.03 -4.20 12.58
C THR C 65 12.24 -4.02 13.88
N ILE C 66 11.95 -5.13 14.54
CA ILE C 66 11.30 -5.18 15.88
C ILE C 66 12.31 -5.82 16.82
N LYS C 67 12.61 -5.19 17.95
CA LYS C 67 13.60 -5.70 18.91
C LYS C 67 12.90 -6.03 20.23
N LEU C 68 13.25 -7.17 20.81
CA LEU C 68 12.96 -7.52 22.21
C LEU C 68 14.27 -7.47 22.96
N LEU C 69 14.37 -6.54 23.91
CA LEU C 69 15.57 -6.31 24.71
C LEU C 69 15.27 -6.83 26.11
N PHE C 70 16.18 -7.58 26.71
CA PHE C 70 16.00 -8.16 28.05
C PHE C 70 17.14 -7.78 28.97
N ASP C 71 16.82 -7.63 30.25
CA ASP C 71 17.83 -7.38 31.31
C ASP C 71 18.42 -8.71 31.78
N GLU C 72 19.31 -8.66 32.76
CA GLU C 72 20.10 -9.82 33.25
C GLU C 72 19.18 -10.87 33.93
N ASN C 73 17.94 -10.50 34.24
CA ASN C 73 16.92 -11.43 34.78
C ASN C 73 15.97 -11.93 33.70
N GLY C 74 16.21 -11.59 32.43
CA GLY C 74 15.37 -12.05 31.32
C GLY C 74 14.05 -11.30 31.27
N ILE C 75 13.99 -10.12 31.87
CA ILE C 75 12.79 -9.23 31.89
C ILE C 75 12.83 -8.32 30.68
N LEU C 76 11.72 -8.26 29.93
CA LEU C 76 11.59 -7.37 28.76
C LEU C 76 11.73 -5.91 29.20
N LYS C 77 12.61 -5.19 28.53
CA LYS C 77 12.90 -3.75 28.79
C LYS C 77 11.89 -2.87 28.05
N ASP C 78 11.56 -1.73 28.64
CA ASP C 78 10.64 -0.70 28.09
C ASP C 78 11.09 -0.23 26.71
N SER C 79 12.38 -0.27 26.43
CA SER C 79 12.97 0.21 25.15
C SER C 79 12.64 -0.75 24.00
N SER C 80 12.11 -1.94 24.29
CA SER C 80 11.70 -2.92 23.27
C SER C 80 10.60 -2.33 22.38
N ASN C 81 10.50 -2.81 21.14
CA ASN C 81 9.37 -2.47 20.23
C ASN C 81 8.08 -3.09 20.77
N LEU C 82 8.17 -4.26 21.36
CA LEU C 82 7.01 -4.94 22.01
C LEU C 82 6.67 -4.27 23.34
N ASP C 83 5.39 -3.94 23.56
CA ASP C 83 4.88 -3.36 24.82
C ASP C 83 4.90 -4.44 25.92
N LYS C 84 5.59 -4.16 27.04
CA LYS C 84 5.75 -5.04 28.23
C LYS C 84 4.39 -5.52 28.76
N ASN C 85 3.33 -4.73 28.58
CA ASN C 85 1.99 -5.06 29.15
C ASN C 85 1.41 -6.30 28.45
N TYR C 86 1.99 -6.75 27.35
CA TYR C 86 1.42 -7.83 26.51
C TYR C 86 2.30 -9.08 26.58
N TRP C 87 3.25 -9.12 27.53
CA TRP C 87 4.33 -10.14 27.55
C TRP C 87 4.38 -10.82 28.91
N ASN C 88 4.01 -12.09 28.99
CA ASN C 88 3.92 -12.79 30.31
C ASN C 88 3.86 -14.30 30.09
N TYR C 89 3.91 -15.05 31.18
CA TYR C 89 3.70 -16.51 31.16
C TYR C 89 2.25 -16.81 30.74
N ARG C 90 2.04 -17.85 29.93
CA ARG C 90 0.70 -18.40 29.61
C ARG C 90 0.17 -19.12 30.85
N ASN C 91 -1.09 -18.88 31.22
CA ASN C 91 -1.80 -19.67 32.26
C ASN C 91 -3.29 -19.80 31.84
N GLN C 99 5.44 -8.59 34.22
CA GLN C 99 5.02 -8.76 35.65
C GLN C 99 5.85 -9.87 36.32
N TYR C 100 6.60 -10.66 35.53
CA TYR C 100 7.38 -11.83 36.02
C TYR C 100 8.73 -11.38 36.60
N LYS C 101 9.38 -12.27 37.36
CA LYS C 101 10.59 -11.98 38.19
C LYS C 101 11.87 -12.50 37.51
N ASN C 102 11.80 -13.65 36.79
CA ASN C 102 13.00 -14.31 36.20
C ASN C 102 12.60 -15.18 35.01
N ALA C 103 13.20 -14.93 33.85
CA ALA C 103 12.96 -15.73 32.65
C ALA C 103 14.30 -16.02 31.96
N VAL C 104 15.38 -16.16 32.71
CA VAL C 104 16.73 -16.42 32.11
C VAL C 104 16.70 -17.76 31.37
N GLY C 105 15.83 -18.69 31.79
CA GLY C 105 15.64 -19.98 31.12
C GLY C 105 15.11 -19.83 29.67
N PHE C 106 14.58 -18.66 29.32
CA PHE C 106 14.03 -18.39 27.97
C PHE C 106 15.02 -17.57 27.12
N MET C 107 16.13 -17.17 27.70
CA MET C 107 17.04 -16.20 27.04
C MET C 107 17.95 -16.95 26.07
N PRO C 108 18.36 -16.30 24.98
CA PRO C 108 19.30 -16.90 24.05
C PRO C 108 20.69 -17.02 24.67
N ASN C 109 21.20 -18.24 24.70
CA ASN C 109 22.45 -18.64 25.37
C ASN C 109 23.61 -17.74 24.91
N LEU C 110 24.30 -17.09 25.85
CA LEU C 110 25.40 -16.15 25.53
C LEU C 110 26.65 -16.88 25.04
N ALA C 111 26.90 -18.12 25.45
CA ALA C 111 28.04 -18.92 24.94
C ALA C 111 27.76 -19.28 23.48
N ALA C 112 26.51 -19.66 23.18
CA ALA C 112 26.09 -20.02 21.82
C ALA C 112 26.05 -18.77 20.93
N TYR C 113 25.56 -17.66 21.46
CA TYR C 113 25.24 -16.43 20.71
C TYR C 113 25.91 -15.25 21.39
N PRO C 114 27.24 -15.12 21.28
CA PRO C 114 27.94 -14.08 22.01
C PRO C 114 27.59 -12.68 21.50
N LYS C 115 27.61 -11.69 22.40
CA LYS C 115 27.49 -10.26 22.05
C LYS C 115 28.75 -9.83 21.29
N SER C 116 28.67 -8.83 20.41
CA SER C 116 29.85 -8.30 19.69
C SER C 116 30.79 -7.61 20.70
N THR C 117 32.09 -7.94 20.65
CA THR C 117 33.16 -7.37 21.51
C THR C 117 33.50 -5.96 21.00
N THR C 118 34.07 -5.10 21.85
CA THR C 118 34.50 -3.72 21.49
C THR C 118 35.40 -3.75 20.24
N THR C 119 36.23 -4.79 20.10
CA THR C 119 37.20 -5.04 19.00
C THR C 119 36.48 -5.58 17.74
N GLN C 120 35.20 -5.97 17.84
CA GLN C 120 34.40 -6.44 16.68
C GLN C 120 32.90 -6.20 16.92
N SER C 121 32.24 -5.51 15.99
CA SER C 121 30.76 -5.30 15.94
C SER C 121 30.07 -6.50 15.26
N LYS C 122 30.84 -7.42 14.67
CA LYS C 122 30.36 -8.48 13.74
C LYS C 122 30.13 -9.80 14.49
N LEU C 123 28.88 -10.25 14.53
CA LEU C 123 28.46 -11.49 15.22
C LEU C 123 28.86 -12.74 14.41
N TYR C 124 29.00 -13.88 15.09
CA TYR C 124 29.09 -15.22 14.47
C TYR C 124 27.80 -15.44 13.70
N ALA C 125 27.83 -16.14 12.57
CA ALA C 125 26.61 -16.37 11.78
C ALA C 125 25.61 -17.24 12.59
N ARG C 126 26.09 -18.01 13.55
CA ARG C 126 25.19 -18.94 14.28
C ARG C 126 24.16 -18.16 15.11
N ASN C 127 24.42 -16.87 15.40
CA ASN C 127 23.47 -15.98 16.10
C ASN C 127 22.24 -15.66 15.25
N THR C 128 22.19 -16.05 13.95
CA THR C 128 21.14 -15.66 13.03
C THR C 128 20.40 -16.90 12.53
N ILE C 129 19.10 -16.75 12.41
CA ILE C 129 18.18 -17.67 11.66
C ILE C 129 17.50 -16.88 10.57
N PHE C 130 17.45 -17.44 9.37
CA PHE C 130 16.62 -16.89 8.30
C PHE C 130 15.39 -17.76 8.10
N GLY C 131 14.26 -17.12 7.88
CA GLY C 131 13.03 -17.79 7.43
C GLY C 131 12.42 -17.12 6.24
N ASN C 132 11.79 -17.88 5.37
CA ASN C 132 10.93 -17.32 4.31
C ASN C 132 9.50 -17.39 4.79
N ILE C 133 8.84 -16.27 4.91
CA ILE C 133 7.43 -16.13 5.34
C ILE C 133 6.68 -15.40 4.25
N TYR C 134 5.37 -15.27 4.38
CA TYR C 134 4.54 -14.79 3.28
C TYR C 134 3.48 -13.84 3.77
N LEU C 135 3.07 -12.92 2.93
CA LEU C 135 1.97 -11.99 3.26
C LEU C 135 0.65 -12.50 2.72
N ASP C 136 -0.42 -12.29 3.47
CA ASP C 136 -1.81 -12.51 3.03
C ASP C 136 -2.00 -13.95 2.54
N SER C 137 -1.32 -14.89 3.18
CA SER C 137 -1.51 -16.34 2.99
C SER C 137 -1.23 -16.75 1.54
N GLN C 138 -0.37 -16.04 0.82
CA GLN C 138 -0.05 -16.39 -0.59
C GLN C 138 1.45 -16.60 -0.75
N ALA C 139 1.80 -17.70 -1.40
CA ALA C 139 3.20 -18.09 -1.65
C ALA C 139 3.86 -17.04 -2.55
N TYR C 140 3.12 -16.28 -3.32
CA TYR C 140 3.82 -15.32 -4.25
C TYR C 140 3.98 -13.97 -3.56
N ASN C 141 3.81 -13.89 -2.23
CA ASN C 141 4.13 -12.67 -1.44
C ASN C 141 5.23 -12.96 -0.45
N PRO C 142 6.44 -13.30 -0.88
CA PRO C 142 7.51 -13.61 0.06
C PRO C 142 8.08 -12.43 0.82
N VAL C 143 8.46 -12.69 2.06
CA VAL C 143 9.18 -11.80 2.99
C VAL C 143 10.28 -12.62 3.65
N VAL C 144 11.44 -12.04 3.87
CA VAL C 144 12.52 -12.70 4.62
C VAL C 144 12.49 -12.20 6.06
N ILE C 145 12.37 -13.11 7.00
CA ILE C 145 12.55 -12.79 8.43
C ILE C 145 13.95 -13.21 8.82
N LYS C 146 14.68 -12.27 9.39
CA LYS C 146 16.05 -12.50 9.89
C LYS C 146 16.00 -12.30 11.40
N ILE C 147 16.21 -13.40 12.12
CA ILE C 147 16.17 -13.42 13.59
C ILE C 147 17.60 -13.45 14.07
N THR C 148 18.00 -12.48 14.89
CA THR C 148 19.38 -12.43 15.40
C THR C 148 19.35 -12.34 16.92
N PHE C 149 20.18 -13.12 17.58
CA PHE C 149 20.28 -13.14 19.06
C PHE C 149 21.45 -12.28 19.53
N ASN C 150 21.20 -11.47 20.57
CA ASN C 150 22.23 -10.82 21.40
C ASN C 150 23.06 -9.83 20.56
N GLN C 151 22.43 -9.20 19.57
CA GLN C 151 23.05 -8.18 18.69
C GLN C 151 23.04 -6.80 19.40
N GLU C 152 22.12 -6.59 20.36
CA GLU C 152 21.85 -5.22 20.88
C GLU C 152 22.82 -4.96 22.06
N ALA C 153 23.75 -4.02 21.87
CA ALA C 153 24.91 -3.81 22.78
C ALA C 153 24.44 -3.43 24.19
N ASP C 154 23.30 -2.74 24.31
CA ASP C 154 22.84 -2.04 25.53
C ASP C 154 21.96 -2.95 26.41
N SER C 155 21.84 -4.25 26.11
CA SER C 155 20.93 -5.17 26.81
C SER C 155 21.71 -6.45 27.15
N ALA C 156 21.32 -7.15 28.20
CA ALA C 156 21.94 -8.43 28.61
C ALA C 156 21.69 -9.47 27.52
N TYR C 157 20.47 -9.51 26.98
CA TYR C 157 20.05 -10.44 25.92
C TYR C 157 19.13 -9.70 24.96
N SER C 158 19.02 -10.18 23.74
CA SER C 158 18.10 -9.57 22.77
C SER C 158 17.66 -10.58 21.71
N ILE C 159 16.45 -10.40 21.23
CA ILE C 159 15.94 -11.06 20.02
C ILE C 159 15.56 -9.97 19.04
N THR C 160 16.20 -9.93 17.89
CA THR C 160 15.97 -8.90 16.85
C THR C 160 15.27 -9.58 15.67
N LEU C 161 14.13 -9.04 15.25
CA LEU C 161 13.34 -9.56 14.11
C LEU C 161 13.43 -8.54 12.98
N ASN C 162 14.21 -8.82 11.96
CA ASN C 162 14.37 -7.91 10.79
C ASN C 162 13.53 -8.50 9.67
N TYR C 163 12.60 -7.73 9.17
CA TYR C 163 11.75 -8.13 8.03
C TYR C 163 12.21 -7.35 6.81
N SER C 164 12.38 -8.04 5.68
CA SER C 164 12.75 -7.37 4.43
C SER C 164 12.11 -8.12 3.27
N TRP C 165 11.97 -7.43 2.15
CA TRP C 165 11.35 -8.01 0.95
C TRP C 165 11.86 -7.28 -0.26
N GLY C 166 11.69 -7.86 -1.44
CA GLY C 166 12.18 -7.27 -2.68
C GLY C 166 11.05 -6.85 -3.60
N LYS C 167 9.88 -7.50 -3.49
CA LYS C 167 8.79 -7.29 -4.48
C LYS C 167 8.25 -5.87 -4.36
N ASP C 168 7.94 -5.26 -5.51
CA ASP C 168 7.19 -3.99 -5.58
C ASP C 168 5.71 -4.33 -5.35
N TYR C 169 5.37 -4.68 -4.14
CA TYR C 169 3.98 -5.03 -3.73
C TYR C 169 3.02 -3.92 -4.12
N GLU C 170 1.83 -4.32 -4.57
CA GLU C 170 0.76 -3.36 -4.95
C GLU C 170 -0.50 -3.68 -4.15
N ASN C 171 -0.78 -2.93 -3.10
CA ASN C 171 -1.98 -3.05 -2.23
C ASN C 171 -2.00 -4.42 -1.54
N ILE C 172 -0.88 -4.82 -0.96
CA ILE C 172 -0.73 -6.08 -0.20
C ILE C 172 -0.63 -5.71 1.28
N PRO C 173 -1.46 -6.29 2.15
CA PRO C 173 -1.37 -6.02 3.58
C PRO C 173 -0.15 -6.72 4.20
N PHE C 174 0.54 -6.06 5.12
CA PHE C 174 1.57 -6.74 5.94
C PHE C 174 0.84 -7.53 7.01
N ASP C 175 0.41 -8.72 6.60
CA ASP C 175 -0.27 -9.71 7.46
C ASP C 175 0.47 -11.02 7.20
N SER C 176 1.38 -11.40 8.10
CA SER C 176 2.36 -12.46 7.80
C SER C 176 1.82 -13.82 8.22
N THR C 177 2.25 -14.85 7.48
CA THR C 177 2.08 -16.24 7.91
C THR C 177 3.00 -16.51 9.11
N SER C 178 2.81 -17.69 9.71
CA SER C 178 3.50 -18.11 10.94
C SER C 178 4.80 -18.84 10.61
N PHE C 179 5.76 -18.74 11.51
CA PHE C 179 7.09 -19.37 11.36
C PHE C 179 7.52 -19.94 12.70
N THR C 180 8.11 -21.13 12.66
CA THR C 180 8.66 -21.81 13.82
C THR C 180 10.18 -21.84 13.70
N PHE C 181 10.84 -21.67 14.82
CA PHE C 181 12.30 -21.83 14.92
C PHE C 181 12.62 -22.28 16.32
N SER C 182 13.89 -22.53 16.59
CA SER C 182 14.32 -22.82 17.97
C SER C 182 15.65 -22.14 18.21
N TYR C 183 16.03 -22.04 19.47
CA TYR C 183 17.38 -21.55 19.83
C TYR C 183 17.78 -22.16 21.15
N ILE C 184 19.09 -22.14 21.38
CA ILE C 184 19.71 -22.71 22.60
C ILE C 184 19.43 -21.76 23.78
N ALA C 185 18.90 -22.31 24.87
CA ALA C 185 18.53 -21.55 26.09
C ALA C 185 19.79 -21.31 26.95
N GLN C 186 19.82 -20.15 27.59
CA GLN C 186 20.90 -19.73 28.52
C GLN C 186 21.04 -20.72 29.66
N GLU C 187 19.95 -21.21 30.21
CA GLU C 187 20.01 -22.27 31.26
C GLU C 187 18.74 -23.12 31.18
N LYS D 2 -43.43 15.61 -17.98
CA LYS D 2 -42.99 14.41 -18.73
C LYS D 2 -41.50 14.17 -18.44
N LEU D 3 -41.15 12.96 -18.00
CA LEU D 3 -39.90 12.71 -17.23
C LEU D 3 -38.87 12.01 -18.12
N THR D 4 -39.21 11.66 -19.37
CA THR D 4 -38.27 11.07 -20.35
C THR D 4 -38.32 11.82 -21.69
N LEU D 5 -37.15 12.25 -22.14
CA LEU D 5 -36.91 12.84 -23.48
C LEU D 5 -36.11 11.80 -24.26
N TRP D 6 -36.53 11.39 -25.43
CA TRP D 6 -35.82 10.30 -26.14
C TRP D 6 -35.96 10.40 -27.66
N THR D 7 -35.09 9.68 -28.33
CA THR D 7 -35.24 9.28 -29.72
C THR D 7 -36.31 8.20 -29.64
N THR D 8 -37.20 8.12 -30.56
CA THR D 8 -38.19 7.03 -30.48
C THR D 8 -37.40 5.70 -30.56
N LEU D 9 -38.08 4.56 -30.50
CA LEU D 9 -37.45 3.23 -30.75
C LEU D 9 -37.81 2.78 -32.18
N ASP D 10 -38.53 3.64 -32.91
CA ASP D 10 -38.73 3.55 -34.39
C ASP D 10 -37.45 3.01 -35.01
N PRO D 11 -37.54 1.98 -35.90
CA PRO D 11 -36.35 1.41 -36.53
C PRO D 11 -35.70 2.31 -37.61
N SER D 12 -36.34 3.43 -37.94
CA SER D 12 -35.91 4.36 -39.01
C SER D 12 -34.61 5.07 -38.60
N PRO D 13 -33.66 5.24 -39.54
CA PRO D 13 -32.50 6.09 -39.28
C PRO D 13 -32.95 7.50 -38.89
N ASN D 14 -32.18 8.21 -38.06
CA ASN D 14 -32.61 9.49 -37.48
C ASN D 14 -31.45 10.46 -37.32
N CYS D 15 -30.28 10.18 -37.90
CA CYS D 15 -29.06 10.92 -37.55
C CYS D 15 -28.12 11.02 -38.77
N ARG D 16 -27.41 12.14 -38.83
CA ARG D 16 -26.41 12.44 -39.88
C ARG D 16 -25.05 12.49 -39.21
N ILE D 17 -24.16 11.57 -39.57
CA ILE D 17 -22.70 11.72 -39.30
C ILE D 17 -22.10 12.55 -40.45
N ASP D 18 -22.20 12.04 -41.68
CA ASP D 18 -21.69 12.71 -42.89
C ASP D 18 -22.86 13.11 -43.78
N VAL D 19 -23.83 12.22 -43.92
CA VAL D 19 -24.95 12.31 -44.88
C VAL D 19 -26.26 12.05 -44.14
N ASP D 20 -27.34 12.66 -44.64
CA ASP D 20 -28.70 12.48 -44.06
C ASP D 20 -28.96 10.98 -43.82
N LYS D 21 -29.45 10.63 -42.63
N LYS D 21 -29.44 10.63 -42.63
CA LYS D 21 -29.96 9.27 -42.29
CA LYS D 21 -29.95 9.27 -42.29
C LYS D 21 -28.89 8.20 -42.54
C LYS D 21 -28.89 8.21 -42.54
N ASP D 22 -27.63 8.51 -42.28
CA ASP D 22 -26.57 7.48 -42.35
C ASP D 22 -26.49 6.73 -41.02
N SER D 23 -27.24 7.15 -39.99
CA SER D 23 -27.07 6.53 -38.66
C SER D 23 -28.38 6.58 -37.86
N LYS D 24 -28.42 5.74 -36.82
CA LYS D 24 -29.58 5.66 -35.90
C LYS D 24 -29.05 5.78 -34.48
N LEU D 25 -29.26 6.93 -33.88
CA LEU D 25 -28.89 7.19 -32.47
C LEU D 25 -30.06 6.77 -31.61
N THR D 26 -29.82 5.97 -30.57
CA THR D 26 -30.83 5.73 -29.52
C THR D 26 -30.36 6.43 -28.26
N LEU D 27 -31.03 7.52 -27.87
CA LEU D 27 -30.65 8.29 -26.69
C LEU D 27 -31.90 8.49 -25.85
N VAL D 28 -31.81 8.11 -24.59
CA VAL D 28 -32.90 8.21 -23.61
C VAL D 28 -32.39 9.04 -22.44
N LEU D 29 -33.05 10.15 -22.17
CA LEU D 29 -32.74 11.03 -21.01
C LEU D 29 -33.91 10.95 -20.04
N THR D 30 -33.66 10.42 -18.83
CA THR D 30 -34.69 10.25 -17.81
C THR D 30 -34.38 11.18 -16.63
N LYS D 31 -35.32 12.03 -16.26
CA LYS D 31 -35.08 13.02 -15.18
C LYS D 31 -35.32 12.29 -13.86
N CYS D 32 -34.27 12.20 -13.04
N CYS D 32 -34.27 12.20 -13.04
CA CYS D 32 -34.34 11.83 -11.61
CA CYS D 32 -34.36 11.85 -11.61
C CYS D 32 -33.93 13.07 -10.80
C CYS D 32 -33.93 13.07 -10.80
N GLY D 33 -34.83 14.04 -10.71
CA GLY D 33 -34.63 15.35 -10.06
C GLY D 33 -33.42 16.07 -10.60
N SER D 34 -32.43 16.25 -9.74
CA SER D 34 -31.24 17.08 -10.01
C SER D 34 -30.33 16.38 -11.03
N GLN D 35 -30.54 15.10 -11.33
CA GLN D 35 -29.68 14.40 -12.31
C GLN D 35 -30.52 13.83 -13.45
N ILE D 36 -29.94 13.84 -14.62
CA ILE D 36 -30.47 13.15 -15.82
C ILE D 36 -29.71 11.84 -15.93
N LEU D 37 -30.45 10.75 -15.96
CA LEU D 37 -29.93 9.39 -16.23
C LEU D 37 -30.03 9.15 -17.71
N ALA D 38 -28.91 8.95 -18.36
CA ALA D 38 -28.80 8.89 -19.83
C ALA D 38 -28.40 7.49 -20.26
N ASN D 39 -28.96 7.05 -21.37
CA ASN D 39 -28.65 5.74 -21.96
C ASN D 39 -28.48 5.95 -23.46
N VAL D 40 -27.38 5.46 -24.04
CA VAL D 40 -27.07 5.75 -25.46
C VAL D 40 -26.55 4.50 -26.16
N SER D 41 -26.93 4.35 -27.43
CA SER D 41 -26.33 3.38 -28.36
C SER D 41 -26.39 3.98 -29.76
N LEU D 42 -25.58 3.47 -30.68
CA LEU D 42 -25.48 4.05 -32.03
C LEU D 42 -25.26 2.93 -33.03
N LEU D 43 -26.06 2.93 -34.09
CA LEU D 43 -25.88 2.03 -35.25
C LEU D 43 -25.62 2.91 -36.48
N VAL D 44 -24.59 2.62 -37.24
CA VAL D 44 -24.40 3.28 -38.56
C VAL D 44 -25.05 2.39 -39.61
N VAL D 45 -25.98 2.94 -40.41
CA VAL D 45 -26.80 2.12 -41.32
C VAL D 45 -26.28 2.16 -42.75
N LYS D 46 -25.52 3.19 -43.15
CA LYS D 46 -24.93 3.25 -44.51
C LYS D 46 -23.75 4.21 -44.51
N GLY D 47 -23.05 4.28 -45.65
CA GLY D 47 -21.90 5.18 -45.83
C GLY D 47 -20.62 4.61 -45.27
N ARG D 48 -19.60 5.44 -45.17
CA ARG D 48 -18.18 4.99 -45.02
C ARG D 48 -17.92 4.35 -43.65
N PHE D 49 -18.74 4.61 -42.63
CA PHE D 49 -18.55 4.05 -41.27
C PHE D 49 -19.46 2.83 -41.04
N GLN D 50 -20.28 2.42 -41.99
CA GLN D 50 -21.20 1.28 -41.77
C GLN D 50 -20.38 0.01 -41.51
N ASN D 51 -19.39 -0.24 -42.35
CA ASN D 51 -18.48 -1.39 -42.27
C ASN D 51 -17.06 -0.85 -42.21
N LEU D 52 -16.38 -0.98 -41.10
CA LEU D 52 -15.02 -0.41 -40.95
C LEU D 52 -14.01 -1.41 -41.50
N ASN D 53 -13.19 -0.99 -42.47
CA ASN D 53 -12.09 -1.83 -42.95
C ASN D 53 -10.88 -0.97 -43.29
N TYR D 54 -9.95 -0.89 -42.34
CA TYR D 54 -8.73 -0.07 -42.47
C TYR D 54 -7.67 -0.80 -43.28
N LYS D 55 -7.84 -2.10 -43.55
CA LYS D 55 -6.94 -2.80 -44.46
C LYS D 55 -7.22 -2.36 -45.90
N THR D 56 -8.48 -2.11 -46.25
CA THR D 56 -8.86 -1.83 -47.63
C THR D 56 -9.12 -0.35 -47.89
N ASN D 57 -9.37 0.44 -46.85
N ASN D 57 -9.37 0.45 -46.84
CA ASN D 57 -9.67 1.88 -47.04
CA ASN D 57 -9.67 1.89 -47.03
C ASN D 57 -8.65 2.71 -46.26
C ASN D 57 -8.66 2.71 -46.26
N PRO D 58 -7.61 3.22 -46.97
CA PRO D 58 -6.50 3.92 -46.31
C PRO D 58 -6.93 5.29 -45.77
N ASN D 59 -7.99 5.86 -46.33
CA ASN D 59 -8.37 7.27 -46.09
C ASN D 59 -9.40 7.36 -44.96
N LEU D 60 -9.80 6.25 -44.33
CA LEU D 60 -10.98 6.27 -43.44
C LEU D 60 -10.56 6.86 -42.08
N PRO D 61 -11.26 7.88 -41.56
CA PRO D 61 -10.98 8.35 -40.20
C PRO D 61 -11.29 7.29 -39.15
N LYS D 62 -10.76 7.49 -37.96
CA LYS D 62 -11.10 6.68 -36.77
C LYS D 62 -11.82 7.54 -35.74
N THR D 63 -12.61 8.50 -36.19
CA THR D 63 -13.45 9.29 -35.29
C THR D 63 -14.61 9.88 -36.09
N PHE D 64 -15.68 10.18 -35.38
CA PHE D 64 -16.73 11.09 -35.86
C PHE D 64 -17.43 11.66 -34.64
N THR D 65 -18.19 12.73 -34.86
CA THR D 65 -18.85 13.45 -33.77
C THR D 65 -20.32 13.68 -34.14
N ILE D 66 -21.20 13.44 -33.18
CA ILE D 66 -22.66 13.75 -33.28
C ILE D 66 -22.94 14.83 -32.25
N LYS D 67 -23.55 15.94 -32.65
CA LYS D 67 -23.87 17.04 -31.69
C LYS D 67 -25.37 17.18 -31.56
N LEU D 68 -25.83 17.33 -30.32
CA LEU D 68 -27.19 17.81 -30.01
C LEU D 68 -27.04 19.25 -29.49
N LEU D 69 -27.60 20.19 -30.21
CA LEU D 69 -27.53 21.63 -29.90
C LEU D 69 -28.91 22.03 -29.42
N PHE D 70 -28.98 22.77 -28.33
CA PHE D 70 -30.26 23.22 -27.75
C PHE D 70 -30.28 24.72 -27.59
N ASP D 71 -31.45 25.31 -27.74
CA ASP D 71 -31.68 26.74 -27.49
C ASP D 71 -31.94 26.96 -25.99
N GLU D 72 -32.20 28.20 -25.59
CA GLU D 72 -32.31 28.60 -24.16
C GLU D 72 -33.56 27.96 -23.50
N ASN D 73 -34.48 27.41 -24.32
CA ASN D 73 -35.68 26.69 -23.85
C ASN D 73 -35.46 25.18 -23.88
N GLY D 74 -34.26 24.71 -24.18
CA GLY D 74 -33.93 23.28 -24.19
C GLY D 74 -34.51 22.58 -25.41
N ILE D 75 -34.82 23.34 -26.46
CA ILE D 75 -35.36 22.80 -27.74
C ILE D 75 -34.20 22.42 -28.66
N LEU D 76 -34.24 21.20 -29.19
CA LEU D 76 -33.22 20.71 -30.13
C LEU D 76 -33.24 21.58 -31.39
N LYS D 77 -32.08 22.09 -31.78
CA LYS D 77 -31.89 22.96 -32.94
C LYS D 77 -31.72 22.12 -34.20
N ASP D 78 -32.18 22.65 -35.33
CA ASP D 78 -32.13 22.03 -36.68
C ASP D 78 -30.69 21.69 -37.07
N SER D 79 -29.72 22.45 -36.57
CA SER D 79 -28.28 22.29 -36.91
C SER D 79 -27.70 21.03 -36.24
N SER D 80 -28.41 20.41 -35.30
CA SER D 80 -27.99 19.15 -34.64
C SER D 80 -27.80 18.03 -35.67
N ASN D 81 -26.93 17.08 -35.39
CA ASN D 81 -26.77 15.86 -36.21
C ASN D 81 -28.02 14.98 -36.09
N LEU D 82 -28.63 14.96 -34.92
CA LEU D 82 -29.90 14.23 -34.69
C LEU D 82 -31.07 14.99 -35.33
N ASP D 83 -31.91 14.30 -36.10
CA ASP D 83 -33.12 14.86 -36.75
C ASP D 83 -34.17 15.15 -35.65
N LYS D 84 -34.62 16.41 -35.56
CA LYS D 84 -35.63 16.91 -34.58
C LYS D 84 -36.91 16.08 -34.64
N ASN D 85 -37.24 15.49 -35.79
CA ASN D 85 -38.52 14.77 -35.97
C ASN D 85 -38.53 13.48 -35.13
N TYR D 86 -37.39 13.09 -34.57
CA TYR D 86 -37.24 11.79 -33.85
C TYR D 86 -37.03 12.04 -32.36
N TRP D 87 -37.22 13.28 -31.88
CA TRP D 87 -36.80 13.72 -30.53
C TRP D 87 -37.97 14.33 -29.79
N ASN D 88 -38.46 13.68 -28.74
CA ASN D 88 -39.67 14.14 -28.04
C ASN D 88 -39.82 13.42 -26.71
N TYR D 89 -40.79 13.83 -25.91
CA TYR D 89 -41.15 13.14 -24.65
C TYR D 89 -41.70 11.74 -24.99
N ARG D 90 -41.36 10.73 -24.19
CA ARG D 90 -42.01 9.39 -24.23
C ARG D 90 -43.39 9.56 -23.60
N ASN D 91 -44.44 9.02 -24.23
CA ASN D 91 -45.85 9.20 -23.80
C ASN D 91 -46.07 10.64 -23.28
N GLN D 99 -44.32 18.64 -31.11
CA GLN D 99 -42.96 19.02 -30.67
C GLN D 99 -43.05 19.95 -29.44
N TYR D 100 -42.11 19.81 -28.49
CA TYR D 100 -42.21 20.32 -27.10
C TYR D 100 -41.81 21.79 -27.04
N LYS D 101 -42.19 22.46 -25.93
CA LYS D 101 -42.09 23.93 -25.73
C LYS D 101 -40.93 24.26 -24.76
N ASN D 102 -40.63 23.38 -23.79
CA ASN D 102 -39.61 23.64 -22.74
C ASN D 102 -39.04 22.32 -22.22
N ALA D 103 -37.72 22.18 -22.27
CA ALA D 103 -37.02 21.01 -21.71
C ALA D 103 -35.78 21.46 -20.95
N VAL D 104 -35.82 22.64 -20.33
CA VAL D 104 -34.64 23.18 -19.60
C VAL D 104 -34.28 22.22 -18.45
N GLY D 105 -35.27 21.49 -17.92
CA GLY D 105 -35.04 20.48 -16.86
C GLY D 105 -34.18 19.33 -17.32
N PHE D 106 -33.97 19.16 -18.63
CA PHE D 106 -33.12 18.07 -19.18
C PHE D 106 -31.74 18.59 -19.59
N MET D 107 -31.51 19.89 -19.47
CA MET D 107 -30.31 20.50 -20.05
C MET D 107 -29.15 20.33 -19.08
N PRO D 108 -27.92 20.21 -19.61
CA PRO D 108 -26.74 20.13 -18.75
C PRO D 108 -26.50 21.48 -18.05
N ASN D 109 -26.47 21.42 -16.73
CA ASN D 109 -26.38 22.58 -15.81
C ASN D 109 -25.21 23.49 -16.21
N LEU D 110 -25.47 24.76 -16.48
CA LEU D 110 -24.42 25.73 -16.93
C LEU D 110 -23.46 26.08 -15.80
N ALA D 111 -23.90 26.08 -14.54
CA ALA D 111 -22.99 26.33 -13.40
C ALA D 111 -22.03 25.14 -13.28
N ALA D 112 -22.53 23.93 -13.45
CA ALA D 112 -21.74 22.69 -13.37
C ALA D 112 -20.81 22.56 -14.57
N TYR D 113 -21.31 22.93 -15.75
CA TYR D 113 -20.66 22.68 -17.06
C TYR D 113 -20.62 24.00 -17.83
N PRO D 114 -19.76 24.95 -17.42
CA PRO D 114 -19.77 26.27 -18.04
C PRO D 114 -19.31 26.23 -19.49
N LYS D 115 -19.83 27.14 -20.30
CA LYS D 115 -19.35 27.37 -21.70
C LYS D 115 -17.95 28.01 -21.61
N SER D 116 -17.10 27.81 -22.63
CA SER D 116 -15.75 28.44 -22.65
C SER D 116 -15.88 29.96 -22.81
N THR D 117 -15.17 30.75 -22.00
CA THR D 117 -15.01 32.23 -22.19
C THR D 117 -14.02 32.50 -23.31
N THR D 118 -14.06 33.69 -23.94
CA THR D 118 -13.21 34.06 -25.09
C THR D 118 -11.72 33.86 -24.73
N THR D 119 -11.35 34.15 -23.47
CA THR D 119 -9.96 34.06 -22.93
C THR D 119 -9.61 32.59 -22.58
N GLN D 120 -10.59 31.69 -22.56
CA GLN D 120 -10.44 30.30 -22.05
C GLN D 120 -9.99 29.36 -23.19
N SER D 121 -8.88 28.64 -23.00
CA SER D 121 -8.27 27.72 -23.98
C SER D 121 -8.93 26.33 -23.93
N LYS D 122 -9.76 26.06 -22.90
CA LYS D 122 -10.36 24.75 -22.64
C LYS D 122 -11.59 24.91 -21.75
N LEU D 123 -12.48 23.92 -21.80
CA LEU D 123 -13.50 23.63 -20.75
C LEU D 123 -12.84 23.01 -19.51
N TYR D 124 -13.49 23.10 -18.37
CA TYR D 124 -13.20 22.30 -17.16
C TYR D 124 -13.37 20.83 -17.54
N ALA D 125 -12.57 19.93 -16.99
CA ALA D 125 -12.69 18.50 -17.33
C ALA D 125 -14.03 17.96 -16.84
N ARG D 126 -14.67 18.59 -15.87
CA ARG D 126 -15.94 18.02 -15.31
C ARG D 126 -17.03 18.03 -16.39
N ASN D 127 -16.91 18.86 -17.43
CA ASN D 127 -17.85 18.89 -18.58
C ASN D 127 -17.80 17.60 -19.42
N THR D 128 -16.84 16.70 -19.18
CA THR D 128 -16.61 15.53 -20.03
C THR D 128 -16.82 14.25 -19.22
N ILE D 129 -17.44 13.28 -19.87
CA ILE D 129 -17.52 11.86 -19.44
C ILE D 129 -16.89 11.00 -20.51
N PHE D 130 -16.03 10.07 -20.13
CA PHE D 130 -15.55 9.04 -21.05
C PHE D 130 -16.20 7.71 -20.72
N GLY D 131 -16.53 6.97 -21.75
CA GLY D 131 -16.97 5.57 -21.62
C GLY D 131 -16.27 4.68 -22.61
N ASN D 132 -16.09 3.43 -22.26
CA ASN D 132 -15.62 2.39 -23.19
C ASN D 132 -16.85 1.61 -23.64
N ILE D 133 -17.11 1.61 -24.92
CA ILE D 133 -18.21 0.85 -25.56
C ILE D 133 -17.61 -0.07 -26.61
N TYR D 134 -18.41 -0.91 -27.23
CA TYR D 134 -17.89 -2.01 -28.06
C TYR D 134 -18.74 -2.18 -29.31
N LEU D 135 -18.11 -2.62 -30.37
CA LEU D 135 -18.82 -2.89 -31.64
C LEU D 135 -19.18 -4.35 -31.76
N ASP D 136 -20.35 -4.61 -32.31
CA ASP D 136 -20.80 -5.96 -32.70
C ASP D 136 -20.79 -6.89 -31.47
N SER D 137 -21.04 -6.37 -30.28
CA SER D 137 -21.22 -7.17 -29.04
C SER D 137 -19.95 -7.99 -28.72
N GLN D 138 -18.78 -7.48 -29.06
CA GLN D 138 -17.51 -8.17 -28.71
C GLN D 138 -16.61 -7.23 -27.91
N ALA D 139 -16.10 -7.74 -26.80
CA ALA D 139 -15.21 -6.99 -25.90
C ALA D 139 -13.90 -6.64 -26.63
N TYR D 140 -13.54 -7.33 -27.69
CA TYR D 140 -12.25 -7.00 -28.36
C TYR D 140 -12.47 -5.99 -29.47
N ASN D 141 -13.65 -5.32 -29.53
CA ASN D 141 -13.88 -4.21 -30.48
C ASN D 141 -14.15 -2.92 -29.74
N PRO D 142 -13.20 -2.39 -28.96
CA PRO D 142 -13.44 -1.19 -28.19
C PRO D 142 -13.52 0.09 -29.02
N VAL D 143 -14.37 0.99 -28.54
CA VAL D 143 -14.57 2.36 -29.01
C VAL D 143 -14.64 3.25 -27.77
N VAL D 144 -14.07 4.43 -27.85
CA VAL D 144 -14.15 5.41 -26.76
C VAL D 144 -15.25 6.40 -27.12
N ILE D 145 -16.24 6.52 -26.24
CA ILE D 145 -17.25 7.59 -26.35
C ILE D 145 -16.84 8.70 -25.39
N LYS D 146 -16.71 9.91 -25.93
CA LYS D 146 -16.40 11.10 -25.16
C LYS D 146 -17.61 12.02 -25.23
N ILE D 147 -18.27 12.20 -24.09
CA ILE D 147 -19.49 13.02 -23.99
C ILE D 147 -19.06 14.34 -23.36
N THR D 148 -19.31 15.45 -24.04
CA THR D 148 -18.95 16.77 -23.50
C THR D 148 -20.18 17.68 -23.48
N PHE D 149 -20.37 18.39 -22.39
CA PHE D 149 -21.49 19.33 -22.21
C PHE D 149 -21.04 20.75 -22.52
N ASN D 150 -21.88 21.48 -23.27
CA ASN D 150 -21.86 22.95 -23.39
C ASN D 150 -20.53 23.42 -24.02
N GLN D 151 -19.99 22.63 -24.94
CA GLN D 151 -18.76 22.95 -25.69
C GLN D 151 -19.09 23.83 -26.90
N GLU D 152 -20.34 23.81 -27.39
CA GLU D 152 -20.69 24.44 -28.70
C GLU D 152 -21.04 25.91 -28.46
N ALA D 153 -20.19 26.85 -28.91
CA ALA D 153 -20.26 28.28 -28.52
C ALA D 153 -21.59 28.90 -28.99
N ASP D 154 -22.18 28.40 -30.09
CA ASP D 154 -23.30 29.08 -30.78
C ASP D 154 -24.66 28.51 -30.35
N SER D 155 -24.70 27.74 -29.25
CA SER D 155 -25.95 27.16 -28.69
C SER D 155 -26.01 27.45 -27.20
N ALA D 156 -27.20 27.54 -26.63
CA ALA D 156 -27.37 27.78 -25.18
C ALA D 156 -26.83 26.58 -24.38
N TYR D 157 -27.10 25.38 -24.86
CA TYR D 157 -26.65 24.11 -24.26
C TYR D 157 -26.28 23.14 -25.37
N SER D 158 -25.43 22.19 -25.07
CA SER D 158 -25.05 21.17 -26.07
C SER D 158 -24.63 19.88 -25.40
N ILE D 159 -24.90 18.78 -26.09
CA ILE D 159 -24.33 17.45 -25.76
C ILE D 159 -23.58 17.02 -26.99
N THR D 160 -22.27 16.82 -26.87
CA THR D 160 -21.41 16.40 -27.98
C THR D 160 -20.99 14.95 -27.71
N LEU D 161 -21.21 14.07 -28.68
CA LEU D 161 -20.84 12.64 -28.60
C LEU D 161 -19.70 12.43 -29.60
N ASN D 162 -18.48 12.32 -29.11
CA ASN D 162 -17.29 12.05 -29.95
C ASN D 162 -16.97 10.56 -29.82
N TYR D 163 -16.95 9.87 -30.92
CA TYR D 163 -16.57 8.44 -30.97
C TYR D 163 -15.18 8.35 -31.58
N SER D 164 -14.30 7.59 -30.98
CA SER D 164 -12.95 7.39 -31.55
C SER D 164 -12.48 5.97 -31.20
N TRP D 165 -11.55 5.47 -31.99
CA TRP D 165 -11.01 4.12 -31.79
C TRP D 165 -9.62 4.06 -32.36
N GLY D 166 -8.83 3.06 -31.95
CA GLY D 166 -7.43 2.91 -32.39
C GLY D 166 -7.24 1.72 -33.30
N LYS D 167 -8.07 0.70 -33.18
CA LYS D 167 -7.85 -0.59 -33.86
C LYS D 167 -8.02 -0.43 -35.37
N ASP D 168 -7.16 -1.08 -36.13
CA ASP D 168 -7.31 -1.21 -37.61
C ASP D 168 -8.36 -2.29 -37.86
N TYR D 169 -9.61 -1.97 -37.57
CA TYR D 169 -10.76 -2.88 -37.75
C TYR D 169 -10.79 -3.40 -39.18
N GLU D 170 -11.15 -4.67 -39.33
CA GLU D 170 -11.29 -5.32 -40.64
C GLU D 170 -12.70 -5.90 -40.77
N ASN D 171 -13.58 -5.21 -41.49
CA ASN D 171 -14.99 -5.64 -41.77
C ASN D 171 -15.78 -5.77 -40.47
N ILE D 172 -15.71 -4.75 -39.64
CA ILE D 172 -16.45 -4.67 -38.35
C ILE D 172 -17.54 -3.62 -38.54
N PRO D 173 -18.82 -3.95 -38.27
CA PRO D 173 -19.89 -2.97 -38.36
C PRO D 173 -19.83 -1.98 -37.20
N PHE D 174 -20.12 -0.69 -37.47
CA PHE D 174 -20.31 0.27 -36.37
C PHE D 174 -21.71 0.08 -35.84
N ASP D 175 -21.84 -0.90 -34.96
CA ASP D 175 -23.08 -1.27 -34.26
C ASP D 175 -22.70 -1.37 -32.79
N SER D 176 -22.95 -0.32 -32.02
CA SER D 176 -22.37 -0.16 -30.67
C SER D 176 -23.26 -0.79 -29.62
N THR D 177 -22.62 -1.28 -28.56
CA THR D 177 -23.30 -1.66 -27.31
C THR D 177 -23.82 -0.41 -26.61
N SER D 178 -24.57 -0.62 -25.54
CA SER D 178 -25.25 0.47 -24.80
C SER D 178 -24.39 0.96 -23.63
N PHE D 179 -24.54 2.21 -23.29
CA PHE D 179 -23.76 2.87 -22.21
C PHE D 179 -24.70 3.78 -21.43
N THR D 180 -24.54 3.80 -20.11
CA THR D 180 -25.30 4.63 -19.21
C THR D 180 -24.37 5.68 -18.61
N PHE D 181 -24.88 6.88 -18.42
CA PHE D 181 -24.16 7.95 -17.70
C PHE D 181 -25.18 8.84 -17.05
N SER D 182 -24.73 9.82 -16.28
CA SER D 182 -25.65 10.84 -15.73
C SER D 182 -24.99 12.20 -15.80
N TYR D 183 -25.78 13.24 -15.67
CA TYR D 183 -25.25 14.61 -15.56
C TYR D 183 -26.19 15.45 -14.74
N ILE D 184 -25.65 16.54 -14.22
CA ILE D 184 -26.38 17.50 -13.36
C ILE D 184 -27.33 18.32 -14.25
N ALA D 185 -28.61 18.38 -13.88
CA ALA D 185 -29.66 19.09 -14.62
C ALA D 185 -29.62 20.58 -14.29
N GLN D 186 -29.92 21.40 -15.28
CA GLN D 186 -29.99 22.89 -15.16
C GLN D 186 -31.02 23.29 -14.12
N GLU D 187 -32.17 22.62 -14.07
CA GLU D 187 -33.17 22.91 -13.02
C GLU D 187 -33.98 21.64 -12.73
N LYS E 2 -44.27 -2.01 -5.93
CA LYS E 2 -43.19 -1.15 -5.41
C LYS E 2 -42.09 -0.96 -6.51
N LEU E 3 -41.09 -0.14 -6.20
CA LEU E 3 -40.22 0.50 -7.20
C LEU E 3 -38.84 -0.20 -7.22
N THR E 4 -38.59 -1.19 -6.34
CA THR E 4 -37.34 -1.98 -6.36
C THR E 4 -37.61 -3.49 -6.32
N LEU E 5 -37.01 -4.21 -7.26
CA LEU E 5 -36.98 -5.67 -7.36
C LEU E 5 -35.55 -6.09 -7.04
N TRP E 6 -35.32 -6.99 -6.09
CA TRP E 6 -33.92 -7.34 -5.71
C TRP E 6 -33.79 -8.76 -5.19
N THR E 7 -32.55 -9.20 -5.15
CA THR E 7 -32.11 -10.33 -4.35
C THR E 7 -32.09 -9.76 -2.94
N THR E 8 -32.46 -10.49 -1.94
CA THR E 8 -32.36 -9.93 -0.57
C THR E 8 -30.88 -9.60 -0.32
N LEU E 9 -30.54 -9.05 0.84
CA LEU E 9 -29.13 -8.87 1.27
C LEU E 9 -28.76 -9.98 2.26
N ASP E 10 -29.68 -10.91 2.48
CA ASP E 10 -29.47 -12.20 3.17
C ASP E 10 -28.07 -12.71 2.80
N PRO E 11 -27.25 -13.14 3.79
CA PRO E 11 -25.91 -13.66 3.50
C PRO E 11 -25.89 -15.06 2.84
N SER E 12 -27.04 -15.69 2.71
CA SER E 12 -27.20 -17.08 2.19
C SER E 12 -26.89 -17.11 0.69
N PRO E 13 -26.17 -18.13 0.20
CA PRO E 13 -26.05 -18.34 -1.25
C PRO E 13 -27.43 -18.47 -1.89
N ASN E 14 -27.57 -18.02 -3.14
CA ASN E 14 -28.89 -17.90 -3.79
C ASN E 14 -28.84 -18.24 -5.28
N CYS E 15 -27.73 -18.81 -5.75
CA CYS E 15 -27.47 -18.89 -7.21
C CYS E 15 -26.66 -20.15 -7.55
N ARG E 16 -26.96 -20.72 -8.71
CA ARG E 16 -26.29 -21.90 -9.28
C ARG E 16 -25.52 -21.47 -10.52
N ILE E 17 -24.20 -21.55 -10.48
CA ILE E 17 -23.36 -21.52 -11.72
C ILE E 17 -23.28 -22.95 -12.27
N ASP E 18 -22.75 -23.87 -11.47
CA ASP E 18 -22.63 -25.31 -11.85
C ASP E 18 -23.52 -26.14 -10.95
N VAL E 19 -23.53 -25.81 -9.67
CA VAL E 19 -24.17 -26.62 -8.61
C VAL E 19 -25.04 -25.69 -7.75
N ASP E 20 -26.11 -26.23 -7.17
CA ASP E 20 -27.03 -25.48 -6.28
C ASP E 20 -26.19 -24.69 -5.25
N LYS E 21 -26.50 -23.42 -5.07
CA LYS E 21 -25.96 -22.56 -3.99
C LYS E 21 -24.44 -22.51 -4.03
N ASP E 22 -23.85 -22.51 -5.21
CA ASP E 22 -22.38 -22.31 -5.34
C ASP E 22 -22.07 -20.81 -5.36
N SER E 23 -23.08 -19.94 -5.41
CA SER E 23 -22.80 -18.50 -5.61
C SER E 23 -23.89 -17.63 -4.98
N LYS E 24 -23.55 -16.36 -4.78
CA LYS E 24 -24.46 -15.35 -4.19
C LYS E 24 -24.47 -14.15 -5.11
N LEU E 25 -25.55 -13.99 -5.85
CA LEU E 25 -25.76 -12.84 -6.74
C LEU E 25 -26.44 -11.74 -5.92
N THR E 26 -25.92 -10.52 -5.96
CA THR E 26 -26.65 -9.35 -5.43
C THR E 26 -27.05 -8.50 -6.64
N LEU E 27 -28.35 -8.45 -6.92
CA LEU E 27 -28.88 -7.67 -8.04
C LEU E 27 -30.04 -6.82 -7.52
N VAL E 28 -29.97 -5.52 -7.79
CA VAL E 28 -30.99 -4.53 -7.38
C VAL E 28 -31.45 -3.82 -8.65
N LEU E 29 -32.74 -3.91 -8.96
CA LEU E 29 -33.37 -3.19 -10.11
C LEU E 29 -34.30 -2.13 -9.53
N THR E 30 -34.01 -0.86 -9.78
CA THR E 30 -34.80 0.27 -9.28
C THR E 30 -35.47 0.97 -10.46
N LYS E 31 -36.79 1.12 -10.43
CA LYS E 31 -37.50 1.75 -11.55
C LYS E 31 -37.40 3.26 -11.39
N CYS E 32 -36.76 3.93 -12.35
N CYS E 32 -36.75 3.94 -12.34
CA CYS E 32 -36.81 5.40 -12.53
CA CYS E 32 -36.84 5.41 -12.52
C CYS E 32 -37.54 5.69 -13.84
C CYS E 32 -37.55 5.68 -13.84
N GLY E 33 -38.86 5.55 -13.83
CA GLY E 33 -39.75 5.69 -15.01
C GLY E 33 -39.34 4.77 -16.12
N SER E 34 -38.93 5.36 -17.24
CA SER E 34 -38.69 4.65 -18.51
C SER E 34 -37.36 3.89 -18.42
N GLN E 35 -36.54 4.09 -17.38
CA GLN E 35 -35.29 3.31 -17.23
C GLN E 35 -35.26 2.55 -15.91
N ILE E 36 -34.64 1.39 -15.95
CA ILE E 36 -34.27 0.60 -14.75
C ILE E 36 -32.82 0.90 -14.44
N LEU E 37 -32.57 1.35 -13.22
CA LEU E 37 -31.22 1.55 -12.67
C LEU E 37 -30.82 0.27 -11.97
N ALA E 38 -29.76 -0.37 -12.43
CA ALA E 38 -29.39 -1.73 -12.00
C ALA E 38 -28.04 -1.69 -11.31
N ASN E 39 -27.91 -2.51 -10.27
CA ASN E 39 -26.67 -2.60 -9.49
C ASN E 39 -26.40 -4.09 -9.24
N VAL E 40 -25.19 -4.54 -9.53
CA VAL E 40 -24.89 -6.01 -9.48
C VAL E 40 -23.53 -6.25 -8.85
N SER E 41 -23.43 -7.32 -8.08
CA SER E 41 -22.15 -7.91 -7.62
C SER E 41 -22.32 -9.41 -7.52
N LEU E 42 -21.22 -10.16 -7.45
CA LEU E 42 -21.31 -11.62 -7.43
C LEU E 42 -20.17 -12.17 -6.57
N LEU E 43 -20.51 -13.08 -5.65
CA LEU E 43 -19.53 -13.83 -4.86
C LEU E 43 -19.72 -15.31 -5.18
N VAL E 44 -18.66 -16.02 -5.51
CA VAL E 44 -18.71 -17.50 -5.62
C VAL E 44 -18.31 -18.08 -4.26
N VAL E 45 -19.15 -18.91 -3.66
CA VAL E 45 -18.93 -19.36 -2.27
C VAL E 45 -18.30 -20.76 -2.23
N LYS E 46 -18.46 -21.58 -3.27
CA LYS E 46 -17.85 -22.92 -3.29
C LYS E 46 -17.71 -23.40 -4.72
N GLY E 47 -17.07 -24.55 -4.90
CA GLY E 47 -16.89 -25.14 -6.23
C GLY E 47 -15.70 -24.57 -6.97
N ARG E 48 -15.63 -24.88 -8.26
CA ARG E 48 -14.37 -24.73 -9.05
C ARG E 48 -14.02 -23.26 -9.28
N PHE E 49 -14.98 -22.33 -9.19
CA PHE E 49 -14.71 -20.89 -9.43
C PHE E 49 -14.52 -20.12 -8.11
N GLN E 50 -14.61 -20.77 -6.95
CA GLN E 50 -14.46 -20.04 -5.66
C GLN E 50 -13.06 -19.41 -5.58
N ASN E 51 -12.04 -20.19 -5.88
CA ASN E 51 -10.61 -19.79 -5.86
C ASN E 51 -10.04 -20.10 -7.23
N LEU E 52 -9.71 -19.10 -8.02
CA LEU E 52 -9.20 -19.30 -9.38
C LEU E 52 -7.70 -19.55 -9.32
N ASN E 53 -7.24 -20.67 -9.86
CA ASN E 53 -5.78 -20.92 -9.96
C ASN E 53 -5.51 -21.66 -11.26
N TYR E 54 -5.12 -20.92 -12.29
CA TYR E 54 -4.83 -21.48 -13.63
C TYR E 54 -3.43 -22.05 -13.68
N LYS E 55 -2.58 -21.77 -12.69
CA LYS E 55 -1.27 -22.43 -12.63
C LYS E 55 -1.47 -23.90 -12.23
N THR E 56 -2.42 -24.18 -11.33
CA THR E 56 -2.59 -25.53 -10.77
C THR E 56 -3.74 -26.29 -11.40
N ASN E 57 -4.69 -25.61 -12.04
N ASN E 57 -4.69 -25.61 -12.05
CA ASN E 57 -5.86 -26.30 -12.66
CA ASN E 57 -5.87 -26.30 -12.65
C ASN E 57 -5.89 -26.00 -14.15
C ASN E 57 -5.90 -26.00 -14.14
N PRO E 58 -5.40 -26.94 -14.98
CA PRO E 58 -5.27 -26.70 -16.42
C PRO E 58 -6.64 -26.68 -17.11
N ASN E 59 -7.64 -27.32 -16.51
CA ASN E 59 -8.93 -27.60 -17.16
C ASN E 59 -9.95 -26.50 -16.82
N LEU E 60 -9.59 -25.46 -16.08
CA LEU E 60 -10.60 -24.52 -15.53
C LEU E 60 -11.02 -23.55 -16.63
N PRO E 61 -12.33 -23.38 -16.92
CA PRO E 61 -12.78 -22.33 -17.84
C PRO E 61 -12.46 -20.94 -17.32
N LYS E 62 -12.49 -19.97 -18.25
CA LYS E 62 -12.39 -18.54 -17.89
C LYS E 62 -13.70 -17.82 -18.23
N THR E 63 -14.82 -18.52 -18.06
CA THR E 63 -16.14 -17.88 -18.21
C THR E 63 -17.17 -18.70 -17.45
N PHE E 64 -18.27 -18.05 -17.10
CA PHE E 64 -19.53 -18.72 -16.77
C PHE E 64 -20.66 -17.72 -17.01
N THR E 65 -21.87 -18.22 -17.06
CA THR E 65 -23.05 -17.38 -17.33
C THR E 65 -24.14 -17.64 -16.30
N ILE E 66 -24.77 -16.58 -15.83
CA ILE E 66 -25.96 -16.62 -14.93
C ILE E 66 -27.12 -16.00 -15.71
N LYS E 67 -28.24 -16.71 -15.83
CA LYS E 67 -29.40 -16.23 -16.59
C LYS E 67 -30.58 -15.99 -15.65
N LEU E 68 -31.24 -14.84 -15.82
CA LEU E 68 -32.56 -14.56 -15.23
C LEU E 68 -33.58 -14.61 -16.37
N LEU E 69 -34.48 -15.58 -16.31
CA LEU E 69 -35.50 -15.81 -17.34
C LEU E 69 -36.83 -15.37 -16.76
N PHE E 70 -37.62 -14.62 -17.52
CA PHE E 70 -38.93 -14.11 -17.05
C PHE E 70 -40.03 -14.52 -18.00
N ASP E 71 -41.21 -14.74 -17.44
CA ASP E 71 -42.45 -15.00 -18.22
C ASP E 71 -43.07 -13.67 -18.66
N GLU E 72 -44.22 -13.76 -19.34
CA GLU E 72 -44.90 -12.60 -19.98
C GLU E 72 -45.43 -11.62 -18.91
N ASN E 73 -45.48 -12.05 -17.63
CA ASN E 73 -45.86 -11.17 -16.50
C ASN E 73 -44.62 -10.66 -15.74
N GLY E 74 -43.42 -10.92 -16.25
CA GLY E 74 -42.18 -10.43 -15.63
C GLY E 74 -41.81 -11.22 -14.38
N ILE E 75 -42.36 -12.44 -14.26
CA ILE E 75 -42.08 -13.36 -13.11
C ILE E 75 -40.85 -14.21 -13.42
N LEU E 76 -39.91 -14.25 -12.48
CA LEU E 76 -38.70 -15.09 -12.59
C LEU E 76 -39.09 -16.55 -12.71
N LYS E 77 -38.57 -17.22 -13.74
CA LYS E 77 -38.81 -18.65 -14.01
C LYS E 77 -37.86 -19.52 -13.18
N ASP E 78 -38.32 -20.70 -12.76
CA ASP E 78 -37.53 -21.67 -11.97
C ASP E 78 -36.25 -22.09 -12.69
N SER E 79 -36.24 -22.04 -14.01
CA SER E 79 -35.10 -22.46 -14.86
C SER E 79 -33.95 -21.44 -14.77
N SER E 80 -34.17 -20.27 -14.17
CA SER E 80 -33.13 -19.24 -13.93
C SER E 80 -32.00 -19.83 -13.05
N ASN E 81 -30.79 -19.31 -13.20
CA ASN E 81 -29.66 -19.65 -12.31
C ASN E 81 -29.92 -19.11 -10.89
N LEU E 82 -30.57 -17.96 -10.81
CA LEU E 82 -30.97 -17.35 -9.52
C LEU E 82 -32.17 -18.08 -8.94
N ASP E 83 -32.12 -18.45 -7.66
CA ASP E 83 -33.21 -19.12 -6.92
C ASP E 83 -34.36 -18.11 -6.70
N LYS E 84 -35.57 -18.43 -7.16
CA LYS E 84 -36.81 -17.60 -7.05
C LYS E 84 -37.09 -17.19 -5.60
N ASN E 85 -36.66 -17.98 -4.62
CA ASN E 85 -36.95 -17.72 -3.19
C ASN E 85 -36.21 -16.47 -2.71
N TYR E 86 -35.28 -15.95 -3.49
CA TYR E 86 -34.39 -14.83 -3.07
C TYR E 86 -34.71 -13.58 -3.89
N TRP E 87 -35.81 -13.56 -4.64
CA TRP E 87 -36.11 -12.52 -5.67
C TRP E 87 -37.49 -11.94 -5.42
N ASN E 88 -37.58 -10.67 -5.02
CA ASN E 88 -38.88 -10.06 -4.66
C ASN E 88 -38.73 -8.54 -4.56
N TYR E 89 -39.85 -7.84 -4.36
CA TYR E 89 -39.84 -6.39 -4.09
C TYR E 89 -39.16 -6.14 -2.74
N ARG E 90 -38.38 -5.05 -2.63
CA ARG E 90 -37.86 -4.53 -1.34
C ARG E 90 -39.04 -3.89 -0.60
N ASN E 91 -39.18 -4.15 0.69
CA ASN E 91 -40.28 -3.57 1.52
C ASN E 91 -39.75 -3.17 2.91
N GLN E 99 -42.70 -14.27 -5.49
CA GLN E 99 -44.06 -14.32 -4.87
C GLN E 99 -44.96 -13.22 -5.42
N TYR E 100 -44.42 -12.34 -6.28
CA TYR E 100 -45.12 -11.18 -6.89
C TYR E 100 -45.94 -11.63 -8.11
N LYS E 101 -46.86 -10.77 -8.57
CA LYS E 101 -47.90 -11.08 -9.58
C LYS E 101 -47.54 -10.46 -10.95
N ASN E 102 -46.89 -9.27 -10.98
CA ASN E 102 -46.59 -8.54 -12.23
C ASN E 102 -45.38 -7.62 -12.04
N ALA E 103 -44.37 -7.77 -12.87
CA ALA E 103 -43.17 -6.90 -12.83
C ALA E 103 -42.78 -6.53 -14.26
N VAL E 104 -43.75 -6.38 -15.17
CA VAL E 104 -43.45 -6.06 -16.60
C VAL E 104 -42.77 -4.69 -16.67
N GLY E 105 -43.03 -3.81 -15.72
CA GLY E 105 -42.37 -2.48 -15.62
C GLY E 105 -40.87 -2.58 -15.37
N PHE E 106 -40.37 -3.74 -14.96
CA PHE E 106 -38.92 -3.96 -14.72
C PHE E 106 -38.25 -4.69 -15.89
N MET E 107 -39.04 -5.10 -16.88
CA MET E 107 -38.52 -6.00 -17.93
C MET E 107 -37.79 -5.17 -18.99
N PRO E 108 -36.75 -5.74 -19.62
CA PRO E 108 -36.06 -5.06 -20.70
C PRO E 108 -36.95 -4.92 -21.93
N ASN E 109 -37.13 -3.67 -22.36
CA ASN E 109 -38.06 -3.27 -23.43
C ASN E 109 -37.82 -4.09 -24.71
N LEU E 110 -38.86 -4.78 -25.21
CA LEU E 110 -38.73 -5.67 -26.40
C LEU E 110 -38.53 -4.85 -27.69
N ALA E 111 -39.06 -3.65 -27.80
CA ALA E 111 -38.82 -2.78 -28.98
C ALA E 111 -37.35 -2.35 -28.98
N ALA E 112 -36.82 -1.99 -27.81
CA ALA E 112 -35.41 -1.56 -27.64
C ALA E 112 -34.48 -2.75 -27.83
N TYR E 113 -34.84 -3.89 -27.30
CA TYR E 113 -33.97 -5.10 -27.19
C TYR E 113 -34.73 -6.30 -27.76
N PRO E 114 -34.86 -6.37 -29.09
CA PRO E 114 -35.69 -7.42 -29.69
C PRO E 114 -35.07 -8.81 -29.52
N LYS E 115 -35.91 -9.83 -29.40
CA LYS E 115 -35.48 -11.26 -29.42
C LYS E 115 -34.97 -11.58 -30.82
N SER E 116 -34.06 -12.55 -30.94
CA SER E 116 -33.56 -13.04 -32.26
C SER E 116 -34.70 -13.75 -33.01
N THR E 117 -34.96 -13.38 -34.27
CA THR E 117 -35.86 -14.12 -35.21
C THR E 117 -34.99 -15.11 -35.97
N THR E 118 -33.79 -14.66 -36.38
CA THR E 118 -32.86 -15.43 -37.25
C THR E 118 -32.42 -16.69 -36.50
N THR E 119 -32.20 -17.78 -37.25
CA THR E 119 -31.67 -19.10 -36.78
C THR E 119 -30.15 -19.04 -36.57
N GLN E 120 -29.47 -17.98 -37.02
CA GLN E 120 -28.09 -17.64 -36.61
C GLN E 120 -28.17 -16.89 -35.27
N SER E 121 -29.35 -16.33 -34.96
CA SER E 121 -29.82 -15.94 -33.61
C SER E 121 -29.15 -14.65 -33.12
N LYS E 122 -28.76 -13.76 -34.06
CA LYS E 122 -27.80 -12.64 -33.84
C LYS E 122 -28.51 -11.33 -33.45
N LEU E 123 -28.28 -10.88 -32.22
CA LEU E 123 -28.95 -9.69 -31.64
C LEU E 123 -28.30 -8.41 -32.14
N TYR E 124 -29.03 -7.30 -32.13
CA TYR E 124 -28.48 -5.93 -32.28
C TYR E 124 -27.50 -5.72 -31.13
N ALA E 125 -26.41 -4.98 -31.33
CA ALA E 125 -25.45 -4.73 -30.25
C ALA E 125 -26.11 -3.92 -29.11
N ARG E 126 -27.17 -3.20 -29.37
CA ARG E 126 -27.77 -2.34 -28.32
C ARG E 126 -28.36 -3.20 -27.19
N ASN E 127 -28.63 -4.48 -27.45
CA ASN E 127 -29.10 -5.44 -26.40
C ASN E 127 -28.00 -5.75 -25.37
N THR E 128 -26.75 -5.31 -25.57
CA THR E 128 -25.62 -5.69 -24.72
C THR E 128 -25.02 -4.45 -24.05
N ILE E 129 -24.63 -4.63 -22.80
CA ILE E 129 -23.77 -3.70 -22.01
C ILE E 129 -22.53 -4.45 -21.59
N PHE E 130 -21.37 -3.86 -21.76
CA PHE E 130 -20.12 -4.38 -21.18
C PHE E 130 -19.73 -3.52 -20.00
N GLY E 131 -19.25 -4.17 -18.96
CA GLY E 131 -18.61 -3.50 -17.83
C GLY E 131 -17.29 -4.15 -17.48
N ASN E 132 -16.35 -3.38 -16.99
CA ASN E 132 -15.12 -3.92 -16.38
C ASN E 132 -15.33 -3.91 -14.88
N ILE E 133 -15.28 -5.08 -14.26
CA ILE E 133 -15.39 -5.24 -12.80
C ILE E 133 -14.12 -5.94 -12.31
N TYR E 134 -13.98 -6.09 -11.01
CA TYR E 134 -12.67 -6.52 -10.46
C TYR E 134 -12.89 -7.53 -9.34
N LEU E 135 -11.93 -8.44 -9.18
CA LEU E 135 -11.99 -9.43 -8.10
C LEU E 135 -11.17 -8.98 -6.91
N ASP E 136 -11.67 -9.24 -5.70
CA ASP E 136 -10.92 -9.08 -4.44
C ASP E 136 -10.53 -7.60 -4.30
N SER E 137 -11.32 -6.67 -4.81
CA SER E 137 -11.15 -5.22 -4.61
C SER E 137 -9.79 -4.75 -5.13
N GLN E 138 -9.24 -5.39 -6.16
N GLN E 138 -9.24 -5.40 -6.15
CA GLN E 138 -7.95 -4.96 -6.75
CA GLN E 138 -7.94 -4.98 -6.75
C GLN E 138 -8.15 -4.65 -8.23
C GLN E 138 -8.15 -4.65 -8.22
N ALA E 139 -7.66 -3.49 -8.64
CA ALA E 139 -7.75 -3.00 -10.02
C ALA E 139 -6.96 -3.94 -10.95
N TYR E 140 -6.03 -4.71 -10.45
CA TYR E 140 -5.25 -5.58 -11.39
C TYR E 140 -5.89 -6.96 -11.48
N ASN E 141 -7.14 -7.13 -11.02
CA ASN E 141 -7.91 -8.40 -11.22
C ASN E 141 -9.14 -8.15 -12.06
N PRO E 142 -9.00 -7.72 -13.31
CA PRO E 142 -10.17 -7.42 -14.13
C PRO E 142 -10.94 -8.65 -14.58
N VAL E 143 -12.26 -8.46 -14.65
CA VAL E 143 -13.25 -9.39 -15.22
C VAL E 143 -14.18 -8.58 -16.10
N VAL E 144 -14.59 -9.15 -17.21
CA VAL E 144 -15.58 -8.48 -18.10
C VAL E 144 -16.95 -9.05 -17.77
N ILE E 145 -17.88 -8.17 -17.42
CA ILE E 145 -19.30 -8.57 -17.32
C ILE E 145 -19.98 -8.12 -18.61
N LYS E 146 -20.64 -9.07 -19.24
CA LYS E 146 -21.42 -8.83 -20.46
C LYS E 146 -22.87 -9.09 -20.12
N ILE E 147 -23.66 -8.03 -20.12
CA ILE E 147 -25.11 -8.09 -19.81
C ILE E 147 -25.85 -8.03 -21.14
N THR E 148 -26.66 -9.04 -21.42
CA THR E 148 -27.44 -9.10 -22.67
C THR E 148 -28.92 -9.27 -22.35
N PHE E 149 -29.76 -8.49 -23.01
CA PHE E 149 -31.23 -8.55 -22.82
C PHE E 149 -31.87 -9.40 -23.91
N ASN E 150 -32.80 -10.26 -23.49
CA ASN E 150 -33.80 -10.92 -24.39
C ASN E 150 -33.09 -11.82 -25.40
N GLN E 151 -31.99 -12.44 -25.01
CA GLN E 151 -31.21 -13.40 -25.83
C GLN E 151 -31.84 -14.80 -25.73
N GLU E 152 -32.58 -15.10 -24.66
CA GLU E 152 -32.97 -16.51 -24.35
C GLU E 152 -34.32 -16.79 -25.05
N ALA E 153 -34.31 -17.67 -26.06
CA ALA E 153 -35.42 -17.85 -27.01
C ALA E 153 -36.69 -18.33 -26.29
N ASP E 154 -36.56 -19.09 -25.18
CA ASP E 154 -37.69 -19.84 -24.58
C ASP E 154 -38.34 -19.04 -23.44
N SER E 155 -38.05 -17.75 -23.31
CA SER E 155 -38.62 -16.89 -22.24
C SER E 155 -39.15 -15.60 -22.89
N ALA E 156 -40.12 -14.96 -22.26
CA ALA E 156 -40.70 -13.69 -22.74
C ALA E 156 -39.64 -12.59 -22.66
N TYR E 157 -38.86 -12.56 -21.58
CA TYR E 157 -37.76 -11.60 -21.35
C TYR E 157 -36.62 -12.33 -20.67
N SER E 158 -35.41 -11.78 -20.80
CA SER E 158 -34.26 -12.38 -20.10
C SER E 158 -33.18 -11.34 -19.85
N ILE E 159 -32.46 -11.55 -18.76
CA ILE E 159 -31.21 -10.83 -18.46
C ILE E 159 -30.13 -11.89 -18.33
N THR E 160 -29.14 -11.84 -19.19
CA THR E 160 -28.02 -12.81 -19.19
C THR E 160 -26.77 -12.08 -18.69
N LEU E 161 -26.11 -12.61 -17.67
CA LEU E 161 -24.87 -12.06 -17.11
C LEU E 161 -23.75 -13.03 -17.44
N ASN E 162 -22.93 -12.68 -18.42
CA ASN E 162 -21.78 -13.51 -18.84
C ASN E 162 -20.53 -12.89 -18.23
N TYR E 163 -19.81 -13.67 -17.46
CA TYR E 163 -18.53 -13.24 -16.86
C TYR E 163 -17.39 -13.93 -17.59
N SER E 164 -16.38 -13.19 -17.98
CA SER E 164 -15.20 -13.77 -18.66
C SER E 164 -13.95 -12.99 -18.26
N TRP E 165 -12.80 -13.62 -18.36
CA TRP E 165 -11.53 -12.98 -18.01
C TRP E 165 -10.42 -13.64 -18.79
N GLY E 166 -9.26 -12.98 -18.88
CA GLY E 166 -8.12 -13.48 -19.65
C GLY E 166 -6.96 -13.89 -18.78
N LYS E 167 -6.84 -13.29 -17.59
CA LYS E 167 -5.63 -13.47 -16.75
C LYS E 167 -5.55 -14.91 -16.24
N ASP E 168 -4.35 -15.44 -16.22
CA ASP E 168 -4.07 -16.75 -15.55
C ASP E 168 -3.97 -16.47 -14.06
N TYR E 169 -5.11 -16.20 -13.44
CA TYR E 169 -5.22 -15.89 -12.00
C TYR E 169 -4.59 -16.99 -11.18
N GLU E 170 -3.91 -16.60 -10.09
CA GLU E 170 -3.29 -17.55 -9.16
C GLU E 170 -3.82 -17.33 -7.75
N ASN E 171 -4.75 -18.15 -7.30
CA ASN E 171 -5.36 -18.11 -5.94
C ASN E 171 -6.09 -16.79 -5.72
N ILE E 172 -6.92 -16.40 -6.69
CA ILE E 172 -7.76 -15.17 -6.62
C ILE E 172 -9.20 -15.62 -6.40
N PRO E 173 -9.88 -15.13 -5.36
CA PRO E 173 -11.28 -15.48 -5.13
C PRO E 173 -12.21 -14.78 -6.11
N PHE E 174 -13.23 -15.48 -6.63
CA PHE E 174 -14.26 -14.81 -7.44
C PHE E 174 -15.21 -14.09 -6.48
N ASP E 175 -14.78 -12.91 -6.06
CA ASP E 175 -15.49 -12.00 -5.14
C ASP E 175 -15.45 -10.65 -5.83
N SER E 176 -16.54 -10.28 -6.51
CA SER E 176 -16.52 -9.14 -7.48
C SER E 176 -16.88 -7.84 -6.81
N THR E 177 -16.30 -6.76 -7.31
CA THR E 177 -16.77 -5.39 -7.03
C THR E 177 -18.15 -5.16 -7.65
N SER E 178 -18.74 -4.03 -7.33
CA SER E 178 -20.10 -3.67 -7.76
C SER E 178 -20.06 -2.88 -9.07
N PHE E 179 -21.12 -3.01 -9.85
CA PHE E 179 -21.26 -2.30 -11.14
C PHE E 179 -22.69 -1.81 -11.28
N THR E 180 -22.82 -0.60 -11.82
CA THR E 180 -24.11 0.03 -12.09
C THR E 180 -24.31 0.09 -13.60
N PHE E 181 -25.54 -0.10 -14.03
CA PHE E 181 -25.94 0.11 -15.44
C PHE E 181 -27.40 0.50 -15.46
N SER E 182 -27.92 0.79 -16.64
CA SER E 182 -29.37 1.02 -16.79
C SER E 182 -29.86 0.39 -18.08
N TYR E 183 -31.15 0.22 -18.19
CA TYR E 183 -31.75 -0.24 -19.46
C TYR E 183 -33.14 0.33 -19.57
N ILE E 184 -33.63 0.34 -20.81
CA ILE E 184 -34.98 0.86 -21.15
C ILE E 184 -36.04 -0.15 -20.67
N ALA E 185 -37.02 0.32 -19.91
CA ALA E 185 -38.11 -0.51 -19.34
C ALA E 185 -39.19 -0.78 -20.39
N GLN E 186 -39.77 -1.97 -20.36
CA GLN E 186 -40.88 -2.40 -21.25
C GLN E 186 -42.07 -1.47 -21.11
N GLU E 187 -42.42 -1.05 -19.89
CA GLU E 187 -43.51 -0.05 -19.71
C GLU E 187 -43.23 0.77 -18.44
N LYS F 2 -35.30 17.81 -1.09
CA LYS F 2 -34.68 16.87 -0.17
C LYS F 2 -34.36 15.53 -0.83
N LEU F 3 -34.33 15.44 -2.16
CA LEU F 3 -33.99 14.21 -2.90
C LEU F 3 -32.54 14.27 -3.41
N THR F 4 -31.83 15.40 -3.27
CA THR F 4 -30.41 15.54 -3.65
C THR F 4 -29.59 16.16 -2.52
N LEU F 5 -28.51 15.49 -2.17
CA LEU F 5 -27.45 15.94 -1.25
C LEU F 5 -26.23 16.25 -2.11
N TRP F 6 -25.66 17.44 -2.03
CA TRP F 6 -24.52 17.76 -2.93
C TRP F 6 -23.55 18.77 -2.31
N THR F 7 -22.38 18.83 -2.91
CA THR F 7 -21.44 19.94 -2.78
C THR F 7 -22.10 21.03 -3.61
N THR F 8 -22.06 22.25 -3.21
CA THR F 8 -22.66 23.29 -4.07
C THR F 8 -21.88 23.27 -5.40
N LEU F 9 -22.27 24.11 -6.36
CA LEU F 9 -21.49 24.34 -7.61
C LEU F 9 -20.68 25.64 -7.46
N ASP F 10 -20.77 26.28 -6.29
CA ASP F 10 -19.85 27.35 -5.84
C ASP F 10 -18.44 27.04 -6.37
N PRO F 11 -17.75 28.02 -7.01
CA PRO F 11 -16.40 27.78 -7.55
C PRO F 11 -15.30 27.67 -6.47
N SER F 12 -15.64 27.92 -5.21
CA SER F 12 -14.70 27.95 -4.05
C SER F 12 -14.17 26.55 -3.78
N PRO F 13 -12.86 26.40 -3.48
CA PRO F 13 -12.35 25.12 -3.00
C PRO F 13 -13.10 24.69 -1.72
N ASN F 14 -13.25 23.37 -1.54
CA ASN F 14 -14.13 22.83 -0.47
C ASN F 14 -13.56 21.57 0.17
N CYS F 15 -12.31 21.24 -0.11
CA CYS F 15 -11.78 19.90 0.22
C CYS F 15 -10.28 19.95 0.54
N ARG F 16 -9.87 19.11 1.47
CA ARG F 16 -8.47 18.96 1.92
C ARG F 16 -7.98 17.58 1.50
N ILE F 17 -7.01 17.52 0.61
CA ILE F 17 -6.20 16.28 0.40
C ILE F 17 -5.06 16.28 1.41
N ASP F 18 -4.20 17.30 1.36
CA ASP F 18 -3.06 17.44 2.31
C ASP F 18 -3.28 18.67 3.17
N VAL F 19 -3.77 19.76 2.56
CA VAL F 19 -3.88 21.08 3.19
C VAL F 19 -5.30 21.63 2.94
N ASP F 20 -5.78 22.45 3.87
N ASP F 20 -5.78 22.46 3.86
CA ASP F 20 -7.12 23.08 3.77
CA ASP F 20 -7.15 23.04 3.77
C ASP F 20 -7.29 23.67 2.36
C ASP F 20 -7.30 23.67 2.37
N LYS F 21 -8.43 23.40 1.72
CA LYS F 21 -8.85 24.06 0.46
C LYS F 21 -7.81 23.87 -0.64
N ASP F 22 -7.16 22.70 -0.70
CA ASP F 22 -6.25 22.41 -1.83
C ASP F 22 -7.06 21.81 -2.98
N SER F 23 -8.35 21.52 -2.80
CA SER F 23 -9.12 20.82 -3.85
C SER F 23 -10.59 21.19 -3.83
N LYS F 24 -11.27 20.89 -4.93
CA LYS F 24 -12.71 21.14 -5.09
C LYS F 24 -13.36 19.86 -5.56
N LEU F 25 -14.08 19.22 -4.67
CA LEU F 25 -14.86 18.01 -4.96
C LEU F 25 -16.23 18.43 -5.44
N THR F 26 -16.72 17.88 -6.54
CA THR F 26 -18.13 18.00 -6.93
C THR F 26 -18.76 16.63 -6.77
N LEU F 27 -19.63 16.47 -5.78
CA LEU F 27 -20.31 15.20 -5.52
C LEU F 27 -21.80 15.48 -5.39
N VAL F 28 -22.60 14.76 -6.18
CA VAL F 28 -24.06 14.88 -6.20
C VAL F 28 -24.62 13.49 -5.90
N LEU F 29 -25.40 13.38 -4.84
CA LEU F 29 -26.10 12.13 -4.46
C LEU F 29 -27.60 12.35 -4.64
N THR F 30 -28.22 11.63 -5.55
CA THR F 30 -29.67 11.76 -5.85
C THR F 30 -30.38 10.49 -5.43
N LYS F 31 -31.40 10.60 -4.59
CA LYS F 31 -32.11 9.40 -4.12
C LYS F 31 -33.13 8.99 -5.18
N CYS F 32 -32.96 7.78 -5.74
N CYS F 32 -32.96 7.79 -5.76
CA CYS F 32 -33.98 7.07 -6.55
CA CYS F 32 -34.00 7.08 -6.54
C CYS F 32 -34.41 5.83 -5.77
C CYS F 32 -34.41 5.84 -5.76
N GLY F 33 -35.24 6.04 -4.73
CA GLY F 33 -35.70 5.01 -3.79
C GLY F 33 -34.55 4.26 -3.16
N SER F 34 -34.46 2.97 -3.46
CA SER F 34 -33.54 2.04 -2.77
C SER F 34 -32.11 2.27 -3.28
N GLN F 35 -31.90 3.06 -4.34
CA GLN F 35 -30.52 3.34 -4.81
C GLN F 35 -30.25 4.84 -4.80
N ILE F 36 -29.00 5.16 -4.49
CA ILE F 36 -28.44 6.52 -4.66
C ILE F 36 -27.73 6.55 -6.00
N LEU F 37 -28.11 7.51 -6.84
CA LEU F 37 -27.40 7.79 -8.10
C LEU F 37 -26.38 8.87 -7.81
N ALA F 38 -25.09 8.56 -7.99
CA ALA F 38 -23.98 9.42 -7.56
C ALA F 38 -23.20 9.91 -8.77
N ASN F 39 -22.72 11.15 -8.68
CA ASN F 39 -21.97 11.79 -9.79
C ASN F 39 -20.81 12.53 -9.14
N VAL F 40 -19.59 12.32 -9.62
CA VAL F 40 -18.40 12.87 -8.93
C VAL F 40 -17.39 13.39 -9.96
N SER F 41 -16.75 14.49 -9.60
CA SER F 41 -15.56 15.01 -10.31
C SER F 41 -14.67 15.69 -9.28
N LEU F 42 -13.40 15.93 -9.62
CA LEU F 42 -12.45 16.48 -8.65
C LEU F 42 -11.45 17.35 -9.38
N LEU F 43 -11.26 18.57 -8.90
CA LEU F 43 -10.19 19.48 -9.37
C LEU F 43 -9.25 19.76 -8.20
N VAL F 44 -7.95 19.60 -8.40
CA VAL F 44 -6.96 20.05 -7.39
C VAL F 44 -6.56 21.48 -7.73
N VAL F 45 -6.68 22.41 -6.79
CA VAL F 45 -6.51 23.85 -7.10
C VAL F 45 -5.13 24.35 -6.68
N LYS F 46 -4.46 23.70 -5.73
CA LYS F 46 -3.09 24.09 -5.32
C LYS F 46 -2.38 22.92 -4.65
N GLY F 47 -1.12 23.10 -4.33
CA GLY F 47 -0.30 22.08 -3.65
C GLY F 47 0.31 21.07 -4.61
N ARG F 48 0.83 19.99 -4.06
CA ARG F 48 1.76 19.08 -4.80
C ARG F 48 1.03 18.29 -5.90
N PHE F 49 -0.29 18.13 -5.84
CA PHE F 49 -1.06 17.37 -6.84
C PHE F 49 -1.72 18.30 -7.89
N GLN F 50 -1.57 19.61 -7.79
CA GLN F 50 -2.22 20.53 -8.75
C GLN F 50 -1.71 20.26 -10.16
N ASN F 51 -0.39 20.17 -10.31
CA ASN F 51 0.32 19.91 -11.58
C ASN F 51 1.21 18.69 -11.36
N LEU F 52 0.91 17.57 -11.98
CA LEU F 52 1.67 16.34 -11.78
C LEU F 52 2.90 16.35 -12.69
N ASN F 53 4.10 16.20 -12.13
CA ASN F 53 5.29 16.02 -12.97
C ASN F 53 6.27 15.07 -12.29
N TYR F 54 6.23 13.81 -12.70
CA TYR F 54 7.07 12.73 -12.16
C TYR F 54 8.45 12.74 -12.78
N LYS F 55 8.64 13.49 -13.87
CA LYS F 55 9.98 13.64 -14.44
C LYS F 55 10.82 14.56 -13.54
N THR F 56 10.20 15.59 -12.94
CA THR F 56 10.93 16.60 -12.17
C THR F 56 10.80 16.39 -10.67
N ASN F 57 9.79 15.67 -10.20
N ASN F 57 9.80 15.66 -10.21
CA ASN F 57 9.58 15.46 -8.75
CA ASN F 57 9.58 15.45 -8.75
C ASN F 57 9.59 13.96 -8.45
C ASN F 57 9.59 13.96 -8.45
N PRO F 58 10.74 13.43 -7.98
CA PRO F 58 10.90 11.99 -7.79
C PRO F 58 10.06 11.46 -6.60
N ASN F 59 9.73 12.34 -5.65
CA ASN F 59 9.17 11.94 -4.34
C ASN F 59 7.64 12.00 -4.38
N LEU F 60 7.01 12.30 -5.50
CA LEU F 60 5.56 12.59 -5.52
C LEU F 60 4.79 11.27 -5.50
N PRO F 61 3.82 11.06 -4.59
CA PRO F 61 2.97 9.87 -4.66
C PRO F 61 2.12 9.82 -5.91
N LYS F 62 1.59 8.64 -6.21
CA LYS F 62 0.62 8.43 -7.30
C LYS F 62 -0.73 8.00 -6.72
N THR F 63 -1.06 8.52 -5.54
CA THR F 63 -2.37 8.27 -4.95
C THR F 63 -2.68 9.37 -3.94
N PHE F 64 -3.96 9.57 -3.70
CA PHE F 64 -4.45 10.25 -2.48
C PHE F 64 -5.87 9.78 -2.23
N THR F 65 -6.37 10.04 -1.05
CA THR F 65 -7.71 9.58 -0.63
C THR F 65 -8.49 10.74 -0.02
N ILE F 66 -9.76 10.86 -0.39
CA ILE F 66 -10.74 11.80 0.19
C ILE F 66 -11.82 10.97 0.89
N LYS F 67 -12.08 11.24 2.16
CA LYS F 67 -13.09 10.47 2.94
C LYS F 67 -14.26 11.38 3.31
N LEU F 68 -15.46 10.86 3.15
CA LEU F 68 -16.69 11.43 3.72
C LEU F 68 -17.14 10.50 4.84
N LEU F 69 -17.12 11.01 6.07
CA LEU F 69 -17.45 10.25 7.27
C LEU F 69 -18.80 10.76 7.75
N PHE F 70 -19.72 9.88 8.09
CA PHE F 70 -21.06 10.26 8.55
C PHE F 70 -21.37 9.64 9.91
N ASP F 71 -22.15 10.37 10.70
CA ASP F 71 -22.67 9.87 12.00
C ASP F 71 -23.94 9.05 11.76
N GLU F 72 -24.55 8.56 12.84
CA GLU F 72 -25.70 7.63 12.82
C GLU F 72 -26.96 8.32 12.22
N ASN F 73 -26.94 9.65 12.09
CA ASN F 73 -28.03 10.43 11.44
C ASN F 73 -27.67 10.80 10.01
N GLY F 74 -26.56 10.29 9.49
CA GLY F 74 -26.14 10.57 8.10
C GLY F 74 -25.60 11.98 7.94
N ILE F 75 -25.16 12.60 9.03
CA ILE F 75 -24.56 13.97 9.05
C ILE F 75 -23.06 13.85 8.80
N LEU F 76 -22.55 14.65 7.87
CA LEU F 76 -21.11 14.70 7.55
C LEU F 76 -20.35 15.18 8.78
N LYS F 77 -19.33 14.42 9.16
CA LYS F 77 -18.46 14.71 10.32
C LYS F 77 -17.35 15.68 9.91
N ASP F 78 -16.93 16.52 10.86
CA ASP F 78 -15.84 17.51 10.70
C ASP F 78 -14.53 16.86 10.28
N SER F 79 -14.32 15.60 10.65
CA SER F 79 -13.08 14.84 10.35
C SER F 79 -13.00 14.47 8.86
N SER F 80 -14.08 14.65 8.10
CA SER F 80 -14.10 14.38 6.64
C SER F 80 -13.10 15.29 5.92
N ASN F 81 -12.59 14.85 4.78
CA ASN F 81 -11.74 15.70 3.89
C ASN F 81 -12.59 16.81 3.29
N LEU F 82 -13.86 16.53 3.00
CA LEU F 82 -14.82 17.53 2.48
C LEU F 82 -15.26 18.45 3.61
N ASP F 83 -15.21 19.77 3.39
CA ASP F 83 -15.65 20.81 4.36
C ASP F 83 -17.19 20.76 4.46
N LYS F 84 -17.72 20.58 5.68
CA LYS F 84 -19.17 20.52 6.01
C LYS F 84 -19.94 21.74 5.46
N ASN F 85 -19.27 22.89 5.34
CA ASN F 85 -19.94 24.14 4.95
C ASN F 85 -20.39 24.08 3.48
N TYR F 86 -19.96 23.08 2.74
CA TYR F 86 -20.19 22.97 1.28
C TYR F 86 -21.13 21.80 0.97
N TRP F 87 -21.77 21.23 1.98
CA TRP F 87 -22.51 19.95 1.88
C TRP F 87 -23.93 20.12 2.39
N ASN F 88 -24.92 20.04 1.52
CA ASN F 88 -26.34 20.27 1.93
C ASN F 88 -27.29 19.79 0.84
N TYR F 89 -28.58 19.82 1.13
CA TYR F 89 -29.63 19.54 0.13
C TYR F 89 -29.60 20.61 -0.97
N ARG F 90 -29.80 20.23 -2.23
CA ARG F 90 -30.03 21.17 -3.37
C ARG F 90 -31.43 21.76 -3.20
N ASN F 91 -31.57 23.08 -3.35
CA ASN F 91 -32.88 23.76 -3.48
C ASN F 91 -32.75 24.93 -4.46
N GLN F 99 -27.41 23.57 7.97
CA GLN F 99 -27.05 22.19 8.41
C GLN F 99 -28.31 21.33 8.48
N TYR F 100 -28.32 20.16 7.82
CA TYR F 100 -29.47 19.20 7.80
C TYR F 100 -29.47 18.33 9.07
N LYS F 101 -30.60 17.69 9.35
CA LYS F 101 -30.87 16.95 10.62
C LYS F 101 -30.78 15.43 10.41
N ASN F 102 -31.15 14.92 9.21
CA ASN F 102 -31.20 13.46 8.94
C ASN F 102 -31.04 13.19 7.45
N ALA F 103 -30.06 12.37 7.09
CA ALA F 103 -29.84 11.97 5.69
C ALA F 103 -29.52 10.47 5.66
N VAL F 104 -30.12 9.68 6.55
CA VAL F 104 -29.85 8.20 6.59
C VAL F 104 -30.31 7.58 5.27
N GLY F 105 -31.28 8.18 4.59
CA GLY F 105 -31.76 7.71 3.27
C GLY F 105 -30.70 7.82 2.18
N PHE F 106 -29.62 8.56 2.44
CA PHE F 106 -28.50 8.73 1.46
C PHE F 106 -27.32 7.84 1.83
N MET F 107 -27.38 7.14 2.95
CA MET F 107 -26.21 6.44 3.49
C MET F 107 -26.06 5.08 2.80
N PRO F 108 -24.82 4.60 2.62
CA PRO F 108 -24.59 3.27 2.07
C PRO F 108 -25.06 2.17 3.03
N ASN F 109 -25.95 1.33 2.51
CA ASN F 109 -26.68 0.29 3.27
C ASN F 109 -25.68 -0.61 4.03
N LEU F 110 -25.84 -0.74 5.35
CA LEU F 110 -24.91 -1.53 6.20
C LEU F 110 -25.06 -3.03 5.96
N ALA F 111 -26.23 -3.53 5.60
CA ALA F 111 -26.41 -4.96 5.26
C ALA F 111 -25.68 -5.26 3.95
N ALA F 112 -25.78 -4.36 2.98
CA ALA F 112 -25.13 -4.49 1.65
C ALA F 112 -23.62 -4.33 1.81
N TYR F 113 -23.19 -3.38 2.64
CA TYR F 113 -21.79 -2.92 2.74
C TYR F 113 -21.38 -2.93 4.20
N PRO F 114 -21.15 -4.13 4.78
CA PRO F 114 -20.88 -4.21 6.21
C PRO F 114 -19.53 -3.59 6.58
N LYS F 115 -19.44 -3.02 7.78
CA LYS F 115 -18.18 -2.52 8.36
C LYS F 115 -17.27 -3.72 8.64
N SER F 116 -15.95 -3.53 8.63
CA SER F 116 -14.99 -4.58 9.07
C SER F 116 -15.16 -4.77 10.59
N THR F 117 -15.24 -6.01 11.06
CA THR F 117 -15.25 -6.40 12.50
C THR F 117 -13.85 -6.18 13.10
N THR F 118 -13.74 -5.97 14.42
CA THR F 118 -12.43 -5.71 15.10
C THR F 118 -11.46 -6.88 14.82
N THR F 119 -12.00 -8.10 14.71
CA THR F 119 -11.30 -9.38 14.44
C THR F 119 -10.96 -9.52 12.94
N GLN F 120 -11.50 -8.66 12.07
CA GLN F 120 -11.21 -8.69 10.60
C GLN F 120 -11.37 -7.29 9.98
N SER F 121 -10.30 -6.80 9.34
CA SER F 121 -10.25 -5.48 8.66
C SER F 121 -10.77 -5.59 7.22
N LYS F 122 -11.00 -6.81 6.70
CA LYS F 122 -11.10 -7.06 5.22
C LYS F 122 -12.57 -7.09 4.75
N LEU F 123 -12.96 -6.12 3.93
CA LEU F 123 -14.36 -5.93 3.45
C LEU F 123 -14.63 -6.93 2.31
N TYR F 124 -15.89 -7.33 2.10
CA TYR F 124 -16.24 -8.09 0.88
C TYR F 124 -16.14 -7.09 -0.27
N ALA F 125 -15.84 -7.61 -1.46
CA ALA F 125 -15.54 -6.76 -2.63
C ALA F 125 -16.77 -5.94 -3.02
N ARG F 126 -17.98 -6.37 -2.64
CA ARG F 126 -19.19 -5.62 -3.08
C ARG F 126 -19.21 -4.18 -2.49
N ASN F 127 -18.46 -3.94 -1.42
CA ASN F 127 -18.32 -2.57 -0.82
C ASN F 127 -17.54 -1.62 -1.73
N THR F 128 -16.95 -2.08 -2.85
CA THR F 128 -16.06 -1.27 -3.68
C THR F 128 -16.63 -1.17 -5.11
N ILE F 129 -16.46 0.02 -5.68
CA ILE F 129 -16.68 0.32 -7.12
C ILE F 129 -15.38 0.87 -7.68
N PHE F 130 -14.97 0.38 -8.83
CA PHE F 130 -13.87 0.96 -9.59
C PHE F 130 -14.42 1.71 -10.78
N GLY F 131 -13.84 2.86 -11.04
CA GLY F 131 -14.08 3.62 -12.29
C GLY F 131 -12.80 4.02 -12.93
N ASN F 132 -12.78 4.09 -14.25
CA ASN F 132 -11.67 4.72 -15.00
C ASN F 132 -12.09 6.13 -15.37
N ILE F 133 -11.39 7.12 -14.87
CA ILE F 133 -11.64 8.55 -15.15
C ILE F 133 -10.37 9.13 -15.75
N TYR F 134 -10.39 10.40 -16.15
CA TYR F 134 -9.31 10.94 -16.99
C TYR F 134 -8.98 12.37 -16.56
N LEU F 135 -7.74 12.77 -16.74
CA LEU F 135 -7.32 14.14 -16.41
C LEU F 135 -7.34 14.99 -17.67
N ASP F 136 -7.72 16.26 -17.50
CA ASP F 136 -7.61 17.29 -18.54
C ASP F 136 -8.37 16.86 -19.81
N SER F 137 -9.47 16.13 -19.63
CA SER F 137 -10.41 15.78 -20.72
C SER F 137 -9.74 14.97 -21.81
N GLN F 138 -8.70 14.21 -21.50
CA GLN F 138 -7.99 13.38 -22.52
C GLN F 138 -7.97 11.91 -22.07
N ALA F 139 -8.32 11.04 -22.98
CA ALA F 139 -8.34 9.58 -22.76
C ALA F 139 -6.93 9.06 -22.46
N TYR F 140 -5.90 9.81 -22.89
CA TYR F 140 -4.47 9.49 -22.73
C TYR F 140 -4.03 9.71 -21.27
N ASN F 141 -4.91 10.22 -20.38
CA ASN F 141 -4.53 10.54 -18.98
C ASN F 141 -5.39 9.76 -18.01
N PRO F 142 -5.32 8.42 -17.99
CA PRO F 142 -6.19 7.67 -17.11
C PRO F 142 -5.81 7.75 -15.63
N VAL F 143 -6.85 7.72 -14.79
CA VAL F 143 -6.78 7.64 -13.32
C VAL F 143 -7.82 6.62 -12.87
N VAL F 144 -7.49 5.84 -11.86
CA VAL F 144 -8.47 4.88 -11.28
C VAL F 144 -9.10 5.54 -10.05
N ILE F 145 -10.41 5.62 -10.02
CA ILE F 145 -11.15 6.01 -8.82
C ILE F 145 -11.68 4.72 -8.18
N LYS F 146 -11.36 4.55 -6.91
CA LYS F 146 -11.81 3.40 -6.11
C LYS F 146 -12.71 3.93 -5.02
N ILE F 147 -13.99 3.62 -5.11
CA ILE F 147 -15.02 4.08 -4.15
C ILE F 147 -15.31 2.92 -3.22
N THR F 148 -15.14 3.12 -1.92
CA THR F 148 -15.40 2.06 -0.94
C THR F 148 -16.39 2.57 0.12
N PHE F 149 -17.36 1.74 0.47
CA PHE F 149 -18.39 2.11 1.46
C PHE F 149 -18.06 1.48 2.82
N ASN F 150 -18.21 2.27 3.87
CA ASN F 150 -18.27 1.80 5.27
C ASN F 150 -16.96 1.12 5.68
N GLN F 151 -15.82 1.59 5.15
CA GLN F 151 -14.46 1.08 5.47
C GLN F 151 -13.96 1.77 6.75
N GLU F 152 -14.46 2.95 7.10
CA GLU F 152 -13.84 3.79 8.17
C GLU F 152 -14.44 3.38 9.52
N ALA F 153 -13.63 2.78 10.39
CA ALA F 153 -14.08 2.07 11.61
C ALA F 153 -14.76 3.04 12.58
N ASP F 154 -14.36 4.32 12.58
CA ASP F 154 -14.73 5.29 13.64
C ASP F 154 -15.96 6.13 13.26
N SER F 155 -16.69 5.74 12.19
N SER F 155 -16.69 5.74 12.20
CA SER F 155 -17.89 6.46 11.72
CA SER F 155 -17.90 6.46 11.73
C SER F 155 -19.03 5.45 11.50
C SER F 155 -19.03 5.46 11.52
N ALA F 156 -20.28 5.90 11.60
CA ALA F 156 -21.46 5.05 11.39
C ALA F 156 -21.51 4.60 9.93
N TYR F 157 -21.20 5.50 9.00
CA TYR F 157 -21.15 5.24 7.55
C TYR F 157 -20.00 6.02 6.95
N SER F 158 -19.50 5.59 5.81
CA SER F 158 -18.42 6.32 5.12
C SER F 158 -18.44 6.08 3.63
N ILE F 159 -18.01 7.08 2.89
CA ILE F 159 -17.69 6.95 1.45
C ILE F 159 -16.23 7.36 1.30
N THR F 160 -15.40 6.45 0.83
CA THR F 160 -13.97 6.69 0.63
C THR F 160 -13.68 6.76 -0.87
N LEU F 161 -13.05 7.84 -1.32
CA LEU F 161 -12.68 8.05 -2.74
C LEU F 161 -11.15 7.97 -2.84
N ASN F 162 -10.63 6.85 -3.31
CA ASN F 162 -9.18 6.65 -3.48
C ASN F 162 -8.86 6.88 -4.95
N TYR F 163 -7.97 7.80 -5.23
CA TYR F 163 -7.50 8.08 -6.60
C TYR F 163 -6.11 7.53 -6.73
N SER F 164 -5.83 6.80 -7.81
CA SER F 164 -4.47 6.28 -8.05
C SER F 164 -4.21 6.24 -9.55
N TRP F 165 -2.95 6.24 -9.93
CA TRP F 165 -2.55 6.23 -11.34
C TRP F 165 -1.18 5.63 -11.46
N GLY F 166 -0.84 5.18 -12.67
CA GLY F 166 0.47 4.56 -12.93
C GLY F 166 1.38 5.41 -13.77
N LYS F 167 0.81 6.28 -14.60
N LYS F 167 0.82 6.27 -14.61
CA LYS F 167 1.60 7.04 -15.62
CA LYS F 167 1.60 7.03 -15.63
C LYS F 167 2.55 8.01 -14.93
C LYS F 167 2.55 8.01 -14.93
N ASP F 168 3.77 8.10 -15.46
CA ASP F 168 4.72 9.18 -15.07
C ASP F 168 4.29 10.47 -15.78
N TYR F 169 3.19 11.04 -15.32
CA TYR F 169 2.63 12.30 -15.87
C TYR F 169 3.67 13.39 -15.87
N GLU F 170 3.67 14.20 -16.95
CA GLU F 170 4.58 15.34 -17.11
C GLU F 170 3.77 16.61 -17.34
N ASN F 171 3.62 17.43 -16.30
N ASN F 171 3.63 17.45 -16.30
CA ASN F 171 2.90 18.74 -16.32
CA ASN F 171 2.92 18.77 -16.32
C ASN F 171 1.44 18.55 -16.72
C ASN F 171 1.45 18.55 -16.72
N ILE F 172 0.77 17.61 -16.07
CA ILE F 172 -0.67 17.31 -16.29
C ILE F 172 -1.41 17.80 -15.04
N PRO F 173 -2.45 18.66 -15.20
CA PRO F 173 -3.23 19.11 -14.06
C PRO F 173 -4.15 17.99 -13.54
N PHE F 174 -4.31 17.89 -12.22
CA PHE F 174 -5.32 16.97 -11.66
C PHE F 174 -6.66 17.68 -11.76
N ASP F 175 -7.25 17.58 -12.93
CA ASP F 175 -8.58 18.13 -13.25
C ASP F 175 -9.35 16.98 -13.89
N SER F 176 -10.22 16.32 -13.13
CA SER F 176 -10.77 15.00 -13.54
C SER F 176 -12.07 15.17 -14.31
N THR F 177 -12.31 14.25 -15.25
CA THR F 177 -13.62 14.08 -15.90
C THR F 177 -14.62 13.55 -14.85
N SER F 178 -15.89 13.50 -15.26
CA SER F 178 -17.02 13.12 -14.37
C SER F 178 -17.28 11.60 -14.45
N PHE F 179 -17.76 11.03 -13.36
CA PHE F 179 -18.09 9.60 -13.27
C PHE F 179 -19.40 9.43 -12.51
N THR F 180 -20.22 8.52 -13.00
CA THR F 180 -21.50 8.16 -12.38
C THR F 180 -21.39 6.76 -11.79
N PHE F 181 -22.03 6.56 -10.66
CA PHE F 181 -22.17 5.22 -10.06
C PHE F 181 -23.44 5.21 -9.25
N SER F 182 -23.76 4.06 -8.67
CA SER F 182 -24.89 4.00 -7.73
C SER F 182 -24.52 3.10 -6.57
N TYR F 183 -25.29 3.19 -5.51
CA TYR F 183 -25.14 2.25 -4.39
C TYR F 183 -26.48 2.08 -3.71
N ILE F 184 -26.58 0.97 -2.96
CA ILE F 184 -27.82 0.60 -2.24
C ILE F 184 -27.95 1.51 -1.00
N ALA F 185 -29.11 2.14 -0.84
CA ALA F 185 -29.40 3.07 0.27
C ALA F 185 -29.78 2.30 1.54
N GLN F 186 -29.37 2.83 2.69
CA GLN F 186 -29.66 2.27 4.02
C GLN F 186 -31.17 2.18 4.26
N GLU F 187 -31.93 3.18 3.85
CA GLU F 187 -33.41 3.11 3.96
C GLU F 187 -34.03 3.94 2.81
N LYS G 2 17.03 54.82 -17.23
CA LYS G 2 15.70 55.14 -17.74
C LYS G 2 15.16 53.92 -18.53
N LEU G 3 15.96 53.40 -19.46
CA LEU G 3 15.47 52.44 -20.48
C LEU G 3 15.92 51.02 -20.16
N THR G 4 16.69 50.79 -19.08
CA THR G 4 17.08 49.44 -18.66
C THR G 4 16.83 49.23 -17.15
N LEU G 5 16.15 48.15 -16.85
CA LEU G 5 15.91 47.62 -15.49
C LEU G 5 16.75 46.37 -15.35
N TRP G 6 17.58 46.25 -14.33
CA TRP G 6 18.47 45.06 -14.24
C TRP G 6 18.81 44.70 -12.81
N THR G 7 19.29 43.49 -12.65
CA THR G 7 20.05 43.04 -11.49
C THR G 7 21.40 43.71 -11.70
N THR G 8 22.05 44.17 -10.72
CA THR G 8 23.41 44.74 -10.96
C THR G 8 24.27 43.58 -11.51
N LEU G 9 25.54 43.82 -11.80
CA LEU G 9 26.53 42.77 -12.16
C LEU G 9 27.40 42.48 -10.94
N ASP G 10 27.08 43.09 -9.81
CA ASP G 10 27.62 42.78 -8.46
C ASP G 10 27.82 41.26 -8.37
N PRO G 11 29.00 40.77 -7.91
CA PRO G 11 29.25 39.33 -7.80
C PRO G 11 28.47 38.64 -6.66
N SER G 12 27.78 39.40 -5.83
CA SER G 12 27.08 38.92 -4.61
C SER G 12 25.87 38.09 -5.03
N PRO G 13 25.58 36.97 -4.34
CA PRO G 13 24.30 36.29 -4.54
C PRO G 13 23.13 37.23 -4.27
N ASN G 14 22.01 37.05 -4.98
CA ASN G 14 20.89 38.03 -4.96
C ASN G 14 19.53 37.34 -5.03
N CYS G 15 19.47 36.03 -4.88
CA CYS G 15 18.25 35.26 -5.22
C CYS G 15 18.11 34.04 -4.31
N ARG G 16 16.87 33.70 -4.03
CA ARG G 16 16.46 32.54 -3.20
C ARG G 16 15.74 31.55 -4.10
N ILE G 17 16.31 30.37 -4.29
CA ILE G 17 15.55 29.21 -4.84
C ILE G 17 14.88 28.50 -3.65
N ASP G 18 15.67 28.02 -2.70
CA ASP G 18 15.17 27.35 -1.49
C ASP G 18 15.48 28.20 -0.27
N VAL G 19 16.68 28.77 -0.23
CA VAL G 19 17.25 29.48 0.95
C VAL G 19 17.79 30.84 0.47
N ASP G 20 17.79 31.82 1.38
N ASP G 20 17.81 31.82 1.37
CA ASP G 20 18.35 33.17 1.11
CA ASP G 20 18.31 33.18 1.03
C ASP G 20 19.73 33.04 0.43
C ASP G 20 19.72 33.08 0.43
N LYS G 21 19.94 33.77 -0.65
N LYS G 21 19.96 33.79 -0.67
CA LYS G 21 21.27 33.95 -1.30
CA LYS G 21 21.28 33.97 -1.31
C LYS G 21 21.87 32.59 -1.70
C LYS G 21 21.88 32.60 -1.69
N ASP G 22 21.04 31.65 -2.14
CA ASP G 22 21.56 30.38 -2.69
C ASP G 22 21.89 30.57 -4.17
N SER G 23 21.54 31.70 -4.78
CA SER G 23 21.70 31.85 -6.24
C SER G 23 21.93 33.29 -6.65
N LYS G 24 22.42 33.47 -7.86
CA LYS G 24 22.72 34.77 -8.45
C LYS G 24 22.05 34.84 -9.83
N LEU G 25 20.96 35.59 -9.92
CA LEU G 25 20.24 35.83 -11.17
C LEU G 25 20.83 37.06 -11.85
N THR G 26 21.16 36.96 -13.14
CA THR G 26 21.47 38.16 -13.94
C THR G 26 20.34 38.35 -14.93
N LEU G 27 19.55 39.41 -14.76
CA LEU G 27 18.41 39.69 -15.64
C LEU G 27 18.48 41.15 -16.04
N VAL G 28 18.43 41.38 -17.35
CA VAL G 28 18.49 42.73 -17.96
C VAL G 28 17.23 42.88 -18.82
N LEU G 29 16.40 43.88 -18.52
CA LEU G 29 15.20 44.22 -19.29
C LEU G 29 15.45 45.58 -19.94
N THR G 30 15.51 45.64 -21.27
CA THR G 30 15.78 46.87 -22.03
C THR G 30 14.52 47.25 -22.82
N LYS G 31 14.02 48.45 -22.63
CA LYS G 31 12.79 48.88 -23.32
C LYS G 31 13.18 49.34 -24.72
N CYS G 32 12.68 48.64 -25.75
N CYS G 32 12.70 48.63 -25.75
CA CYS G 32 12.71 49.09 -27.16
CA CYS G 32 12.68 49.12 -27.15
C CYS G 32 11.24 49.33 -27.58
C CYS G 32 11.23 49.34 -27.55
N GLY G 33 10.68 50.46 -27.14
CA GLY G 33 9.27 50.82 -27.34
C GLY G 33 8.31 49.76 -26.88
N SER G 34 7.57 49.19 -27.80
N SER G 34 7.52 49.22 -27.79
CA SER G 34 6.45 48.27 -27.53
CA SER G 34 6.42 48.26 -27.49
C SER G 34 6.99 46.91 -27.07
C SER G 34 6.99 46.90 -27.06
N GLN G 35 8.30 46.65 -27.18
CA GLN G 35 8.86 45.34 -26.75
C GLN G 35 9.96 45.56 -25.72
N ILE G 36 10.00 44.66 -24.77
CA ILE G 36 11.13 44.53 -23.82
C ILE G 36 12.06 43.45 -24.36
N LEU G 37 13.33 43.82 -24.53
CA LEU G 37 14.41 42.89 -24.87
C LEU G 37 15.02 42.41 -23.58
N ALA G 38 14.98 41.11 -23.33
CA ALA G 38 15.35 40.50 -22.05
C ALA G 38 16.58 39.62 -22.28
N ASN G 39 17.44 39.58 -21.26
CA ASN G 39 18.67 38.77 -21.29
C ASN G 39 18.82 38.17 -19.89
N VAL G 40 19.03 36.85 -19.79
CA VAL G 40 19.00 36.17 -18.48
C VAL G 40 20.10 35.13 -18.40
N SER G 41 20.70 35.00 -17.23
CA SER G 41 21.57 33.86 -16.87
C SER G 41 21.40 33.59 -15.37
N LEU G 42 21.81 32.43 -14.90
CA LEU G 42 21.59 32.03 -13.50
C LEU G 42 22.78 31.17 -13.04
N LEU G 43 23.32 31.50 -11.89
CA LEU G 43 24.36 30.71 -11.19
C LEU G 43 23.80 30.30 -9.83
N VAL G 44 23.85 29.03 -9.49
CA VAL G 44 23.53 28.57 -8.12
C VAL G 44 24.82 28.53 -7.34
N VAL G 45 24.89 29.21 -6.20
CA VAL G 45 26.18 29.38 -5.48
C VAL G 45 26.28 28.42 -4.29
N LYS G 46 25.16 27.92 -3.76
CA LYS G 46 25.22 26.94 -2.66
C LYS G 46 23.92 26.14 -2.60
N GLY G 47 23.87 25.16 -1.71
CA GLY G 47 22.67 24.35 -1.51
C GLY G 47 22.55 23.23 -2.52
N ARG G 48 21.40 22.59 -2.55
CA ARG G 48 21.22 21.26 -3.20
C ARG G 48 21.35 21.32 -4.73
N PHE G 49 21.18 22.48 -5.35
CA PHE G 49 21.26 22.62 -6.84
C PHE G 49 22.63 23.17 -7.27
N GLN G 50 23.55 23.45 -6.36
CA GLN G 50 24.86 24.02 -6.74
C GLN G 50 25.62 23.02 -7.64
N ASN G 51 25.65 21.77 -7.23
CA ASN G 51 26.31 20.66 -7.94
C ASN G 51 25.27 19.56 -8.12
N LEU G 52 24.84 19.30 -9.34
CA LEU G 52 23.79 18.31 -9.62
C LEU G 52 24.44 16.92 -9.68
N ASN G 53 23.97 15.99 -8.87
CA ASN G 53 24.44 14.59 -8.98
C ASN G 53 23.31 13.63 -8.67
N TYR G 54 22.65 13.15 -9.71
CA TYR G 54 21.50 12.22 -9.59
C TYR G 54 21.96 10.80 -9.38
N LYS G 55 23.25 10.50 -9.57
CA LYS G 55 23.79 9.18 -9.23
C LYS G 55 23.86 9.03 -7.71
N THR G 56 24.19 10.11 -7.00
CA THR G 56 24.44 10.05 -5.55
C THR G 56 23.28 10.60 -4.72
N ASN G 57 22.42 11.41 -5.32
N ASN G 57 22.41 11.40 -5.31
CA ASN G 57 21.28 12.02 -4.57
CA ASN G 57 21.29 12.05 -4.56
C ASN G 57 19.97 11.61 -5.22
C ASN G 57 19.97 11.63 -5.21
N PRO G 58 19.29 10.58 -4.67
CA PRO G 58 18.09 10.03 -5.29
C PRO G 58 16.89 10.99 -5.18
N ASN G 59 16.92 11.88 -4.19
CA ASN G 59 15.75 12.69 -3.80
C ASN G 59 15.79 14.06 -4.50
N LEU G 60 16.75 14.33 -5.38
CA LEU G 60 16.95 15.70 -5.88
C LEU G 60 15.92 15.98 -6.97
N PRO G 61 15.14 17.07 -6.93
CA PRO G 61 14.28 17.43 -8.05
C PRO G 61 15.09 17.78 -9.31
N LYS G 62 14.41 17.79 -10.44
CA LYS G 62 14.95 18.26 -11.73
C LYS G 62 14.20 19.51 -12.18
N THR G 63 13.81 20.35 -11.22
CA THR G 63 13.20 21.64 -11.54
C THR G 63 13.35 22.56 -10.35
N PHE G 64 13.31 23.85 -10.62
CA PHE G 64 13.01 24.88 -9.61
C PHE G 64 12.47 26.10 -10.35
N THR G 65 11.87 27.00 -9.61
CA THR G 65 11.23 28.20 -10.20
C THR G 65 11.68 29.45 -9.45
N ILE G 66 11.97 30.50 -10.20
CA ILE G 66 12.28 31.86 -9.66
C ILE G 66 11.19 32.79 -10.17
N LYS G 67 10.54 33.53 -9.28
CA LYS G 67 9.43 34.42 -9.67
C LYS G 67 9.82 35.88 -9.38
N LEU G 68 9.52 36.75 -10.32
CA LEU G 68 9.53 38.21 -10.13
C LEU G 68 8.09 38.68 -10.14
N LEU G 69 7.64 39.19 -9.01
CA LEU G 69 6.26 39.65 -8.79
C LEU G 69 6.31 41.17 -8.74
N PHE G 70 5.40 41.82 -9.44
CA PHE G 70 5.34 43.31 -9.50
C PHE G 70 3.97 43.80 -9.11
N ASP G 71 3.93 44.99 -8.51
CA ASP G 71 2.67 45.71 -8.21
C ASP G 71 2.20 46.47 -9.47
N GLU G 72 1.10 47.20 -9.35
CA GLU G 72 0.42 47.87 -10.49
C GLU G 72 1.27 49.04 -11.03
N ASN G 73 2.29 49.45 -10.25
CA ASN G 73 3.28 50.48 -10.69
C ASN G 73 4.54 49.84 -11.24
N GLY G 74 4.58 48.52 -11.39
CA GLY G 74 5.74 47.83 -11.95
C GLY G 74 6.89 47.74 -10.97
N ILE G 75 6.61 47.88 -9.68
CA ILE G 75 7.61 47.82 -8.58
C ILE G 75 7.75 46.35 -8.13
N LEU G 76 8.97 45.86 -8.04
CA LEU G 76 9.26 44.48 -7.61
C LEU G 76 8.81 44.33 -6.17
N LYS G 77 8.02 43.30 -5.90
CA LYS G 77 7.52 42.95 -4.55
C LYS G 77 8.57 42.10 -3.83
N ASP G 78 8.73 42.27 -2.53
CA ASP G 78 9.76 41.49 -1.81
C ASP G 78 9.29 40.03 -1.64
N SER G 79 8.08 39.63 -2.06
CA SER G 79 7.67 38.21 -2.16
C SER G 79 8.39 37.50 -3.31
N SER G 80 9.06 38.25 -4.20
CA SER G 80 9.85 37.73 -5.32
C SER G 80 11.00 36.87 -4.78
N ASN G 81 11.45 35.89 -5.57
CA ASN G 81 12.68 35.12 -5.28
C ASN G 81 13.91 36.03 -5.37
N LEU G 82 13.88 36.98 -6.29
CA LEU G 82 14.96 37.98 -6.46
C LEU G 82 14.87 39.02 -5.34
N ASP G 83 16.00 39.30 -4.68
CA ASP G 83 16.13 40.33 -3.62
C ASP G 83 15.98 41.72 -4.24
N LYS G 84 15.02 42.53 -3.76
CA LYS G 84 14.70 43.90 -4.24
C LYS G 84 15.93 44.80 -4.21
N ASN G 85 16.89 44.53 -3.32
CA ASN G 85 18.09 45.40 -3.16
C ASN G 85 18.99 45.31 -4.40
N TYR G 86 18.74 44.36 -5.28
CA TYR G 86 19.62 44.08 -6.46
C TYR G 86 18.92 44.47 -7.75
N TRP G 87 17.79 45.18 -7.68
CA TRP G 87 16.92 45.46 -8.84
C TRP G 87 16.67 46.95 -9.01
N ASN G 88 17.20 47.55 -10.07
CA ASN G 88 17.04 49.01 -10.27
C ASN G 88 17.38 49.37 -11.72
N TYR G 89 17.19 50.63 -12.07
CA TYR G 89 17.59 51.16 -13.39
C TYR G 89 19.13 51.11 -13.47
N ARG G 90 19.68 50.77 -14.65
CA ARG G 90 21.12 50.95 -14.95
C ARG G 90 21.37 52.45 -15.15
N ASN G 91 22.40 53.00 -14.52
CA ASN G 91 22.58 54.47 -14.31
C ASN G 91 21.19 55.13 -14.07
N GLN G 99 14.59 51.37 -5.87
CA GLN G 99 14.33 52.75 -5.36
C GLN G 99 13.28 53.47 -6.24
N TYR G 100 12.84 52.83 -7.33
CA TYR G 100 12.13 53.49 -8.45
C TYR G 100 10.63 53.61 -8.15
N LYS G 101 9.93 54.48 -8.90
CA LYS G 101 8.53 54.92 -8.63
C LYS G 101 7.56 54.26 -9.63
N ASN G 102 7.98 54.04 -10.89
CA ASN G 102 7.07 53.56 -11.96
C ASN G 102 7.88 52.87 -13.07
N ALA G 103 7.54 51.62 -13.36
CA ALA G 103 8.21 50.82 -14.39
C ALA G 103 7.14 50.07 -15.18
N VAL G 104 5.93 50.62 -15.31
CA VAL G 104 4.81 49.91 -16.01
C VAL G 104 5.21 49.69 -17.47
N GLY G 105 6.09 50.53 -18.02
CA GLY G 105 6.60 50.38 -19.38
C GLY G 105 7.44 49.13 -19.56
N PHE G 106 7.87 48.48 -18.48
CA PHE G 106 8.65 47.24 -18.50
C PHE G 106 7.78 46.02 -18.25
N MET G 107 6.51 46.20 -17.94
CA MET G 107 5.66 45.10 -17.45
C MET G 107 5.10 44.32 -18.65
N PRO G 108 4.90 43.01 -18.48
CA PRO G 108 4.31 42.21 -19.54
C PRO G 108 2.84 42.58 -19.75
N ASN G 109 2.52 42.92 -20.99
CA ASN G 109 1.23 43.47 -21.42
C ASN G 109 0.08 42.54 -20.97
N LEU G 110 -0.90 43.05 -20.24
CA LEU G 110 -2.02 42.24 -19.70
C LEU G 110 -2.98 41.80 -20.79
N ALA G 111 -3.16 42.58 -21.85
CA ALA G 111 -4.04 42.18 -22.99
C ALA G 111 -3.36 41.01 -23.72
N ALA G 112 -2.05 41.10 -23.89
CA ALA G 112 -1.25 40.05 -24.57
C ALA G 112 -1.18 38.81 -23.70
N TYR G 113 -0.99 38.99 -22.40
CA TYR G 113 -0.68 37.91 -21.44
C TYR G 113 -1.64 38.01 -20.27
N PRO G 114 -2.90 37.61 -20.45
CA PRO G 114 -3.91 37.80 -19.41
C PRO G 114 -3.64 36.91 -18.19
N LYS G 115 -4.04 37.40 -17.01
CA LYS G 115 -4.02 36.58 -15.77
C LYS G 115 -5.10 35.49 -15.91
N SER G 116 -4.95 34.33 -15.25
CA SER G 116 -6.03 33.30 -15.24
C SER G 116 -7.22 33.83 -14.44
N THR G 117 -8.44 33.71 -15.00
CA THR G 117 -9.73 34.12 -14.38
C THR G 117 -10.12 33.10 -13.31
N THR G 118 -10.96 33.50 -12.35
CA THR G 118 -11.46 32.64 -11.24
C THR G 118 -12.06 31.35 -11.82
N THR G 119 -12.72 31.45 -12.98
CA THR G 119 -13.40 30.35 -13.74
C THR G 119 -12.38 29.49 -14.51
N GLN G 120 -11.12 29.92 -14.62
CA GLN G 120 -10.07 29.19 -15.37
C GLN G 120 -8.66 29.53 -14.84
N SER G 121 -7.89 28.51 -14.46
CA SER G 121 -6.45 28.60 -14.07
C SER G 121 -5.55 28.57 -15.32
N LYS G 122 -6.08 28.30 -16.51
CA LYS G 122 -5.31 27.85 -17.72
C LYS G 122 -4.98 29.03 -18.65
N LEU G 123 -3.70 29.38 -18.78
CA LEU G 123 -3.24 30.55 -19.58
C LEU G 123 -3.23 30.18 -21.07
N TYR G 124 -3.39 31.14 -21.99
CA TYR G 124 -3.14 30.84 -23.43
C TYR G 124 -1.63 30.68 -23.56
N ALA G 125 -1.21 29.88 -24.54
CA ALA G 125 0.20 29.51 -24.71
C ALA G 125 1.04 30.75 -25.01
N ARG G 126 0.42 31.83 -25.53
CA ARG G 126 1.16 33.07 -25.90
C ARG G 126 1.93 33.62 -24.68
N ASN G 127 1.43 33.36 -23.45
N ASN G 127 1.47 33.35 -23.47
CA ASN G 127 2.06 33.82 -22.19
CA ASN G 127 2.14 33.88 -22.25
C ASN G 127 3.41 33.16 -21.93
C ASN G 127 3.42 33.13 -21.91
N THR G 128 3.82 32.14 -22.70
CA THR G 128 5.00 31.31 -22.39
C THR G 128 6.02 31.41 -23.54
N ILE G 129 7.27 31.44 -23.14
CA ILE G 129 8.47 31.27 -24.01
C ILE G 129 9.26 30.08 -23.52
N PHE G 130 9.67 29.20 -24.43
CA PHE G 130 10.64 28.16 -24.09
C PHE G 130 11.99 28.50 -24.71
N GLY G 131 13.03 28.22 -23.98
CA GLY G 131 14.41 28.30 -24.49
C GLY G 131 15.22 27.10 -24.04
N ASN G 132 16.20 26.65 -24.83
CA ASN G 132 17.22 25.74 -24.34
C ASN G 132 18.44 26.54 -23.91
N ILE G 133 18.84 26.36 -22.68
CA ILE G 133 20.11 26.91 -22.12
C ILE G 133 20.99 25.75 -21.67
N TYR G 134 22.20 26.03 -21.24
CA TYR G 134 23.19 24.97 -21.04
C TYR G 134 24.02 25.23 -19.79
N LEU G 135 24.39 24.16 -19.13
CA LEU G 135 25.21 24.27 -17.90
C LEU G 135 26.68 24.10 -18.21
N ASP G 136 27.51 24.90 -17.52
CA ASP G 136 28.97 24.82 -17.57
C ASP G 136 29.46 24.97 -19.01
N SER G 137 28.76 25.75 -19.85
CA SER G 137 29.20 26.11 -21.21
C SER G 137 29.41 24.86 -22.09
N GLN G 138 28.63 23.80 -21.85
N GLN G 138 28.67 23.77 -21.82
CA GLN G 138 28.68 22.60 -22.72
CA GLN G 138 28.68 22.53 -22.64
C GLN G 138 27.32 22.35 -23.34
C GLN G 138 27.32 22.38 -23.35
N ALA G 139 27.34 22.13 -24.66
CA ALA G 139 26.11 21.90 -25.44
C ALA G 139 25.45 20.59 -24.99
N TYR G 140 26.15 19.70 -24.36
CA TYR G 140 25.50 18.40 -23.96
C TYR G 140 24.96 18.50 -22.54
N ASN G 141 24.85 19.71 -21.96
CA ASN G 141 24.19 19.90 -20.64
C ASN G 141 22.97 20.78 -20.77
N PRO G 142 21.94 20.38 -21.54
CA PRO G 142 20.76 21.20 -21.69
C PRO G 142 19.89 21.31 -20.44
N VAL G 143 19.30 22.49 -20.33
CA VAL G 143 18.22 22.85 -19.39
C VAL G 143 17.17 23.59 -20.18
N VAL G 144 15.91 23.32 -19.86
CA VAL G 144 14.78 24.07 -20.49
C VAL G 144 14.42 25.22 -19.56
N ILE G 145 14.46 26.43 -20.10
CA ILE G 145 13.94 27.61 -19.39
C ILE G 145 12.56 27.88 -19.95
N LYS G 146 11.59 27.95 -19.04
CA LYS G 146 10.20 28.19 -19.39
C LYS G 146 9.83 29.52 -18.72
N ILE G 147 9.63 30.53 -19.53
CA ILE G 147 9.30 31.91 -19.09
C ILE G 147 7.82 32.10 -19.27
N THR G 148 7.10 32.43 -18.20
N THR G 148 7.10 32.46 -18.20
CA THR G 148 5.64 32.63 -18.27
CA THR G 148 5.64 32.67 -18.26
C THR G 148 5.29 34.00 -17.69
C THR G 148 5.32 34.05 -17.69
N PHE G 149 4.44 34.74 -18.37
CA PHE G 149 4.01 36.09 -17.93
C PHE G 149 2.66 36.02 -17.22
N ASN G 150 2.56 36.73 -16.11
CA ASN G 150 1.27 37.07 -15.43
C ASN G 150 0.55 35.81 -14.96
N GLN G 151 1.29 34.79 -14.57
CA GLN G 151 0.76 33.51 -14.05
C GLN G 151 0.50 33.64 -12.53
N GLU G 152 1.18 34.56 -11.84
CA GLU G 152 1.17 34.59 -10.34
C GLU G 152 0.00 35.41 -9.83
N ALA G 153 -0.96 34.78 -9.16
CA ALA G 153 -2.26 35.39 -8.79
C ALA G 153 -2.08 36.65 -7.91
N ASP G 154 -1.05 36.69 -7.03
CA ASP G 154 -0.99 37.72 -5.93
C ASP G 154 -0.04 38.89 -6.32
N SER G 155 -0.15 39.29 -7.54
CA SER G 155 0.62 40.37 -8.13
C SER G 155 -0.18 40.98 -9.27
N ALA G 156 0.10 42.23 -9.62
CA ALA G 156 -0.46 42.88 -10.82
C ALA G 156 0.16 42.25 -12.06
N TYR G 157 1.47 42.01 -12.04
CA TYR G 157 2.24 41.44 -13.16
C TYR G 157 3.28 40.49 -12.61
N SER G 158 3.73 39.55 -13.42
CA SER G 158 4.76 38.62 -12.98
C SER G 158 5.56 38.08 -14.14
N ILE G 159 6.82 37.77 -13.86
CA ILE G 159 7.70 37.00 -14.76
C ILE G 159 8.13 35.76 -13.99
N THR G 160 7.78 34.59 -14.50
CA THR G 160 8.11 33.31 -13.85
C THR G 160 9.17 32.62 -14.69
N LEU G 161 10.29 32.24 -14.08
CA LEU G 161 11.40 31.51 -14.75
C LEU G 161 11.41 30.10 -14.16
N ASN G 162 10.91 29.12 -14.91
CA ASN G 162 10.91 27.72 -14.49
C ASN G 162 12.07 27.03 -15.21
N TYR G 163 12.95 26.42 -14.46
CA TYR G 163 14.09 25.66 -15.00
C TYR G 163 13.79 24.20 -14.82
N SER G 164 13.97 23.39 -15.86
CA SER G 164 13.75 21.94 -15.74
C SER G 164 14.72 21.21 -16.66
N TRP G 165 15.01 19.95 -16.36
CA TRP G 165 15.95 19.15 -17.17
C TRP G 165 15.61 17.69 -16.99
N GLY G 166 16.08 16.86 -17.91
CA GLY G 166 15.78 15.43 -17.91
C GLY G 166 17.00 14.58 -17.57
N LYS G 167 18.18 15.06 -17.89
CA LYS G 167 19.44 14.27 -17.76
C LYS G 167 19.74 13.95 -16.30
N ASP G 168 20.18 12.73 -16.05
CA ASP G 168 20.74 12.32 -14.74
C ASP G 168 22.16 12.89 -14.64
N TYR G 169 22.26 14.19 -14.46
CA TYR G 169 23.55 14.91 -14.37
C TYR G 169 24.40 14.31 -13.25
N GLU G 170 25.70 14.22 -13.51
CA GLU G 170 26.67 13.70 -12.51
C GLU G 170 27.75 14.75 -12.27
N ASN G 171 27.66 15.48 -11.15
CA ASN G 171 28.64 16.51 -10.71
C ASN G 171 28.72 17.64 -11.74
N ILE G 172 27.57 18.14 -12.16
CA ILE G 172 27.46 19.29 -13.10
C ILE G 172 27.00 20.50 -12.30
N PRO G 173 27.73 21.64 -12.35
CA PRO G 173 27.30 22.84 -11.63
C PRO G 173 26.13 23.51 -12.34
N PHE G 174 25.15 24.01 -11.59
CA PHE G 174 24.10 24.86 -12.16
C PHE G 174 24.68 26.24 -12.36
N ASP G 175 25.38 26.38 -13.48
CA ASP G 175 26.02 27.63 -13.93
C ASP G 175 25.62 27.79 -15.39
N SER G 176 24.60 28.61 -15.66
CA SER G 176 23.90 28.59 -16.96
C SER G 176 24.51 29.56 -17.94
N THR G 177 24.44 29.21 -19.22
CA THR G 177 24.68 30.15 -20.33
C THR G 177 23.56 31.20 -20.38
N SER G 178 23.76 32.20 -21.23
CA SER G 178 22.85 33.35 -21.37
C SER G 178 21.80 33.08 -22.46
N PHE G 179 20.63 33.67 -22.28
CA PHE G 179 19.49 33.55 -23.21
C PHE G 179 18.82 34.90 -23.37
N THR G 180 18.44 35.20 -24.59
CA THR G 180 17.72 36.42 -24.96
C THR G 180 16.29 36.04 -25.38
N PHE G 181 15.35 36.90 -25.02
CA PHE G 181 13.95 36.80 -25.47
C PHE G 181 13.36 38.19 -25.46
N SER G 182 12.11 38.32 -25.89
CA SER G 182 11.41 39.59 -25.80
C SER G 182 9.96 39.34 -25.42
N TYR G 183 9.29 40.38 -24.99
CA TYR G 183 7.84 40.31 -24.73
C TYR G 183 7.23 41.66 -24.98
N ILE G 184 5.91 41.65 -25.16
CA ILE G 184 5.13 42.86 -25.44
C ILE G 184 4.96 43.65 -24.14
N ALA G 185 5.28 44.94 -24.19
CA ALA G 185 5.20 45.87 -23.04
C ALA G 185 3.77 46.34 -22.83
N GLN G 186 3.41 46.51 -21.57
CA GLN G 186 2.10 47.03 -21.13
C GLN G 186 1.83 48.42 -21.73
N GLU G 187 2.83 49.29 -21.73
CA GLU G 187 2.68 50.62 -22.36
C GLU G 187 4.06 51.06 -22.89
N LYS H 2 19.47 8.03 30.20
CA LYS H 2 19.40 7.98 31.71
C LYS H 2 18.78 9.30 32.23
N LEU H 3 19.28 9.85 33.34
CA LEU H 3 18.50 10.76 34.22
C LEU H 3 18.95 12.20 34.04
N THR H 4 19.98 12.48 33.22
CA THR H 4 20.43 13.86 32.92
C THR H 4 20.60 14.05 31.40
N LEU H 5 19.95 15.10 30.90
CA LEU H 5 20.08 15.61 29.52
C LEU H 5 20.84 16.95 29.62
N TRP H 6 21.93 17.13 28.89
CA TRP H 6 22.74 18.36 29.07
C TRP H 6 23.48 18.76 27.80
N THR H 7 23.91 20.01 27.79
CA THR H 7 24.96 20.51 26.91
C THR H 7 26.23 19.91 27.49
N THR H 8 27.15 19.50 26.70
CA THR H 8 28.40 18.96 27.29
C THR H 8 29.04 20.09 28.11
N LEU H 9 30.16 19.82 28.79
CA LEU H 9 30.97 20.89 29.44
C LEU H 9 32.17 21.24 28.55
N ASP H 10 32.25 20.60 27.39
CA ASP H 10 33.15 20.98 26.27
C ASP H 10 33.22 22.50 26.21
N PRO H 11 34.42 23.12 26.13
CA PRO H 11 34.55 24.58 26.07
C PRO H 11 34.11 25.20 24.73
N SER H 12 33.78 24.39 23.73
CA SER H 12 33.38 24.81 22.36
C SER H 12 32.05 25.57 22.41
N PRO H 13 31.92 26.67 21.64
CA PRO H 13 30.63 27.33 21.50
C PRO H 13 29.60 26.35 20.92
N ASN H 14 28.33 26.52 21.27
CA ASN H 14 27.28 25.52 20.93
C ASN H 14 25.96 26.19 20.58
N CYS H 15 25.91 27.49 20.41
CA CYS H 15 24.63 28.23 20.40
C CYS H 15 24.72 29.46 19.47
N ARG H 16 23.60 29.74 18.81
CA ARG H 16 23.43 30.90 17.92
C ARG H 16 22.43 31.85 18.56
N ILE H 17 22.87 33.04 18.94
CA ILE H 17 21.95 34.18 19.22
C ILE H 17 21.63 34.87 17.90
N ASP H 18 22.64 35.39 17.22
CA ASP H 18 22.50 36.06 15.92
C ASP H 18 23.20 35.24 14.84
N VAL H 19 24.37 34.71 15.17
CA VAL H 19 25.29 34.05 14.21
C VAL H 19 25.73 32.71 14.82
N ASP H 20 26.03 31.74 13.95
CA ASP H 20 26.51 30.41 14.37
C ASP H 20 27.62 30.55 15.40
N LYS H 21 27.53 29.81 16.51
CA LYS H 21 28.62 29.67 17.51
C LYS H 21 29.02 31.03 18.08
N ASP H 22 28.07 31.95 18.27
CA ASP H 22 28.38 33.22 18.95
C ASP H 22 28.25 33.03 20.46
N SER H 23 27.78 31.88 20.94
CA SER H 23 27.50 31.73 22.38
C SER H 23 27.67 30.29 22.84
N LYS H 24 27.80 30.13 24.15
CA LYS H 24 27.94 28.82 24.79
C LYS H 24 26.91 28.74 25.91
N LEU H 25 25.87 27.98 25.68
CA LEU H 25 24.81 27.72 26.69
C LEU H 25 25.24 26.52 27.51
N THR H 26 25.18 26.60 28.83
CA THR H 26 25.32 25.42 29.71
C THR H 26 23.96 25.16 30.32
N LEU H 27 23.32 24.07 29.92
CA LEU H 27 21.97 23.71 30.41
C LEU H 27 22.01 22.26 30.82
N VAL H 28 21.62 21.99 32.06
CA VAL H 28 21.59 20.64 32.65
C VAL H 28 20.16 20.40 33.12
N LEU H 29 19.51 19.37 32.57
CA LEU H 29 18.15 18.94 33.00
C LEU H 29 18.30 17.58 33.70
N THR H 30 17.97 17.52 35.00
CA THR H 30 18.07 16.29 35.79
C THR H 30 16.67 15.85 36.20
N LYS H 31 16.30 14.61 35.88
CA LYS H 31 14.95 14.11 36.20
C LYS H 31 14.94 13.67 37.67
N CYS H 32 14.12 14.33 38.49
N CYS H 32 14.17 14.37 38.51
CA CYS H 32 13.73 13.86 39.84
CA CYS H 32 13.73 13.86 39.85
C CYS H 32 12.24 13.54 39.81
C CYS H 32 12.23 13.55 39.79
N GLY H 33 11.90 12.40 39.21
CA GLY H 33 10.52 11.93 38.99
C GLY H 33 9.68 12.95 38.25
N SER H 34 8.67 13.46 38.92
CA SER H 34 7.63 14.32 38.31
C SER H 34 8.20 15.72 38.06
N GLN H 35 9.38 16.06 38.58
CA GLN H 35 9.99 17.38 38.29
C GLN H 35 11.35 17.24 37.63
N ILE H 36 11.64 18.17 36.74
CA ILE H 36 12.98 18.37 36.16
C ILE H 36 13.66 19.47 36.95
N LEU H 37 14.83 19.16 37.49
CA LEU H 37 15.71 20.15 38.14
C LEU H 37 16.66 20.69 37.09
N ALA H 38 16.61 21.98 36.82
CA ALA H 38 17.31 22.62 35.70
C ALA H 38 18.36 23.58 36.24
N ASN H 39 19.48 23.65 35.54
CA ASN H 39 20.58 24.53 35.91
C ASN H 39 21.08 25.18 34.62
N VAL H 40 21.22 26.50 34.59
CA VAL H 40 21.53 27.20 33.32
C VAL H 40 22.56 28.30 33.57
N SER H 41 23.46 28.48 32.61
CA SER H 41 24.35 29.67 32.54
C SER H 41 24.61 29.96 31.07
N LEU H 42 25.11 31.13 30.74
CA LEU H 42 25.31 31.52 29.34
C LEU H 42 26.53 32.41 29.23
N LEU H 43 27.42 32.09 28.31
CA LEU H 43 28.56 32.96 27.93
C LEU H 43 28.41 33.34 26.47
N VAL H 44 28.50 34.62 26.15
CA VAL H 44 28.57 35.06 24.74
C VAL H 44 30.06 35.15 24.36
N VAL H 45 30.47 34.46 23.29
CA VAL H 45 31.91 34.32 22.98
C VAL H 45 32.33 35.28 21.87
N LYS H 46 31.42 35.76 21.03
CA LYS H 46 31.79 36.77 19.99
C LYS H 46 30.54 37.51 19.54
N GLY H 47 30.73 38.51 18.69
CA GLY H 47 29.61 39.29 18.14
C GLY H 47 29.18 40.41 19.06
N ARG H 48 28.03 41.00 18.76
CA ARG H 48 27.62 42.31 19.31
C ARG H 48 27.30 42.25 20.80
N PHE H 49 26.98 41.06 21.36
CA PHE H 49 26.65 40.92 22.80
C PHE H 49 27.84 40.43 23.61
N GLN H 50 28.99 40.16 23.00
CA GLN H 50 30.16 39.63 23.77
C GLN H 50 30.59 40.66 24.82
N ASN H 51 30.73 41.91 24.42
CA ASN H 51 31.13 43.03 25.29
C ASN H 51 30.04 44.09 25.17
N LEU H 52 29.27 44.35 26.21
CA LEU H 52 28.17 45.30 26.16
C LEU H 52 28.73 46.71 26.41
N ASN H 53 28.51 47.63 25.51
CA ASN H 53 28.88 49.05 25.75
C ASN H 53 27.84 49.95 25.11
N TYR H 54 26.88 50.40 25.91
CA TYR H 54 25.78 51.26 25.45
C TYR H 54 26.21 52.72 25.36
N LYS H 55 27.37 53.07 25.93
CA LYS H 55 27.93 54.41 25.77
C LYS H 55 28.46 54.57 24.34
N THR H 56 29.05 53.52 23.77
CA THR H 56 29.72 53.62 22.47
C THR H 56 28.88 53.04 21.34
N ASN H 57 27.90 52.18 21.63
N ASN H 57 27.89 52.22 21.66
CA ASN H 57 27.06 51.55 20.58
CA ASN H 57 27.07 51.50 20.65
C ASN H 57 25.60 51.90 20.83
C ASN H 57 25.61 51.89 20.86
N PRO H 58 25.08 52.92 20.12
CA PRO H 58 23.73 53.43 20.39
C PRO H 58 22.63 52.44 19.93
N ASN H 59 22.96 51.55 19.00
CA ASN H 59 21.96 50.72 18.29
C ASN H 59 21.83 49.35 18.96
N LEU H 60 22.51 49.09 20.06
CA LEU H 60 22.59 47.71 20.61
C LEU H 60 21.29 47.41 21.37
N PRO H 61 20.59 46.29 21.10
CA PRO H 61 19.45 45.89 21.93
C PRO H 61 19.86 45.55 23.35
N LYS H 62 18.87 45.51 24.24
CA LYS H 62 19.02 45.03 25.63
C LYS H 62 18.22 43.76 25.83
N THR H 63 18.12 42.93 24.80
CA THR H 63 17.49 41.61 24.93
C THR H 63 17.99 40.69 23.83
N PHE H 64 17.91 39.39 24.10
CA PHE H 64 17.95 38.35 23.05
C PHE H 64 17.26 37.11 23.59
N THR H 65 16.92 36.21 22.67
CA THR H 65 16.16 34.99 23.03
C THR H 65 16.84 33.77 22.44
N ILE H 66 16.98 32.72 23.24
CA ILE H 66 17.48 31.38 22.83
C ILE H 66 16.33 30.39 22.98
N LYS H 67 15.99 29.65 21.95
CA LYS H 67 14.86 28.69 21.99
C LYS H 67 15.40 27.26 21.84
N LEU H 68 14.87 26.36 22.66
CA LEU H 68 15.02 24.91 22.49
C LEU H 68 13.66 24.38 22.07
N LEU H 69 13.58 23.84 20.86
CA LEU H 69 12.34 23.33 20.26
C LEU H 69 12.46 21.80 20.25
N PHE H 70 11.41 21.10 20.65
CA PHE H 70 11.41 19.62 20.71
C PHE H 70 10.23 19.07 19.92
N ASP H 71 10.44 17.90 19.32
CA ASP H 71 9.38 17.15 18.62
C ASP H 71 8.60 16.30 19.63
N GLU H 72 7.64 15.51 19.13
CA GLU H 72 6.69 14.74 19.98
C GLU H 72 7.41 13.60 20.75
N ASN H 73 8.66 13.30 20.35
CA ASN H 73 9.52 12.32 21.08
C ASN H 73 10.52 13.02 22.01
N GLY H 74 10.41 14.33 22.17
CA GLY H 74 11.29 15.09 23.09
C GLY H 74 12.69 15.26 22.51
N ILE H 75 12.83 15.14 21.19
CA ILE H 75 14.11 15.30 20.45
C ILE H 75 14.29 16.77 20.07
N LEU H 76 15.45 17.33 20.38
CA LEU H 76 15.80 18.72 20.02
C LEU H 76 15.81 18.87 18.51
N LYS H 77 15.08 19.87 18.03
CA LYS H 77 14.94 20.16 16.59
C LYS H 77 16.12 21.04 16.12
N ASP H 78 16.52 20.86 14.87
CA ASP H 78 17.61 21.62 14.21
C ASP H 78 17.33 23.12 14.24
N SER H 79 16.06 23.52 14.27
CA SER H 79 15.64 24.94 14.24
C SER H 79 15.95 25.64 15.57
N SER H 80 16.30 24.90 16.61
CA SER H 80 16.68 25.45 17.94
C SER H 80 17.91 26.36 17.80
N ASN H 81 18.05 27.34 18.68
CA ASN H 81 19.27 28.17 18.77
C ASN H 81 20.44 27.32 19.27
N LEU H 82 20.18 26.37 20.15
CA LEU H 82 21.19 25.39 20.63
C LEU H 82 21.47 24.35 19.55
N ASP H 83 22.74 24.11 19.25
CA ASP H 83 23.20 23.10 18.27
C ASP H 83 22.97 21.71 18.85
N LYS H 84 22.19 20.87 18.17
CA LYS H 84 21.81 19.50 18.63
C LYS H 84 23.05 18.63 18.78
N ASN H 85 24.17 18.96 18.16
CA ASN H 85 25.40 18.14 18.25
C ASN H 85 26.02 18.25 19.66
N TYR H 86 25.52 19.15 20.50
CA TYR H 86 26.09 19.41 21.85
C TYR H 86 25.10 18.99 22.94
N TRP H 87 24.04 18.26 22.58
CA TRP H 87 22.87 18.00 23.46
C TRP H 87 22.64 16.49 23.56
N ASN H 88 22.87 15.90 24.72
CA ASN H 88 22.73 14.43 24.89
C ASN H 88 22.68 14.06 26.36
N TYR H 89 22.45 12.79 26.65
CA TYR H 89 22.49 12.26 28.04
C TYR H 89 23.93 12.37 28.56
N ARG H 90 24.10 12.72 29.84
CA ARG H 90 25.40 12.61 30.56
C ARG H 90 25.66 11.12 30.81
N ASN H 91 26.86 10.64 30.57
CA ASN H 91 27.21 9.19 30.69
C ASN H 91 28.54 8.99 29.96
N GLN H 99 21.37 12.50 19.63
CA GLN H 99 21.36 11.16 18.98
C GLN H 99 20.53 10.16 19.80
N TYR H 100 19.78 10.67 20.79
CA TYR H 100 18.83 9.89 21.63
C TYR H 100 17.50 9.68 20.91
N LYS H 101 16.68 8.73 21.39
CA LYS H 101 15.45 8.22 20.70
C LYS H 101 14.18 8.80 21.37
N ASN H 102 14.19 9.02 22.69
CA ASN H 102 12.99 9.45 23.46
C ASN H 102 13.43 10.19 24.73
N ALA H 103 12.95 11.40 24.91
CA ALA H 103 13.22 12.19 26.12
C ALA H 103 11.93 12.89 26.56
N VAL H 104 10.77 12.27 26.35
CA VAL H 104 9.47 12.89 26.72
C VAL H 104 9.44 13.08 28.24
N GLY H 105 10.17 12.25 29.00
CA GLY H 105 10.27 12.40 30.47
C GLY H 105 10.95 13.69 30.90
N PHE H 106 11.63 14.39 29.98
CA PHE H 106 12.32 15.67 30.28
C PHE H 106 11.49 16.86 29.80
N MET H 107 10.36 16.62 29.14
CA MET H 107 9.63 17.69 28.44
C MET H 107 8.73 18.42 29.43
N PRO H 108 8.51 19.73 29.24
CA PRO H 108 7.59 20.47 30.08
C PRO H 108 6.15 20.02 29.86
N ASN H 109 5.52 19.60 30.94
CA ASN H 109 4.18 18.96 30.98
C ASN H 109 3.16 19.85 30.24
N LEU H 110 2.48 19.32 29.25
CA LEU H 110 1.51 20.09 28.42
C LEU H 110 0.24 20.43 29.19
N ALA H 111 -0.17 19.61 30.14
CA ALA H 111 -1.35 19.93 31.00
C ALA H 111 -0.99 21.09 31.91
N ALA H 112 0.22 21.07 32.47
CA ALA H 112 0.71 22.15 33.37
C ALA H 112 0.97 23.42 32.57
N TYR H 113 1.53 23.29 31.38
CA TYR H 113 2.04 24.42 30.57
C TYR H 113 1.45 24.31 29.16
N PRO H 114 0.16 24.62 29.00
CA PRO H 114 -0.51 24.43 27.71
C PRO H 114 0.03 25.35 26.63
N LYS H 115 0.04 24.89 25.39
CA LYS H 115 0.34 25.72 24.20
C LYS H 115 -0.78 26.75 24.01
N SER H 116 -0.47 27.90 23.41
CA SER H 116 -1.45 28.94 23.04
C SER H 116 -2.40 28.40 21.97
N THR H 117 -3.72 28.52 22.17
CA THR H 117 -4.76 28.45 21.11
C THR H 117 -4.90 29.84 20.48
N THR H 118 -4.81 30.88 21.33
CA THR H 118 -5.12 32.29 20.99
C THR H 118 -4.20 32.75 19.85
N THR H 119 -4.72 33.60 18.96
CA THR H 119 -3.97 34.23 17.81
C THR H 119 -3.13 35.43 18.32
N GLN H 120 -3.37 35.92 19.55
CA GLN H 120 -2.46 36.84 20.25
C GLN H 120 -1.46 35.98 21.03
N SER H 121 -1.75 34.68 21.17
CA SER H 121 -0.80 33.60 21.52
C SER H 121 -0.48 33.59 23.03
N LYS H 122 -1.44 34.03 23.86
CA LYS H 122 -1.21 34.49 25.28
C LYS H 122 -1.35 33.36 26.32
N LEU H 123 -0.23 32.98 26.92
CA LEU H 123 -0.11 31.79 27.80
C LEU H 123 -0.59 32.16 29.21
N TYR H 124 -0.98 31.16 29.99
CA TYR H 124 -1.08 31.23 31.47
C TYR H 124 0.27 31.65 32.02
N ALA H 125 0.28 32.41 33.10
CA ALA H 125 1.55 32.87 33.71
C ALA H 125 2.32 31.67 34.28
N ARG H 126 1.65 30.55 34.58
CA ARG H 126 2.38 29.42 35.22
C ARG H 126 3.41 28.82 34.27
N ASN H 127 3.27 29.06 32.96
CA ASN H 127 4.26 28.62 31.93
C ASN H 127 5.58 29.37 32.05
N THR H 128 5.70 30.41 32.89
CA THR H 128 6.88 31.28 32.93
C THR H 128 7.52 31.22 34.31
N ILE H 129 8.85 31.24 34.30
CA ILE H 129 9.72 31.46 35.49
C ILE H 129 10.58 32.68 35.23
N PHE H 130 10.67 33.58 36.18
CA PHE H 130 11.66 34.68 36.14
C PHE H 130 12.78 34.38 37.12
N GLY H 131 14.00 34.64 36.67
CA GLY H 131 15.17 34.66 37.56
C GLY H 131 15.95 35.95 37.41
N ASN H 132 16.55 36.39 38.51
CA ASN H 132 17.51 37.50 38.48
C ASN H 132 18.90 36.90 38.49
N ILE H 133 19.66 37.12 37.44
CA ILE H 133 21.04 36.60 37.26
C ILE H 133 21.95 37.78 37.02
N TYR H 134 23.25 37.54 36.91
CA TYR H 134 24.23 38.64 36.97
C TYR H 134 25.35 38.40 35.97
N LEU H 135 25.93 39.47 35.47
CA LEU H 135 27.09 39.37 34.56
C LEU H 135 28.38 39.55 35.33
N ASP H 136 29.40 38.78 34.93
CA ASP H 136 30.79 38.96 35.37
C ASP H 136 30.87 38.85 36.89
N SER H 137 30.02 38.00 37.48
CA SER H 137 30.08 37.62 38.92
C SER H 137 29.90 38.84 39.81
N GLN H 138 29.17 39.87 39.37
CA GLN H 138 28.94 41.08 40.21
C GLN H 138 27.45 41.34 40.36
N ALA H 139 27.03 41.57 41.60
CA ALA H 139 25.62 41.79 41.94
C ALA H 139 25.13 43.11 41.29
N TYR H 140 26.00 44.01 40.94
CA TYR H 140 25.50 45.29 40.34
C TYR H 140 25.44 45.17 38.82
N ASN H 141 25.51 43.95 38.26
CA ASN H 141 25.27 43.73 36.80
C ASN H 141 24.06 42.83 36.61
N PRO H 142 22.85 43.25 37.01
CA PRO H 142 21.68 42.40 36.88
C PRO H 142 21.18 42.21 35.46
N VAL H 143 20.68 41.01 35.22
CA VAL H 143 19.98 40.58 33.99
C VAL H 143 18.76 39.78 34.42
N VAL H 144 17.66 39.92 33.68
CA VAL H 144 16.45 39.11 33.94
C VAL H 144 16.43 37.97 32.95
N ILE H 145 16.37 36.75 33.44
CA ILE H 145 16.11 35.57 32.59
C ILE H 145 14.63 35.21 32.73
N LYS H 146 13.94 35.14 31.62
CA LYS H 146 12.55 34.74 31.54
C LYS H 146 12.50 33.41 30.81
N ILE H 147 12.09 32.36 31.51
CA ILE H 147 12.00 30.99 30.97
C ILE H 147 10.54 30.73 30.74
N THR H 148 10.15 30.38 29.51
CA THR H 148 8.74 30.10 29.18
C THR H 148 8.66 28.72 28.53
N PHE H 149 7.70 27.94 28.95
CA PHE H 149 7.45 26.59 28.39
C PHE H 149 6.35 26.64 27.34
N ASN H 150 6.57 25.94 26.24
CA ASN H 150 5.53 25.53 25.26
C ASN H 150 4.88 26.76 24.61
N GLN H 151 5.64 27.84 24.41
CA GLN H 151 5.22 29.09 23.77
C GLN H 151 5.33 28.95 22.24
N GLU H 152 6.18 28.04 21.73
CA GLU H 152 6.53 28.01 20.27
C GLU H 152 5.50 27.15 19.53
N ALA H 153 4.67 27.77 18.68
CA ALA H 153 3.47 27.13 18.08
C ALA H 153 3.86 25.92 17.22
N ASP H 154 5.06 25.94 16.60
CA ASP H 154 5.43 24.97 15.53
C ASP H 154 6.20 23.77 16.09
N SER H 155 6.22 23.58 17.41
CA SER H 155 6.96 22.46 18.07
C SER H 155 6.04 21.79 19.08
N ALA H 156 6.25 20.52 19.36
CA ALA H 156 5.46 19.75 20.34
C ALA H 156 5.69 20.32 21.74
N TYR H 157 6.94 20.66 22.06
CA TYR H 157 7.36 21.25 23.36
C TYR H 157 8.43 22.30 23.08
N SER H 158 8.58 23.24 23.98
CA SER H 158 9.65 24.24 23.83
C SER H 158 10.07 24.80 25.18
N ILE H 159 11.34 25.18 25.26
CA ILE H 159 11.88 25.96 26.38
C ILE H 159 12.47 27.22 25.78
N THR H 160 11.92 28.37 26.12
CA THR H 160 12.37 29.67 25.59
C THR H 160 13.10 30.43 26.70
N LEU H 161 14.32 30.88 26.44
CA LEU H 161 15.15 31.64 27.41
C LEU H 161 15.29 33.06 26.86
N ASN H 162 14.56 34.00 27.44
CA ASN H 162 14.61 35.41 27.06
C ASN H 162 15.48 36.12 28.10
N TYR H 163 16.52 36.76 27.65
CA TYR H 163 17.42 37.56 28.50
C TYR H 163 17.15 39.03 28.23
N SER H 164 17.01 39.83 29.26
CA SER H 164 16.80 41.29 29.10
C SER H 164 17.46 42.01 30.27
N TRP H 165 17.77 43.26 30.05
CA TRP H 165 18.41 44.10 31.09
C TRP H 165 18.10 45.55 30.82
N GLY H 166 18.29 46.40 31.82
CA GLY H 166 17.99 47.83 31.71
C GLY H 166 19.22 48.71 31.75
N LYS H 167 20.30 48.22 32.37
N LYS H 167 20.29 48.24 32.40
CA LYS H 167 21.49 49.06 32.63
CA LYS H 167 21.50 49.06 32.68
C LYS H 167 22.19 49.42 31.31
C LYS H 167 22.21 49.39 31.36
N ASP H 168 22.64 50.66 31.23
CA ASP H 168 23.54 51.11 30.14
C ASP H 168 24.94 50.61 30.47
N TYR H 169 25.14 49.30 30.35
CA TYR H 169 26.43 48.64 30.63
C TYR H 169 27.54 49.29 29.81
N GLU H 170 28.72 49.41 30.43
CA GLU H 170 29.91 50.00 29.76
C GLU H 170 31.06 48.99 29.86
N ASN H 171 31.32 48.25 28.77
N ASN H 171 31.38 48.28 28.75
CA ASN H 171 32.43 47.26 28.65
CA ASN H 171 32.49 47.26 28.65
C ASN H 171 32.24 46.13 29.66
C ASN H 171 32.26 46.15 29.69
N ILE H 172 31.03 45.58 29.73
CA ILE H 172 30.68 44.43 30.60
C ILE H 172 30.48 43.22 29.69
N PRO H 173 31.18 42.10 29.95
CA PRO H 173 31.01 40.90 29.14
C PRO H 173 29.68 40.22 29.48
N PHE H 174 28.99 39.69 28.45
CA PHE H 174 27.83 38.81 28.72
C PHE H 174 28.36 37.43 29.09
N ASP H 175 28.72 37.32 30.37
CA ASP H 175 29.18 36.08 31.01
C ASP H 175 28.35 35.93 32.28
N SER H 176 27.32 35.09 32.23
CA SER H 176 26.26 35.05 33.27
C SER H 176 26.62 34.10 34.41
N THR H 177 26.16 34.45 35.60
CA THR H 177 26.11 33.55 36.76
C THR H 177 25.10 32.43 36.49
N SER H 178 25.10 31.44 37.36
CA SER H 178 24.28 30.21 37.23
C SER H 178 22.95 30.40 37.95
N PHE H 179 21.91 29.74 37.46
CA PHE H 179 20.54 29.81 38.02
C PHE H 179 19.93 28.42 37.97
N THR H 180 19.22 28.07 39.01
CA THR H 180 18.51 26.81 39.16
C THR H 180 17.00 27.08 39.14
N PHE H 181 16.26 26.19 38.51
CA PHE H 181 14.78 26.21 38.52
C PHE H 181 14.31 24.79 38.38
N SER H 182 13.00 24.59 38.44
CA SER H 182 12.42 23.26 38.16
C SER H 182 11.14 23.46 37.37
N TYR H 183 10.69 22.38 36.76
CA TYR H 183 9.37 22.39 36.09
C TYR H 183 8.78 20.99 36.14
N ILE H 184 7.48 20.93 35.94
CA ILE H 184 6.70 19.69 35.97
C ILE H 184 6.97 18.92 34.67
N ALA H 185 7.35 17.64 34.80
CA ALA H 185 7.69 16.75 33.66
C ALA H 185 6.41 16.21 33.01
N GLN H 186 6.44 16.06 31.69
CA GLN H 186 5.32 15.49 30.89
C GLN H 186 4.99 14.08 31.36
N GLU H 187 5.98 13.26 31.67
CA GLU H 187 5.73 11.91 32.23
C GLU H 187 6.88 11.52 33.14
#